data_3OC3
#
_entry.id   3OC3
#
_cell.length_a   99.260
_cell.length_b   147.820
_cell.length_c   103.440
_cell.angle_alpha   90.00
_cell.angle_beta   94.52
_cell.angle_gamma   90.00
#
_symmetry.space_group_name_H-M   'P 1 21 1'
#
loop_
_entity.id
_entity.type
_entity.pdbx_description
1 polymer 'HELICASE MOT1'
2 polymer 'TRANSCRIPTION INITIATION FACTOR TFIID (TFIID-1)'
3 non-polymer '2-(N-MORPHOLINO)-ETHANESULFONIC ACID'
4 water water
#
loop_
_entity_poly.entity_id
_entity_poly.type
_entity_poly.pdbx_seq_one_letter_code
_entity_poly.pdbx_strand_id
1 'polypeptide(L)'
;MAHHHHHHHHHHAGAGARNMASMNRLEKFFTTLNTAQSKVLKGYTTDELVSQIKEYVDFTPYILKQTYRLLCGQASEDRR
NGARILRSLMFQFKLVTDFKIEYKESSSIYLSSTGEQFNVQAPSIQEQKRMVRKIAKLEHVEANFLSDIDFKAGSGEAIK
RHKVDERPIENVLDFFEQISDNLLSYEWYKRHGAFLAFAAMFSEIDNGGDIQIRVDSKLFSKIYEILVTDKFNDFVDDRT
VAPVRDAAAYLLSRIYPLIGPNDIIEQLVGFLDSGDWQVQFSGLIALGYLKEFVEDKDGLCRKLVSLLSSPDEDIKLLSA
ELLCHFPITDSLDLVLEKCWKNIESEELISVSKTSNLSLLTKIYRENPELSIPPERLKDIFPCFTSPVPEVRTSILNMVK
NLSEESIDFLVAEVVLIEEKDEIREMAIKLLKKRRDLPKNLILHFMNVIGGSLYEPYSEDDFVSYEDLYFTKSGINVVGK
DEILKNRCLLFECIMKSGLPDLQSTIETTTSRTFISLYRSVQALVKDTPYTPANIEELEYYFDRCKDLKMAPLKEFKKKL
SAPGIRSIHPMVDPLYSDYTRMVASIEFPGLERATALFEVETCKQFLHLFSKMITEYYDAEKISIDNFLLKAYEGLASGK
DGFLSFFEVFNTRLLAHSFFHKIGSLENRLDFFSKTIHIYTKTSQIQKIGFVFDDALREKNITVINGFMRSLEFNEKFVR
KALEDLDVELLDAVLMSGDHSFNPLFVKPLLRNISGNIDREASSKVLSKVIPTLGFSTNTKISKDLLEMIEREKKSLESL
;
A,B
2 'polypeptide(L)'
;MGSSHHHHHHSSGLVPRGSHMDAPDISYEHQETSVPNRSGIIPTLQNVVATVNLSCKLDLKNIALRARNAEYNPKRFAAV
IMRIREPKTTALIFASGKMVITGAKSEKSSRMAAQRYAKIIHKLGFNATFDDFKIQNIVSSCDIKFSIRLEGLAYAHSNY
CSYEPELFPGLIYRMVKPKIVLLIFVSGKIVLTGAKVRDDIYQAFNNIYPVLIQHRKA
;
C,D
#
loop_
_chem_comp.id
_chem_comp.type
_chem_comp.name
_chem_comp.formula
MES non-polymer '2-(N-MORPHOLINO)-ETHANESULFONIC ACID' 'C6 H13 N O4 S'
#
# COMPACT_ATOMS: atom_id res chain seq x y z
N LEU A 33 -5.27 -3.76 -59.27
CA LEU A 33 -4.04 -3.97 -58.54
C LEU A 33 -4.18 -3.58 -57.07
N ASN A 34 -3.43 -2.56 -56.66
CA ASN A 34 -3.54 -2.00 -55.32
C ASN A 34 -4.94 -1.44 -55.05
N THR A 35 -5.54 -0.84 -56.08
CA THR A 35 -6.92 -0.36 -55.96
C THR A 35 -7.85 -1.52 -55.62
N ALA A 36 -7.50 -2.72 -56.07
CA ALA A 36 -8.26 -3.92 -55.75
C ALA A 36 -8.07 -4.29 -54.28
N GLN A 37 -6.82 -4.24 -53.81
CA GLN A 37 -6.50 -4.48 -52.40
C GLN A 37 -7.22 -3.49 -51.49
N SER A 38 -7.29 -2.24 -51.92
CA SER A 38 -7.95 -1.20 -51.14
C SER A 38 -9.48 -1.31 -51.23
N LYS A 39 -9.97 -1.91 -52.31
CA LYS A 39 -11.41 -2.06 -52.47
C LYS A 39 -11.96 -3.32 -51.78
N VAL A 40 -11.06 -4.22 -51.37
CA VAL A 40 -11.46 -5.32 -50.50
C VAL A 40 -11.43 -4.88 -49.04
N LEU A 41 -10.47 -4.01 -48.71
CA LEU A 41 -10.47 -3.32 -47.42
C LEU A 41 -11.70 -2.41 -47.41
N LYS A 42 -12.00 -1.83 -48.56
CA LYS A 42 -13.23 -1.07 -48.76
C LYS A 42 -14.44 -1.91 -48.33
N GLY A 43 -14.62 -3.08 -48.95
CA GLY A 43 -15.62 -4.02 -48.51
C GLY A 43 -15.51 -4.25 -47.01
N TYR A 44 -16.65 -4.29 -46.33
CA TYR A 44 -16.67 -4.21 -44.87
C TYR A 44 -18.09 -4.33 -44.30
N THR A 45 -18.34 -5.38 -43.50
CA THR A 45 -19.59 -5.51 -42.75
C THR A 45 -19.48 -6.37 -41.48
N THR A 46 -19.73 -5.74 -40.33
CA THR A 46 -20.24 -6.44 -39.12
C THR A 46 -19.29 -6.81 -37.96
N ASP A 47 -18.00 -6.47 -38.03
CA ASP A 47 -17.12 -6.95 -36.96
C ASP A 47 -15.90 -6.13 -36.56
N GLU A 48 -15.10 -6.72 -35.67
CA GLU A 48 -13.84 -6.15 -35.21
C GLU A 48 -12.69 -6.54 -36.13
N LEU A 49 -12.90 -7.57 -36.93
CA LEU A 49 -11.88 -7.98 -37.89
C LEU A 49 -11.62 -6.81 -38.83
N VAL A 50 -12.62 -5.93 -38.94
CA VAL A 50 -12.48 -4.72 -39.74
C VAL A 50 -11.62 -3.69 -39.01
N SER A 51 -11.61 -3.77 -37.68
CA SER A 51 -10.66 -2.99 -36.90
C SER A 51 -9.28 -3.55 -37.19
N GLN A 52 -9.16 -4.87 -37.15
CA GLN A 52 -7.93 -5.55 -37.55
C GLN A 52 -7.57 -5.18 -39.01
N ILE A 53 -8.59 -4.87 -39.80
CA ILE A 53 -8.39 -4.42 -41.18
C ILE A 53 -7.78 -3.02 -41.19
N LYS A 54 -8.30 -2.15 -40.33
CA LYS A 54 -7.77 -0.80 -40.19
C LYS A 54 -6.45 -0.85 -39.41
N GLU A 55 -6.36 -1.77 -38.46
CA GLU A 55 -5.12 -2.00 -37.72
C GLU A 55 -4.04 -2.47 -38.68
N TYR A 56 -4.47 -3.13 -39.75
CA TYR A 56 -3.56 -3.70 -40.74
C TYR A 56 -2.83 -2.62 -41.55
N VAL A 57 -3.60 -1.63 -42.00
CA VAL A 57 -3.14 -0.69 -43.03
C VAL A 57 -1.86 0.09 -42.72
N ASP A 58 -1.17 0.49 -43.80
CA ASP A 58 0.07 1.27 -43.70
C ASP A 58 0.22 2.39 -44.74
N PHE A 59 1.04 2.18 -45.76
CA PHE A 59 1.46 3.29 -46.65
C PHE A 59 1.08 3.14 -48.12
N THR A 60 0.50 4.20 -48.69
CA THR A 60 0.11 4.25 -50.10
C THR A 60 0.19 5.68 -50.66
N PRO A 61 0.03 5.83 -51.99
CA PRO A 61 0.07 7.12 -52.70
C PRO A 61 -1.06 8.13 -52.40
N TYR A 62 -2.33 7.82 -52.66
CA TYR A 62 -3.35 8.88 -52.63
C TYR A 62 -4.66 8.71 -51.82
N ILE A 63 -5.64 8.01 -52.39
CA ILE A 63 -7.06 8.24 -52.12
C ILE A 63 -7.65 8.00 -50.71
N LEU A 64 -8.57 8.89 -50.33
CA LEU A 64 -9.29 8.80 -49.06
C LEU A 64 -10.76 9.19 -49.22
N LYS A 65 -11.18 9.45 -50.46
CA LYS A 65 -12.57 9.83 -50.71
C LYS A 65 -13.49 8.79 -50.08
N GLN A 66 -13.00 7.56 -49.98
CA GLN A 66 -13.78 6.46 -49.45
C GLN A 66 -13.79 6.50 -47.92
N THR A 67 -12.79 7.15 -47.34
CA THR A 67 -12.72 7.34 -45.89
C THR A 67 -13.89 8.17 -45.37
N TYR A 68 -14.14 9.30 -46.04
CA TYR A 68 -15.25 10.18 -45.69
C TYR A 68 -16.57 9.44 -45.59
N ARG A 69 -16.78 8.47 -46.48
CA ARG A 69 -17.98 7.65 -46.48
C ARG A 69 -18.25 7.12 -45.07
N LEU A 70 -17.18 6.73 -44.38
CA LEU A 70 -17.28 6.17 -43.04
C LEU A 70 -17.54 7.23 -41.96
N LEU A 71 -16.84 8.36 -42.06
CA LEU A 71 -16.97 9.42 -41.07
C LEU A 71 -18.35 10.06 -41.06
N CYS A 72 -19.16 9.70 -42.05
CA CYS A 72 -20.55 10.14 -42.09
C CYS A 72 -21.46 8.97 -41.70
N GLY A 73 -20.86 7.79 -41.59
CA GLY A 73 -21.60 6.60 -41.19
C GLY A 73 -22.34 6.80 -39.88
N GLN A 74 -23.44 6.07 -39.71
CA GLN A 74 -24.25 6.20 -38.52
C GLN A 74 -23.80 5.28 -37.39
N ALA A 75 -22.81 4.44 -37.67
CA ALA A 75 -22.33 3.48 -36.68
C ALA A 75 -21.27 4.09 -35.76
N SER A 76 -21.32 3.70 -34.49
CA SER A 76 -20.35 4.15 -33.51
C SER A 76 -18.99 3.55 -33.79
N GLU A 77 -18.96 2.49 -34.59
CA GLU A 77 -17.73 1.76 -34.88
C GLU A 77 -17.03 2.25 -36.14
N ASP A 78 -17.80 2.59 -37.16
CA ASP A 78 -17.23 3.03 -38.43
C ASP A 78 -16.63 4.43 -38.34
N ARG A 79 -17.33 5.34 -37.68
CA ARG A 79 -16.80 6.70 -37.49
C ARG A 79 -15.43 6.67 -36.84
N ARG A 80 -15.28 5.91 -35.76
CA ARG A 80 -13.97 5.70 -35.16
C ARG A 80 -13.02 5.13 -36.20
N ASN A 81 -13.38 4.00 -36.78
CA ASN A 81 -12.60 3.37 -37.85
C ASN A 81 -12.10 4.37 -38.88
N GLY A 82 -13.03 5.01 -39.57
CA GLY A 82 -12.71 5.98 -40.61
C GLY A 82 -11.76 7.06 -40.13
N ALA A 83 -12.07 7.63 -38.96
CA ALA A 83 -11.26 8.71 -38.42
C ALA A 83 -9.85 8.21 -38.14
N ARG A 84 -9.72 6.90 -38.00
CA ARG A 84 -8.45 6.26 -37.69
C ARG A 84 -7.56 6.24 -38.92
N ILE A 85 -8.20 6.19 -40.10
CA ILE A 85 -7.49 6.21 -41.37
C ILE A 85 -6.90 7.60 -41.63
N LEU A 86 -7.71 8.62 -41.37
CA LEU A 86 -7.27 10.00 -41.52
C LEU A 86 -6.00 10.22 -40.69
N ARG A 87 -5.94 9.54 -39.56
CA ARG A 87 -4.86 9.70 -38.60
C ARG A 87 -3.52 9.22 -39.19
N SER A 88 -3.61 8.27 -40.10
CA SER A 88 -2.41 7.67 -40.69
C SER A 88 -1.60 8.67 -41.51
N LEU A 89 -2.29 9.58 -42.19
CA LEU A 89 -1.65 10.44 -43.18
C LEU A 89 -1.19 11.78 -42.60
N MET A 90 -0.11 11.75 -41.82
CA MET A 90 0.46 12.99 -41.26
C MET A 90 1.97 13.08 -41.48
N PHE A 91 2.38 14.10 -42.23
CA PHE A 91 3.79 14.33 -42.54
C PHE A 91 4.11 15.82 -42.57
N GLN A 92 4.82 16.25 -43.62
CA GLN A 92 5.05 17.67 -43.87
C GLN A 92 3.85 18.28 -44.56
N PHE A 93 2.67 18.01 -43.99
CA PHE A 93 1.41 18.52 -44.51
C PHE A 93 1.08 19.87 -43.90
N LYS A 94 0.92 20.87 -44.75
CA LYS A 94 0.70 22.25 -44.32
C LYS A 94 -0.59 22.39 -43.51
N LEU A 95 -0.64 23.39 -42.64
CA LEU A 95 -1.84 23.66 -41.85
C LEU A 95 -1.95 25.13 -41.43
N VAL A 96 -3.02 25.78 -41.86
CA VAL A 96 -3.32 27.12 -41.37
C VAL A 96 -3.87 27.01 -39.96
N THR A 97 -3.52 27.96 -39.12
CA THR A 97 -3.98 27.93 -37.73
C THR A 97 -4.38 29.32 -37.27
N ASP A 98 -5.20 30.00 -38.07
CA ASP A 98 -5.75 31.27 -37.67
C ASP A 98 -7.03 31.03 -36.90
N PHE A 99 -7.09 31.51 -35.66
CA PHE A 99 -8.22 31.24 -34.79
C PHE A 99 -8.97 32.50 -34.36
N LYS A 100 -10.16 32.68 -34.91
CA LYS A 100 -11.00 33.81 -34.56
C LYS A 100 -11.70 33.57 -33.23
N ILE A 101 -11.15 34.15 -32.17
CA ILE A 101 -11.71 33.98 -30.83
C ILE A 101 -12.94 34.85 -30.64
N GLU A 102 -14.08 34.38 -31.12
CA GLU A 102 -15.30 35.16 -31.07
C GLU A 102 -16.40 34.41 -30.33
N TYR A 103 -17.02 35.06 -29.35
CA TYR A 103 -18.14 34.48 -28.63
C TYR A 103 -19.43 35.03 -29.17
N LYS A 104 -19.68 34.73 -30.44
CA LYS A 104 -20.87 35.19 -31.14
C LYS A 104 -22.06 34.34 -30.74
N GLU A 105 -23.15 35.00 -30.36
CA GLU A 105 -24.37 34.30 -29.98
C GLU A 105 -25.13 33.80 -31.21
N SER A 106 -25.54 32.53 -31.17
CA SER A 106 -26.29 31.94 -32.27
C SER A 106 -27.76 31.82 -31.92
N SER A 107 -28.58 31.53 -32.92
CA SER A 107 -29.99 31.27 -32.71
C SER A 107 -30.34 29.91 -33.31
N SER A 108 -29.32 29.23 -33.84
CA SER A 108 -29.48 27.87 -34.35
C SER A 108 -29.79 26.92 -33.20
N ILE A 109 -30.15 25.70 -33.54
CA ILE A 109 -30.36 24.63 -32.55
C ILE A 109 -30.05 23.31 -33.22
N TYR A 110 -29.13 22.54 -32.64
CA TYR A 110 -28.68 21.30 -33.26
C TYR A 110 -29.19 20.07 -32.52
N LEU A 111 -29.96 19.24 -33.22
CA LEU A 111 -30.57 18.05 -32.63
C LEU A 111 -30.11 16.79 -33.33
N SER A 112 -30.90 15.73 -33.23
CA SER A 112 -30.54 14.45 -33.84
C SER A 112 -30.59 14.56 -35.36
N SER A 113 -31.58 15.30 -35.85
CA SER A 113 -31.84 15.42 -37.28
C SER A 113 -32.91 16.46 -37.48
N THR A 114 -33.32 16.67 -38.73
CA THR A 114 -34.27 17.72 -39.06
C THR A 114 -35.69 17.32 -38.63
N GLY A 115 -35.98 16.02 -38.71
CA GLY A 115 -37.25 15.48 -38.29
C GLY A 115 -38.33 15.57 -39.35
N GLU A 116 -37.93 15.92 -40.57
CA GLU A 116 -38.88 16.07 -41.66
C GLU A 116 -39.62 14.76 -41.92
N GLN A 117 -39.03 13.65 -41.49
CA GLN A 117 -39.64 12.34 -41.69
C GLN A 117 -40.73 12.06 -40.67
N PHE A 118 -41.06 13.07 -39.86
CA PHE A 118 -42.12 12.92 -38.87
C PHE A 118 -43.41 13.58 -39.36
N ASN A 119 -43.37 14.08 -40.59
CA ASN A 119 -44.55 14.66 -41.20
C ASN A 119 -45.28 13.63 -42.04
N VAL A 120 -45.93 12.70 -41.36
CA VAL A 120 -46.55 11.54 -41.99
C VAL A 120 -47.94 11.28 -41.40
N GLN A 121 -48.75 10.50 -42.10
CA GLN A 121 -50.09 10.17 -41.63
C GLN A 121 -50.07 9.00 -40.65
N ALA A 122 -50.71 9.19 -39.50
CA ALA A 122 -50.80 8.16 -38.49
C ALA A 122 -51.94 7.19 -38.79
N PRO A 123 -51.67 5.88 -38.66
CA PRO A 123 -52.70 4.85 -38.85
C PRO A 123 -53.96 5.12 -38.05
N SER A 124 -54.99 4.33 -38.29
CA SER A 124 -56.21 4.42 -37.49
C SER A 124 -55.83 4.32 -36.03
N ILE A 125 -56.71 4.77 -35.15
CA ILE A 125 -56.46 4.61 -33.72
C ILE A 125 -56.88 3.21 -33.27
N GLN A 126 -57.31 2.39 -34.23
CA GLN A 126 -57.61 0.98 -33.99
C GLN A 126 -56.39 0.12 -34.29
N GLU A 127 -55.73 0.41 -35.41
CA GLU A 127 -54.50 -0.29 -35.78
C GLU A 127 -53.39 -0.01 -34.77
N GLN A 128 -53.47 1.14 -34.12
CA GLN A 128 -52.46 1.55 -33.14
C GLN A 128 -52.58 0.80 -31.82
N LYS A 129 -53.79 0.75 -31.27
CA LYS A 129 -54.02 -0.02 -30.04
C LYS A 129 -53.51 -1.44 -30.25
N ARG A 130 -53.74 -1.97 -31.45
CA ARG A 130 -53.27 -3.30 -31.82
C ARG A 130 -51.76 -3.40 -31.64
N MET A 131 -51.06 -2.34 -32.00
CA MET A 131 -49.61 -2.28 -31.87
C MET A 131 -49.15 -2.20 -30.43
N VAL A 132 -49.83 -1.40 -29.62
CA VAL A 132 -49.51 -1.30 -28.20
C VAL A 132 -49.67 -2.65 -27.52
N ARG A 133 -50.74 -3.37 -27.88
CA ARG A 133 -50.98 -4.71 -27.33
C ARG A 133 -49.81 -5.63 -27.59
N LYS A 134 -49.27 -5.58 -28.81
CA LYS A 134 -48.18 -6.46 -29.16
C LYS A 134 -46.91 -6.09 -28.41
N ILE A 135 -46.53 -4.81 -28.46
CA ILE A 135 -45.31 -4.33 -27.82
C ILE A 135 -45.27 -4.57 -26.31
N ALA A 136 -46.42 -4.43 -25.66
CA ALA A 136 -46.51 -4.59 -24.22
C ALA A 136 -46.96 -5.99 -23.80
N LYS A 137 -46.98 -6.92 -24.75
CA LYS A 137 -47.25 -8.31 -24.47
C LYS A 137 -48.59 -8.51 -23.76
N LEU A 138 -49.65 -7.96 -24.33
CA LEU A 138 -50.96 -8.05 -23.70
C LEU A 138 -51.87 -9.03 -24.44
N GLU A 139 -51.31 -10.12 -24.93
CA GLU A 139 -52.10 -11.14 -25.61
C GLU A 139 -53.04 -11.86 -24.66
N HIS A 140 -54.25 -12.17 -25.15
CA HIS A 140 -55.24 -12.97 -24.44
C HIS A 140 -56.02 -12.18 -23.38
N VAL A 141 -55.53 -10.98 -23.07
CA VAL A 141 -56.17 -10.19 -22.02
C VAL A 141 -56.71 -8.87 -22.56
N GLU A 142 -57.59 -8.25 -21.77
CA GLU A 142 -58.23 -6.98 -22.15
C GLU A 142 -57.41 -5.80 -21.66
N ALA A 143 -57.33 -4.78 -22.48
CA ALA A 143 -56.56 -3.58 -22.14
C ALA A 143 -57.35 -2.34 -22.49
N ASN A 144 -57.90 -1.68 -21.48
CA ASN A 144 -58.65 -0.44 -21.70
C ASN A 144 -58.06 0.70 -20.89
N PHE A 145 -56.79 1.03 -21.14
CA PHE A 145 -56.14 2.10 -20.39
C PHE A 145 -55.59 3.19 -21.30
N LEU A 146 -56.07 3.23 -22.53
CA LEU A 146 -55.77 4.34 -23.44
C LEU A 146 -57.08 4.88 -24.00
N SER A 147 -57.06 6.12 -24.46
CA SER A 147 -58.27 6.76 -24.99
C SER A 147 -57.97 7.57 -26.24
N ASP A 148 -58.91 8.40 -26.64
CA ASP A 148 -58.76 9.24 -27.83
C ASP A 148 -57.74 10.36 -27.61
N ILE A 149 -57.80 10.98 -26.43
CA ILE A 149 -56.85 12.03 -26.06
C ILE A 149 -55.44 11.56 -26.35
N ASP A 150 -55.13 10.38 -25.82
CA ASP A 150 -53.79 9.80 -25.89
C ASP A 150 -53.22 9.72 -27.30
N PHE A 151 -54.08 9.72 -28.31
CA PHE A 151 -53.62 9.55 -29.68
C PHE A 151 -53.66 10.84 -30.50
N LYS A 152 -54.01 11.94 -29.84
CA LYS A 152 -54.17 13.22 -30.52
C LYS A 152 -52.89 13.79 -31.12
N ALA A 153 -52.99 15.03 -31.60
CA ALA A 153 -51.85 15.70 -32.21
C ALA A 153 -51.61 17.06 -31.53
N GLY A 154 -50.36 17.31 -31.17
CA GLY A 154 -49.97 18.61 -30.64
C GLY A 154 -49.03 19.26 -31.63
N SER A 155 -48.22 20.19 -31.16
CA SER A 155 -47.20 20.83 -32.00
C SER A 155 -46.26 21.71 -31.19
N PRO A 168 -20.20 14.58 -53.05
CA PRO A 168 -19.55 14.82 -54.34
C PRO A 168 -18.08 15.11 -54.12
N ILE A 169 -17.38 14.24 -53.40
CA ILE A 169 -16.01 14.59 -53.08
C ILE A 169 -14.98 13.82 -53.92
N GLU A 170 -14.04 14.56 -54.50
CA GLU A 170 -12.98 13.98 -55.32
C GLU A 170 -11.68 14.78 -55.18
N ASN A 171 -11.80 16.10 -55.13
CA ASN A 171 -10.67 16.99 -54.87
C ASN A 171 -10.35 17.11 -53.38
N VAL A 172 -9.07 17.04 -53.05
CA VAL A 172 -8.63 17.06 -51.66
C VAL A 172 -9.05 18.33 -50.91
N LEU A 173 -8.91 19.48 -51.54
CA LEU A 173 -9.31 20.74 -50.91
C LEU A 173 -10.82 20.79 -50.74
N ASP A 174 -11.48 19.71 -51.15
CA ASP A 174 -12.94 19.60 -51.04
C ASP A 174 -13.33 18.53 -50.01
N PHE A 175 -12.34 17.79 -49.51
CA PHE A 175 -12.60 16.80 -48.45
C PHE A 175 -12.51 17.46 -47.07
N PHE A 176 -11.85 18.60 -47.00
CA PHE A 176 -11.78 19.37 -45.76
C PHE A 176 -12.88 20.41 -45.74
N GLU A 177 -13.22 20.94 -46.91
CA GLU A 177 -14.38 21.80 -47.04
C GLU A 177 -15.61 21.04 -46.55
N GLN A 178 -15.67 19.76 -46.90
CA GLN A 178 -16.85 18.94 -46.62
C GLN A 178 -17.08 18.69 -45.12
N ILE A 179 -16.02 18.61 -44.35
CA ILE A 179 -16.18 18.35 -42.92
C ILE A 179 -16.45 19.64 -42.15
N SER A 180 -15.79 20.72 -42.53
CA SER A 180 -16.09 22.03 -41.95
C SER A 180 -17.60 22.27 -42.06
N ASP A 181 -18.19 21.72 -43.11
CA ASP A 181 -19.62 21.82 -43.32
C ASP A 181 -20.36 20.96 -42.30
N ASN A 182 -19.90 19.72 -42.15
CA ASN A 182 -20.55 18.74 -41.30
C ASN A 182 -20.43 19.06 -39.80
N LEU A 183 -19.44 19.86 -39.44
CA LEU A 183 -19.25 20.33 -38.08
C LEU A 183 -20.55 20.95 -37.56
N LEU A 184 -21.35 21.49 -38.47
CA LEU A 184 -22.63 22.09 -38.12
C LEU A 184 -23.79 21.42 -38.84
N SER A 185 -23.63 20.16 -39.25
CA SER A 185 -24.70 19.47 -39.96
C SER A 185 -25.89 19.23 -39.03
N TYR A 186 -27.08 19.13 -39.62
CA TYR A 186 -28.27 18.89 -38.81
C TYR A 186 -28.39 17.44 -38.37
N GLU A 187 -27.53 16.57 -38.91
CA GLU A 187 -27.49 15.17 -38.51
C GLU A 187 -26.39 14.98 -37.48
N TRP A 188 -26.77 14.66 -36.26
CA TRP A 188 -25.83 14.58 -35.14
C TRP A 188 -24.64 13.66 -35.44
N TYR A 189 -24.90 12.51 -36.06
CA TYR A 189 -23.83 11.56 -36.36
C TYR A 189 -22.82 12.16 -37.34
N LYS A 190 -23.29 13.07 -38.18
CA LYS A 190 -22.39 13.79 -39.08
C LYS A 190 -21.57 14.80 -38.29
N ARG A 191 -22.18 15.39 -37.27
CA ARG A 191 -21.47 16.31 -36.39
C ARG A 191 -20.43 15.56 -35.59
N HIS A 192 -20.79 14.40 -35.06
CA HIS A 192 -19.84 13.60 -34.32
C HIS A 192 -18.70 13.16 -35.25
N GLY A 193 -19.06 12.53 -36.35
CA GLY A 193 -18.08 12.13 -37.36
C GLY A 193 -17.12 13.26 -37.68
N ALA A 194 -17.68 14.43 -37.97
CA ALA A 194 -16.89 15.60 -38.27
C ALA A 194 -15.88 15.90 -37.16
N PHE A 195 -16.37 16.08 -35.93
CA PHE A 195 -15.50 16.39 -34.80
C PHE A 195 -14.51 15.27 -34.54
N LEU A 196 -14.94 14.03 -34.71
CA LEU A 196 -14.05 12.90 -34.44
C LEU A 196 -12.84 12.93 -35.38
N ALA A 197 -13.05 13.45 -36.58
CA ALA A 197 -12.00 13.53 -37.58
C ALA A 197 -10.89 14.50 -37.17
N PHE A 198 -11.29 15.71 -36.79
CA PHE A 198 -10.32 16.72 -36.36
C PHE A 198 -9.41 16.22 -35.24
N ALA A 199 -9.99 15.55 -34.25
CA ALA A 199 -9.20 14.93 -33.21
C ALA A 199 -8.03 14.18 -33.82
N ALA A 200 -8.29 13.48 -34.92
CA ALA A 200 -7.26 12.71 -35.60
C ALA A 200 -6.21 13.62 -36.24
N MET A 201 -6.68 14.66 -36.94
CA MET A 201 -5.76 15.60 -37.56
C MET A 201 -4.80 16.20 -36.55
N PHE A 202 -5.35 16.85 -35.52
CA PHE A 202 -4.54 17.45 -34.48
C PHE A 202 -3.96 16.42 -33.50
N SER A 203 -4.03 15.15 -33.86
CA SER A 203 -3.45 14.09 -33.04
C SER A 203 -1.93 14.04 -33.16
N GLU A 204 -1.44 14.19 -34.38
CA GLU A 204 -0.03 13.92 -34.70
C GLU A 204 0.94 15.08 -34.49
N ILE A 205 0.44 16.31 -34.59
CA ILE A 205 1.24 17.52 -34.40
C ILE A 205 2.29 17.78 -35.49
N ASP A 206 2.52 16.80 -36.36
CA ASP A 206 3.47 16.96 -37.47
C ASP A 206 3.41 15.79 -38.44
N ILE A 211 2.62 19.07 -48.45
CA ILE A 211 1.45 19.61 -49.13
C ILE A 211 0.96 20.87 -48.44
N GLN A 212 -0.19 21.37 -48.85
CA GLN A 212 -0.73 22.62 -48.32
C GLN A 212 -2.21 22.49 -47.95
N ILE A 213 -2.54 22.72 -46.68
CA ILE A 213 -3.92 22.63 -46.21
C ILE A 213 -4.30 23.72 -45.20
N ARG A 214 -5.17 24.65 -45.59
CA ARG A 214 -5.69 25.63 -44.65
C ARG A 214 -6.78 25.02 -43.80
N VAL A 215 -6.72 25.26 -42.48
CA VAL A 215 -7.75 24.78 -41.57
C VAL A 215 -8.79 25.86 -41.35
N ASP A 216 -10.06 25.46 -41.29
CA ASP A 216 -11.15 26.41 -41.15
C ASP A 216 -10.78 27.49 -40.15
N SER A 217 -11.09 28.74 -40.49
CA SER A 217 -10.75 29.87 -39.62
C SER A 217 -11.81 30.11 -38.56
N LYS A 218 -13.03 29.66 -38.85
CA LYS A 218 -14.12 29.79 -37.89
C LYS A 218 -14.33 28.47 -37.13
N LEU A 219 -13.25 27.72 -36.92
CA LEU A 219 -13.32 26.45 -36.21
C LEU A 219 -13.83 26.63 -34.78
N PHE A 220 -13.06 27.36 -33.99
CA PHE A 220 -13.47 27.64 -32.62
C PHE A 220 -14.89 28.19 -32.58
N SER A 221 -15.18 29.16 -33.43
CA SER A 221 -16.50 29.77 -33.45
C SER A 221 -17.59 28.73 -33.59
N LYS A 222 -17.29 27.67 -34.34
CA LYS A 222 -18.24 26.59 -34.57
C LYS A 222 -18.37 25.67 -33.35
N ILE A 223 -17.24 25.37 -32.72
CA ILE A 223 -17.25 24.62 -31.46
C ILE A 223 -18.15 25.33 -30.47
N TYR A 224 -17.79 26.57 -30.15
CA TYR A 224 -18.55 27.38 -29.21
C TYR A 224 -20.04 27.35 -29.52
N GLU A 225 -20.39 27.47 -30.80
CA GLU A 225 -21.80 27.45 -31.19
C GLU A 225 -22.45 26.11 -30.80
N ILE A 226 -21.80 25.01 -31.14
CA ILE A 226 -22.29 23.69 -30.75
C ILE A 226 -22.52 23.62 -29.24
N LEU A 227 -21.49 23.97 -28.46
CA LEU A 227 -21.54 23.84 -27.01
C LEU A 227 -22.77 24.49 -26.39
N VAL A 228 -23.17 25.64 -26.92
CA VAL A 228 -24.31 26.35 -26.35
C VAL A 228 -25.61 26.03 -27.06
N THR A 229 -25.49 25.53 -28.29
CA THR A 229 -26.65 25.35 -29.15
C THR A 229 -27.13 23.91 -29.30
N ASP A 230 -26.19 22.99 -29.49
CA ASP A 230 -26.50 21.56 -29.57
C ASP A 230 -27.23 21.14 -28.31
N LYS A 231 -28.37 20.49 -28.47
CA LYS A 231 -29.15 20.05 -27.32
C LYS A 231 -29.60 18.59 -27.43
N PHE A 232 -28.63 17.73 -27.73
CA PHE A 232 -28.85 16.31 -27.98
C PHE A 232 -28.18 15.47 -26.89
N ASN A 233 -28.94 14.58 -26.26
CA ASN A 233 -28.43 13.81 -25.13
C ASN A 233 -28.72 12.32 -25.30
N ASP A 234 -27.99 11.49 -24.56
CA ASP A 234 -28.29 10.06 -24.52
C ASP A 234 -28.64 9.68 -23.08
N PHE A 235 -29.89 9.31 -22.87
CA PHE A 235 -30.41 9.02 -21.53
C PHE A 235 -30.47 7.53 -21.25
N VAL A 236 -29.79 6.75 -22.09
CA VAL A 236 -29.74 5.29 -21.95
C VAL A 236 -29.30 4.86 -20.55
N ASP A 237 -28.25 5.48 -20.03
CA ASP A 237 -27.77 5.22 -18.67
C ASP A 237 -28.04 6.40 -17.77
N ASP A 238 -28.16 6.14 -16.47
CA ASP A 238 -28.53 7.16 -15.51
C ASP A 238 -27.60 8.38 -15.59
N ARG A 239 -26.35 8.13 -15.97
CA ARG A 239 -25.39 9.19 -16.21
C ARG A 239 -25.54 9.69 -17.65
N THR A 240 -26.10 10.89 -17.81
CA THR A 240 -26.39 11.45 -19.12
C THR A 240 -25.13 11.67 -19.96
N VAL A 241 -25.31 11.70 -21.27
CA VAL A 241 -24.19 11.80 -22.20
C VAL A 241 -24.53 12.71 -23.36
N ALA A 242 -23.57 13.55 -23.77
CA ALA A 242 -23.78 14.44 -24.91
C ALA A 242 -22.81 14.09 -26.03
N PRO A 243 -23.12 13.05 -26.81
CA PRO A 243 -22.22 12.52 -27.83
C PRO A 243 -21.48 13.61 -28.61
N VAL A 244 -22.22 14.59 -29.12
CA VAL A 244 -21.65 15.63 -29.95
C VAL A 244 -20.83 16.62 -29.13
N ARG A 245 -21.49 17.37 -28.26
CA ARG A 245 -20.82 18.35 -27.41
C ARG A 245 -19.57 17.78 -26.74
N ASP A 246 -19.64 16.54 -26.28
CA ASP A 246 -18.47 15.87 -25.72
C ASP A 246 -17.32 15.90 -26.72
N ALA A 247 -17.41 15.08 -27.75
CA ALA A 247 -16.38 15.01 -28.78
C ALA A 247 -15.91 16.41 -29.18
N ALA A 248 -16.85 17.34 -29.24
CA ALA A 248 -16.51 18.73 -29.52
C ALA A 248 -15.50 19.22 -28.49
N ALA A 249 -15.94 19.33 -27.24
CA ALA A 249 -15.11 19.83 -26.15
C ALA A 249 -13.73 19.17 -26.04
N TYR A 250 -13.63 17.91 -26.44
CA TYR A 250 -12.34 17.22 -26.40
C TYR A 250 -11.40 17.85 -27.42
N LEU A 251 -11.94 18.24 -28.57
CA LEU A 251 -11.16 18.92 -29.59
C LEU A 251 -10.55 20.19 -29.03
N LEU A 252 -11.40 21.02 -28.43
CA LEU A 252 -10.98 22.26 -27.79
C LEU A 252 -9.77 22.06 -26.87
N SER A 253 -9.62 20.88 -26.29
CA SER A 253 -8.53 20.61 -25.36
C SER A 253 -7.22 20.34 -26.10
N ARG A 254 -7.35 20.00 -27.38
CA ARG A 254 -6.18 19.80 -28.23
C ARG A 254 -5.81 21.08 -28.96
N ILE A 255 -6.83 21.89 -29.26
CA ILE A 255 -6.64 23.19 -29.90
C ILE A 255 -5.95 24.19 -28.98
N TYR A 256 -6.22 24.09 -27.69
CA TYR A 256 -5.80 25.12 -26.74
C TYR A 256 -4.32 25.49 -26.85
N PRO A 257 -3.42 24.50 -26.86
CA PRO A 257 -1.99 24.80 -27.01
C PRO A 257 -1.70 25.78 -28.16
N LEU A 258 -2.00 25.38 -29.38
CA LEU A 258 -1.80 26.24 -30.54
C LEU A 258 -2.90 27.31 -30.63
N ILE A 259 -3.03 28.11 -29.58
CA ILE A 259 -4.11 29.10 -29.53
C ILE A 259 -3.61 30.40 -28.89
N GLY A 260 -3.99 31.53 -29.48
CA GLY A 260 -3.57 32.84 -29.01
C GLY A 260 -4.04 33.09 -27.59
N PRO A 261 -3.28 33.92 -26.85
CA PRO A 261 -3.66 34.26 -25.47
C PRO A 261 -5.12 34.68 -25.44
N ASN A 262 -5.92 33.96 -24.64
CA ASN A 262 -7.37 34.03 -24.74
C ASN A 262 -8.08 34.19 -23.40
N ASP A 263 -9.38 34.48 -23.48
CA ASP A 263 -10.26 34.47 -22.32
C ASP A 263 -11.32 33.38 -22.49
N ILE A 264 -10.88 32.18 -22.87
CA ILE A 264 -11.78 31.07 -23.15
C ILE A 264 -12.25 30.39 -21.87
N ILE A 265 -11.30 30.05 -21.01
CA ILE A 265 -11.62 29.37 -19.77
C ILE A 265 -12.50 30.25 -18.87
N GLU A 266 -12.10 31.50 -18.66
CA GLU A 266 -12.92 32.43 -17.90
C GLU A 266 -14.33 32.43 -18.47
N GLN A 267 -14.42 32.25 -19.79
CA GLN A 267 -15.70 32.26 -20.47
C GLN A 267 -16.50 30.98 -20.18
N LEU A 268 -15.81 29.85 -20.15
CA LEU A 268 -16.44 28.56 -19.90
C LEU A 268 -17.02 28.47 -18.49
N VAL A 269 -16.24 28.86 -17.48
CA VAL A 269 -16.75 28.84 -16.11
C VAL A 269 -17.98 29.73 -16.02
N GLY A 270 -18.17 30.57 -17.04
CA GLY A 270 -19.36 31.38 -17.14
C GLY A 270 -20.60 30.56 -17.48
N PHE A 271 -20.40 29.42 -18.10
CA PHE A 271 -21.50 28.53 -18.45
C PHE A 271 -22.15 27.95 -17.20
N LEU A 272 -21.37 27.80 -16.14
CA LEU A 272 -21.87 27.18 -14.92
C LEU A 272 -22.95 28.04 -14.30
N ASP A 273 -23.10 29.26 -14.81
CA ASP A 273 -24.07 30.21 -14.27
C ASP A 273 -25.43 30.09 -14.93
N SER A 274 -25.48 29.44 -16.08
CA SER A 274 -26.70 29.31 -16.86
C SER A 274 -27.81 28.56 -16.14
N GLY A 275 -29.05 28.82 -16.54
CA GLY A 275 -30.20 28.16 -15.95
C GLY A 275 -30.56 26.89 -16.71
N ASP A 276 -29.86 26.66 -17.81
CA ASP A 276 -30.06 25.47 -18.62
C ASP A 276 -29.00 24.42 -18.30
N TRP A 277 -29.43 23.32 -17.68
CA TRP A 277 -28.49 22.29 -17.26
C TRP A 277 -27.61 21.81 -18.42
N GLN A 278 -28.13 21.96 -19.64
CA GLN A 278 -27.44 21.45 -20.81
C GLN A 278 -26.21 22.27 -21.16
N VAL A 279 -26.28 23.58 -20.93
CA VAL A 279 -25.12 24.42 -21.16
C VAL A 279 -24.16 24.28 -19.99
N GLN A 280 -24.69 24.25 -18.78
CA GLN A 280 -23.88 23.92 -17.62
C GLN A 280 -23.08 22.67 -17.94
N PHE A 281 -23.80 21.60 -18.26
CA PHE A 281 -23.19 20.35 -18.70
C PHE A 281 -22.03 20.63 -19.66
N SER A 282 -22.31 21.36 -20.75
CA SER A 282 -21.28 21.66 -21.74
C SER A 282 -20.07 22.27 -21.09
N GLY A 283 -20.31 23.25 -20.22
CA GLY A 283 -19.23 23.91 -19.50
C GLY A 283 -18.37 22.92 -18.76
N LEU A 284 -19.00 22.14 -17.88
CA LEU A 284 -18.27 21.20 -17.05
C LEU A 284 -17.42 20.21 -17.83
N ILE A 285 -17.96 19.64 -18.90
CA ILE A 285 -17.22 18.63 -19.65
C ILE A 285 -16.00 19.23 -20.34
N ALA A 286 -16.16 20.44 -20.86
CA ALA A 286 -15.06 21.15 -21.50
C ALA A 286 -13.96 21.47 -20.49
N LEU A 287 -14.36 22.03 -19.35
CA LEU A 287 -13.43 22.37 -18.28
C LEU A 287 -12.71 21.12 -17.80
N GLY A 288 -13.39 19.99 -17.82
CA GLY A 288 -12.76 18.75 -17.43
C GLY A 288 -11.59 18.40 -18.31
N TYR A 289 -11.75 18.58 -19.62
CA TYR A 289 -10.70 18.28 -20.59
C TYR A 289 -9.58 19.32 -20.55
N LEU A 290 -9.87 20.48 -19.99
CA LEU A 290 -8.91 21.58 -19.93
C LEU A 290 -8.37 21.80 -18.51
N LYS A 291 -8.68 20.91 -17.59
CA LYS A 291 -8.37 21.17 -16.18
C LYS A 291 -6.90 21.50 -15.91
N GLU A 292 -6.01 21.06 -16.80
CA GLU A 292 -4.59 21.34 -16.67
C GLU A 292 -4.33 22.82 -16.84
N PHE A 293 -4.99 23.40 -17.84
CA PHE A 293 -4.75 24.78 -18.23
C PHE A 293 -5.59 25.75 -17.40
N VAL A 294 -6.13 25.27 -16.28
CA VAL A 294 -6.97 26.10 -15.44
C VAL A 294 -6.14 26.80 -14.36
N GLU A 295 -6.01 28.12 -14.51
CA GLU A 295 -5.45 28.97 -13.47
C GLU A 295 -6.58 29.83 -12.94
N ASP A 296 -6.40 30.39 -11.74
CA ASP A 296 -7.50 31.03 -11.03
C ASP A 296 -8.41 29.92 -10.52
N LYS A 297 -7.78 28.85 -10.05
CA LYS A 297 -8.51 27.70 -9.54
C LYS A 297 -9.60 28.08 -8.54
N ASP A 298 -9.27 28.96 -7.60
CA ASP A 298 -10.21 29.38 -6.57
C ASP A 298 -11.52 29.90 -7.15
N GLY A 299 -11.45 30.44 -8.36
CA GLY A 299 -12.62 31.02 -9.01
C GLY A 299 -13.52 29.99 -9.65
N LEU A 300 -12.92 28.91 -10.11
CA LEU A 300 -13.67 27.78 -10.66
C LEU A 300 -14.24 26.95 -9.51
N CYS A 301 -13.39 26.62 -8.54
CA CYS A 301 -13.79 25.81 -7.39
C CYS A 301 -14.97 26.40 -6.63
N ARG A 302 -14.96 27.72 -6.48
CA ARG A 302 -16.05 28.42 -5.79
C ARG A 302 -17.38 28.05 -6.44
N LYS A 303 -17.42 28.04 -7.77
CA LYS A 303 -18.62 27.70 -8.50
C LYS A 303 -18.97 26.22 -8.39
N LEU A 304 -17.94 25.38 -8.54
CA LEU A 304 -18.11 23.94 -8.41
C LEU A 304 -18.72 23.60 -7.05
N VAL A 305 -18.23 24.25 -6.01
CA VAL A 305 -18.80 24.02 -4.69
C VAL A 305 -20.28 24.34 -4.74
N SER A 306 -20.62 25.46 -5.35
CA SER A 306 -22.00 25.86 -5.51
C SER A 306 -22.85 24.77 -6.18
N LEU A 307 -22.37 24.26 -7.31
CA LEU A 307 -23.12 23.30 -8.11
C LEU A 307 -23.27 21.91 -7.48
N LEU A 308 -22.58 21.66 -6.37
CA LEU A 308 -22.72 20.37 -5.68
C LEU A 308 -24.18 20.19 -5.27
N SER A 309 -24.92 21.29 -5.26
CA SER A 309 -26.30 21.30 -4.78
C SER A 309 -27.32 21.45 -5.90
N SER A 310 -26.86 21.48 -7.14
CA SER A 310 -27.75 21.58 -8.29
C SER A 310 -28.94 20.64 -8.14
N PRO A 311 -30.12 21.09 -8.60
CA PRO A 311 -31.30 20.23 -8.62
C PRO A 311 -31.11 19.10 -9.63
N ASP A 312 -30.21 19.31 -10.58
CA ASP A 312 -29.94 18.32 -11.61
C ASP A 312 -28.80 17.40 -11.21
N GLU A 313 -29.04 16.09 -11.31
CA GLU A 313 -28.09 15.10 -10.81
C GLU A 313 -26.80 15.01 -11.64
N ASP A 314 -26.87 15.32 -12.93
CA ASP A 314 -25.69 15.30 -13.77
C ASP A 314 -24.74 16.46 -13.44
N ILE A 315 -25.32 17.64 -13.25
CA ILE A 315 -24.53 18.78 -12.82
C ILE A 315 -23.88 18.49 -11.48
N LYS A 316 -24.60 17.79 -10.59
CA LYS A 316 -24.03 17.39 -9.30
C LYS A 316 -22.87 16.42 -9.47
N LEU A 317 -23.08 15.41 -10.30
CA LEU A 317 -22.05 14.42 -10.60
C LEU A 317 -20.82 15.11 -11.19
N LEU A 318 -20.94 15.55 -12.43
CA LEU A 318 -19.85 16.25 -13.11
C LEU A 318 -19.18 17.29 -12.20
N SER A 319 -19.97 17.94 -11.35
CA SER A 319 -19.45 18.95 -10.44
C SER A 319 -18.42 18.37 -9.49
N ALA A 320 -18.83 17.41 -8.68
CA ALA A 320 -17.94 16.77 -7.73
C ALA A 320 -16.76 16.10 -8.42
N GLU A 321 -17.04 15.33 -9.47
CA GLU A 321 -15.97 14.65 -10.19
C GLU A 321 -14.84 15.60 -10.60
N LEU A 322 -15.19 16.80 -11.02
CA LEU A 322 -14.19 17.77 -11.45
C LEU A 322 -13.48 18.40 -10.25
N LEU A 323 -14.21 18.54 -9.15
CA LEU A 323 -13.70 19.19 -7.96
C LEU A 323 -12.66 18.33 -7.25
N CYS A 324 -12.67 17.03 -7.51
CA CYS A 324 -11.73 16.12 -6.87
C CYS A 324 -10.33 16.33 -7.41
N HIS A 325 -10.23 17.04 -8.53
CA HIS A 325 -8.96 17.21 -9.22
C HIS A 325 -8.25 18.50 -8.85
N PHE A 326 -8.90 19.32 -8.03
CA PHE A 326 -8.32 20.58 -7.59
C PHE A 326 -8.16 20.61 -6.09
N PRO A 327 -7.24 21.45 -5.60
CA PRO A 327 -7.01 21.73 -4.17
C PRO A 327 -8.27 22.25 -3.49
N ILE A 328 -8.50 21.82 -2.25
CA ILE A 328 -9.65 22.28 -1.50
C ILE A 328 -9.19 22.78 -0.14
N THR A 329 -9.30 24.09 0.07
CA THR A 329 -8.68 24.72 1.24
C THR A 329 -9.64 25.66 1.96
N ASP A 330 -10.23 26.60 1.23
CA ASP A 330 -11.10 27.60 1.83
C ASP A 330 -12.51 27.07 2.05
N SER A 331 -13.04 26.42 1.01
CA SER A 331 -14.40 25.92 1.01
C SER A 331 -14.55 24.68 1.89
N LEU A 332 -13.47 24.33 2.58
CA LEU A 332 -13.36 23.06 3.31
C LEU A 332 -14.57 22.74 4.18
N ASP A 333 -14.91 23.63 5.11
CA ASP A 333 -16.04 23.37 6.00
C ASP A 333 -17.36 23.32 5.24
N LEU A 334 -17.39 23.95 4.06
CA LEU A 334 -18.62 24.03 3.28
C LEU A 334 -18.86 22.79 2.43
N VAL A 335 -17.85 22.35 1.65
CA VAL A 335 -18.03 21.18 0.79
C VAL A 335 -18.25 19.88 1.58
N LEU A 336 -17.91 19.92 2.87
CA LEU A 336 -18.18 18.79 3.74
C LEU A 336 -19.67 18.70 4.07
N GLU A 337 -20.27 19.83 4.43
CA GLU A 337 -21.70 19.83 4.76
C GLU A 337 -22.53 19.41 3.55
N LYS A 338 -22.14 19.91 2.38
CA LYS A 338 -22.83 19.58 1.15
C LYS A 338 -22.76 18.08 0.87
N CYS A 339 -21.54 17.56 0.78
CA CYS A 339 -21.34 16.15 0.49
C CYS A 339 -22.06 15.24 1.49
N TRP A 340 -21.97 15.56 2.77
CA TRP A 340 -22.66 14.74 3.76
C TRP A 340 -24.16 14.75 3.52
N LYS A 341 -24.71 15.93 3.23
CA LYS A 341 -26.14 16.04 2.97
C LYS A 341 -26.54 15.18 1.77
N ASN A 342 -25.77 15.27 0.70
CA ASN A 342 -26.04 14.46 -0.49
C ASN A 342 -26.00 12.97 -0.18
N ILE A 343 -25.10 12.58 0.71
CA ILE A 343 -24.93 11.19 1.11
C ILE A 343 -26.12 10.70 1.93
N GLU A 344 -26.65 11.58 2.77
CA GLU A 344 -27.71 11.20 3.68
C GLU A 344 -29.09 11.24 3.04
N SER A 345 -29.20 11.95 1.92
CA SER A 345 -30.49 12.18 1.27
C SER A 345 -31.35 10.93 1.21
N GLU A 346 -30.70 9.78 1.17
CA GLU A 346 -31.39 8.50 1.07
C GLU A 346 -32.27 8.40 -0.17
N GLU A 347 -32.05 9.31 -1.11
CA GLU A 347 -32.60 9.13 -2.44
C GLU A 347 -32.17 7.72 -2.81
N LEU A 348 -33.13 6.86 -3.12
CA LEU A 348 -32.84 5.46 -3.39
C LEU A 348 -31.58 5.32 -4.25
N ILE A 349 -31.60 5.95 -5.42
CA ILE A 349 -30.41 5.98 -6.28
C ILE A 349 -30.16 7.35 -6.90
N SER A 350 -29.02 7.94 -6.55
CA SER A 350 -28.52 9.12 -7.23
C SER A 350 -27.13 8.80 -7.76
N VAL A 351 -26.87 9.17 -9.02
CA VAL A 351 -25.61 8.81 -9.66
C VAL A 351 -24.42 9.47 -8.98
N SER A 352 -24.68 10.53 -8.24
CA SER A 352 -23.61 11.34 -7.66
C SER A 352 -23.10 10.82 -6.31
N LYS A 353 -23.79 9.84 -5.74
CA LYS A 353 -23.42 9.34 -4.41
C LYS A 353 -21.96 8.93 -4.36
N THR A 354 -21.53 8.17 -5.36
CA THR A 354 -20.13 7.76 -5.45
C THR A 354 -19.21 8.98 -5.51
N SER A 355 -19.52 9.94 -6.38
CA SER A 355 -18.67 11.10 -6.54
C SER A 355 -18.59 11.92 -5.24
N ASN A 356 -19.65 11.86 -4.44
CA ASN A 356 -19.65 12.56 -3.17
C ASN A 356 -18.81 11.84 -2.13
N LEU A 357 -18.83 10.51 -2.17
CA LEU A 357 -18.01 9.70 -1.28
C LEU A 357 -16.53 9.91 -1.61
N SER A 358 -16.26 10.07 -2.90
CA SER A 358 -14.90 10.37 -3.34
C SER A 358 -14.42 11.70 -2.82
N LEU A 359 -15.28 12.71 -2.87
CA LEU A 359 -14.96 14.04 -2.41
C LEU A 359 -14.69 14.07 -0.90
N LEU A 360 -15.45 13.29 -0.14
CA LEU A 360 -15.19 13.17 1.29
C LEU A 360 -13.85 12.49 1.51
N THR A 361 -13.72 11.27 0.98
CA THR A 361 -12.49 10.51 1.09
C THR A 361 -11.27 11.40 0.86
N LYS A 362 -11.39 12.30 -0.10
CA LYS A 362 -10.33 13.24 -0.44
C LYS A 362 -10.06 14.23 0.70
N ILE A 363 -11.08 14.96 1.12
CA ILE A 363 -10.94 15.92 2.20
C ILE A 363 -10.26 15.29 3.40
N TYR A 364 -10.67 14.08 3.74
CA TYR A 364 -10.17 13.42 4.93
C TYR A 364 -8.74 12.90 4.76
N ARG A 365 -8.38 12.51 3.54
CA ARG A 365 -7.02 12.06 3.28
C ARG A 365 -6.04 13.22 3.25
N GLU A 366 -6.45 14.33 2.63
CA GLU A 366 -5.56 15.47 2.43
C GLU A 366 -5.42 16.36 3.65
N ASN A 367 -6.30 16.17 4.61
CA ASN A 367 -6.33 16.98 5.82
C ASN A 367 -6.48 16.08 7.03
N PRO A 368 -5.39 15.43 7.44
CA PRO A 368 -5.42 14.36 8.45
C PRO A 368 -5.74 14.83 9.87
N GLU A 369 -5.87 16.15 10.08
CA GLU A 369 -6.34 16.66 11.37
C GLU A 369 -7.84 16.38 11.49
N LEU A 370 -8.50 16.29 10.35
CA LEU A 370 -9.94 16.11 10.30
C LEU A 370 -10.31 14.64 10.36
N SER A 371 -11.33 14.34 11.14
CA SER A 371 -11.83 12.97 11.24
C SER A 371 -13.36 12.94 11.13
N ILE A 372 -13.87 11.84 10.57
CA ILE A 372 -15.31 11.67 10.40
C ILE A 372 -16.05 11.89 11.71
N PRO A 373 -17.11 12.72 11.67
CA PRO A 373 -17.93 12.97 12.86
C PRO A 373 -18.64 11.70 13.32
N PRO A 374 -18.65 11.42 14.63
CA PRO A 374 -19.26 10.18 15.13
C PRO A 374 -20.72 10.07 14.71
N GLU A 375 -21.43 11.20 14.70
CA GLU A 375 -22.84 11.20 14.34
C GLU A 375 -23.08 10.73 12.91
N ARG A 376 -22.37 11.32 11.96
CA ARG A 376 -22.49 10.94 10.56
C ARG A 376 -22.01 9.51 10.29
N LEU A 377 -21.53 8.83 11.31
CA LEU A 377 -21.04 7.49 11.12
C LEU A 377 -22.15 6.58 10.62
N LYS A 378 -23.33 6.70 11.23
CA LYS A 378 -24.47 5.87 10.87
C LYS A 378 -25.02 6.15 9.47
N ASP A 379 -24.46 7.14 8.78
CA ASP A 379 -24.92 7.46 7.44
C ASP A 379 -24.17 6.68 6.35
N ILE A 380 -23.07 6.05 6.70
CA ILE A 380 -22.32 5.26 5.72
C ILE A 380 -22.49 3.75 5.87
N PHE A 381 -23.11 3.30 6.96
CA PHE A 381 -23.42 1.87 7.11
C PHE A 381 -24.13 1.32 5.87
N PRO A 382 -25.17 2.01 5.40
CA PRO A 382 -25.94 1.54 4.26
C PRO A 382 -25.10 1.29 3.01
N CYS A 383 -24.02 2.06 2.85
CA CYS A 383 -23.23 2.04 1.62
C CYS A 383 -22.55 0.69 1.34
N PHE A 384 -22.31 -0.10 2.38
CA PHE A 384 -21.67 -1.40 2.19
C PHE A 384 -22.61 -2.38 1.48
N THR A 385 -23.91 -2.07 1.51
CA THR A 385 -24.92 -2.95 0.94
C THR A 385 -25.56 -2.36 -0.31
N SER A 386 -25.39 -1.05 -0.50
CA SER A 386 -25.95 -0.35 -1.66
C SER A 386 -25.92 -1.22 -2.91
N PRO A 387 -27.02 -1.22 -3.66
CA PRO A 387 -27.20 -2.03 -4.88
C PRO A 387 -26.11 -1.75 -5.90
N VAL A 388 -25.62 -0.52 -5.92
CA VAL A 388 -24.64 -0.11 -6.92
C VAL A 388 -23.19 -0.34 -6.45
N PRO A 389 -22.41 -1.09 -7.25
CA PRO A 389 -21.04 -1.57 -6.98
C PRO A 389 -20.00 -0.47 -6.76
N GLU A 390 -20.13 0.64 -7.47
CA GLU A 390 -19.20 1.75 -7.31
C GLU A 390 -19.29 2.35 -5.91
N VAL A 391 -20.48 2.33 -5.33
CA VAL A 391 -20.67 2.82 -3.96
C VAL A 391 -20.05 1.86 -2.96
N ARG A 392 -20.31 0.58 -3.14
CA ARG A 392 -19.75 -0.44 -2.27
C ARG A 392 -18.23 -0.36 -2.25
N THR A 393 -17.63 -0.33 -3.43
CA THR A 393 -16.18 -0.22 -3.53
C THR A 393 -15.69 1.07 -2.86
N SER A 394 -16.34 2.18 -3.17
CA SER A 394 -15.92 3.48 -2.67
C SER A 394 -15.91 3.56 -1.15
N ILE A 395 -16.94 3.02 -0.51
CA ILE A 395 -17.03 3.06 0.94
C ILE A 395 -15.94 2.20 1.61
N LEU A 396 -15.64 1.04 1.04
CA LEU A 396 -14.61 0.15 1.60
C LEU A 396 -13.22 0.78 1.46
N ASN A 397 -13.12 1.80 0.63
CA ASN A 397 -11.85 2.46 0.42
C ASN A 397 -11.73 3.70 1.30
N MET A 398 -12.88 4.22 1.71
CA MET A 398 -12.91 5.37 2.58
C MET A 398 -12.71 5.01 4.06
N VAL A 399 -12.88 3.75 4.40
CA VAL A 399 -12.69 3.31 5.78
C VAL A 399 -11.42 2.49 5.97
N LYS A 400 -10.54 2.49 4.96
CA LYS A 400 -9.42 1.55 4.94
C LYS A 400 -8.42 1.75 6.07
N ASN A 401 -8.49 2.91 6.72
CA ASN A 401 -7.52 3.25 7.73
C ASN A 401 -8.11 3.52 9.13
N LEU A 402 -9.37 3.16 9.33
CA LEU A 402 -9.98 3.45 10.63
C LEU A 402 -10.34 2.18 11.41
N SER A 403 -10.59 2.34 12.71
CA SER A 403 -10.71 1.17 13.59
C SER A 403 -11.90 1.21 14.54
N GLU A 404 -13.07 1.61 14.04
CA GLU A 404 -14.25 1.64 14.89
C GLU A 404 -14.92 0.28 14.89
N GLU A 405 -15.27 -0.23 16.07
CA GLU A 405 -16.00 -1.48 16.20
C GLU A 405 -17.12 -1.59 15.19
N SER A 406 -18.04 -0.63 15.24
CA SER A 406 -19.17 -0.58 14.31
C SER A 406 -18.76 -0.84 12.85
N ILE A 407 -17.75 -0.14 12.36
CA ILE A 407 -17.30 -0.34 10.98
C ILE A 407 -16.66 -1.73 10.84
N ASP A 408 -15.96 -2.17 11.88
CA ASP A 408 -15.33 -3.49 11.87
C ASP A 408 -16.41 -4.53 11.58
N PHE A 409 -17.53 -4.39 12.29
CA PHE A 409 -18.65 -5.30 12.16
C PHE A 409 -19.24 -5.32 10.75
N LEU A 410 -19.34 -4.15 10.13
CA LEU A 410 -19.93 -4.06 8.81
C LEU A 410 -19.01 -4.61 7.71
N VAL A 411 -17.70 -4.60 7.94
CA VAL A 411 -16.79 -5.13 6.94
C VAL A 411 -16.91 -6.65 6.92
N ALA A 412 -17.24 -7.23 8.07
CA ALA A 412 -17.45 -8.67 8.19
C ALA A 412 -18.73 -9.09 7.48
N GLU A 413 -19.82 -8.36 7.74
CA GLU A 413 -21.07 -8.62 7.04
C GLU A 413 -20.84 -8.61 5.54
N VAL A 414 -19.97 -7.74 5.07
CA VAL A 414 -19.67 -7.69 3.65
C VAL A 414 -19.06 -9.00 3.16
N VAL A 415 -18.11 -9.54 3.91
CA VAL A 415 -17.41 -10.72 3.44
C VAL A 415 -18.36 -11.92 3.36
N LEU A 416 -19.44 -11.86 4.11
CA LEU A 416 -20.44 -12.93 4.16
C LEU A 416 -21.49 -12.85 3.06
N ILE A 417 -21.99 -11.64 2.79
CA ILE A 417 -23.15 -11.46 1.94
C ILE A 417 -22.94 -10.59 0.69
N GLU A 418 -21.71 -10.52 0.20
CA GLU A 418 -21.41 -9.74 -1.00
C GLU A 418 -21.49 -10.60 -2.24
N GLU A 419 -22.07 -10.06 -3.31
CA GLU A 419 -22.18 -10.78 -4.57
C GLU A 419 -20.84 -10.93 -5.27
N LYS A 420 -20.19 -9.82 -5.56
CA LYS A 420 -18.93 -9.80 -6.31
C LYS A 420 -17.74 -10.17 -5.43
N ASP A 421 -16.91 -11.09 -5.93
CA ASP A 421 -15.71 -11.53 -5.22
C ASP A 421 -14.66 -10.42 -5.14
N GLU A 422 -14.38 -9.77 -6.27
CA GLU A 422 -13.41 -8.67 -6.30
C GLU A 422 -13.65 -7.68 -5.17
N ILE A 423 -14.92 -7.45 -4.84
CA ILE A 423 -15.30 -6.51 -3.79
C ILE A 423 -15.14 -7.13 -2.40
N ARG A 424 -15.42 -8.42 -2.27
CA ARG A 424 -15.22 -9.11 -1.00
C ARG A 424 -13.74 -9.11 -0.63
N GLU A 425 -12.88 -9.14 -1.64
CA GLU A 425 -11.45 -9.16 -1.43
C GLU A 425 -10.99 -7.89 -0.71
N MET A 426 -11.66 -6.78 -0.98
CA MET A 426 -11.34 -5.52 -0.33
C MET A 426 -11.60 -5.63 1.17
N ALA A 427 -12.70 -6.25 1.53
CA ALA A 427 -13.10 -6.40 2.93
C ALA A 427 -12.26 -7.45 3.64
N ILE A 428 -11.89 -8.50 2.91
CA ILE A 428 -11.04 -9.53 3.47
C ILE A 428 -9.69 -8.93 3.80
N LYS A 429 -9.12 -8.19 2.86
CA LYS A 429 -7.83 -7.55 3.04
C LYS A 429 -7.81 -6.65 4.27
N LEU A 430 -8.96 -6.04 4.54
CA LEU A 430 -9.11 -5.04 5.60
C LEU A 430 -9.09 -5.68 6.99
N LEU A 431 -9.39 -6.97 7.05
CA LEU A 431 -9.49 -7.69 8.31
C LEU A 431 -8.29 -8.61 8.59
N LYS A 432 -7.72 -9.17 7.53
CA LYS A 432 -6.55 -10.04 7.68
C LYS A 432 -5.34 -9.31 8.29
N LYS A 433 -5.33 -7.99 8.21
CA LYS A 433 -4.20 -7.21 8.70
C LYS A 433 -4.41 -6.78 10.15
N ARG A 434 -5.34 -7.43 10.84
CA ARG A 434 -5.75 -6.95 12.14
C ARG A 434 -5.38 -7.91 13.25
N ARG A 435 -4.82 -7.37 14.33
CA ARG A 435 -4.45 -8.15 15.49
C ARG A 435 -5.19 -7.60 16.71
N ASP A 436 -6.13 -6.69 16.46
CA ASP A 436 -6.82 -6.01 17.54
C ASP A 436 -8.34 -5.96 17.35
N LEU A 437 -8.90 -6.93 16.65
CA LEU A 437 -10.35 -7.02 16.52
C LEU A 437 -10.94 -7.32 17.90
N PRO A 438 -12.07 -6.68 18.21
CA PRO A 438 -12.79 -6.87 19.47
C PRO A 438 -13.30 -8.30 19.68
N LYS A 439 -13.22 -8.79 20.91
CA LYS A 439 -13.74 -10.10 21.25
C LYS A 439 -15.21 -10.24 20.84
N ASN A 440 -16.00 -9.23 21.14
CA ASN A 440 -17.42 -9.34 20.84
C ASN A 440 -17.69 -9.48 19.34
N LEU A 441 -16.74 -9.10 18.51
CA LEU A 441 -16.84 -9.38 17.08
C LEU A 441 -16.53 -10.84 16.81
N ILE A 442 -15.46 -11.35 17.42
CA ILE A 442 -15.10 -12.74 17.25
C ILE A 442 -16.23 -13.65 17.71
N LEU A 443 -16.79 -13.36 18.88
CA LEU A 443 -17.86 -14.18 19.43
C LEU A 443 -19.13 -14.09 18.59
N HIS A 444 -19.56 -12.88 18.28
CA HIS A 444 -20.80 -12.71 17.54
C HIS A 444 -20.80 -13.45 16.22
N PHE A 445 -19.76 -13.27 15.42
CA PHE A 445 -19.68 -13.92 14.11
C PHE A 445 -19.30 -15.39 14.19
N MET A 446 -18.76 -15.82 15.33
CA MET A 446 -18.38 -17.21 15.50
C MET A 446 -19.61 -18.09 15.62
N ASN A 447 -20.76 -17.49 15.93
CA ASN A 447 -21.98 -18.27 16.02
C ASN A 447 -23.06 -17.79 15.07
N VAL A 448 -22.79 -16.68 14.39
CA VAL A 448 -23.56 -16.27 13.23
C VAL A 448 -23.12 -17.18 12.09
N ILE A 449 -21.84 -17.50 12.08
CA ILE A 449 -21.25 -18.31 11.03
C ILE A 449 -21.80 -19.73 11.14
N GLY A 450 -22.37 -20.05 12.30
CA GLY A 450 -22.84 -21.39 12.57
C GLY A 450 -24.34 -21.55 12.64
N GLY A 451 -25.07 -20.61 12.04
CA GLY A 451 -26.51 -20.72 11.96
C GLY A 451 -26.87 -21.84 11.00
N SER A 452 -28.11 -22.29 11.04
CA SER A 452 -28.55 -23.31 10.10
C SER A 452 -28.14 -22.88 8.70
N LEU A 453 -27.76 -23.84 7.87
CA LEU A 453 -27.32 -23.51 6.52
C LEU A 453 -28.50 -23.44 5.56
N TYR A 454 -29.71 -23.59 6.10
CA TYR A 454 -30.92 -23.60 5.28
C TYR A 454 -31.91 -22.51 5.69
N GLU A 455 -31.57 -21.78 6.75
CA GLU A 455 -32.34 -20.61 7.15
C GLU A 455 -31.52 -19.33 6.91
N PRO A 456 -32.21 -18.22 6.59
CA PRO A 456 -31.54 -16.94 6.33
C PRO A 456 -30.91 -16.35 7.58
N TYR A 457 -30.03 -15.37 7.38
CA TYR A 457 -29.44 -14.68 8.52
C TYR A 457 -30.54 -13.86 9.20
N SER A 458 -30.38 -13.63 10.50
CA SER A 458 -31.34 -12.83 11.23
C SER A 458 -31.13 -11.32 11.05
N GLU A 459 -32.20 -10.61 10.74
CA GLU A 459 -32.18 -9.15 10.69
C GLU A 459 -31.59 -8.61 12.00
N ASP A 460 -31.60 -9.44 13.03
CA ASP A 460 -31.15 -9.03 14.35
C ASP A 460 -29.64 -9.21 14.54
N ASP A 461 -29.01 -9.92 13.61
CA ASP A 461 -27.57 -10.17 13.68
C ASP A 461 -26.80 -9.23 12.79
N PHE A 462 -27.49 -8.65 11.81
CA PHE A 462 -26.87 -7.75 10.85
C PHE A 462 -27.43 -6.35 10.92
N VAL A 463 -26.61 -5.40 10.51
CA VAL A 463 -27.03 -4.03 10.36
C VAL A 463 -27.39 -3.82 8.90
N SER A 464 -26.74 -4.58 8.03
CA SER A 464 -27.07 -4.55 6.62
C SER A 464 -28.31 -5.38 6.33
N TYR A 465 -28.75 -5.39 5.08
CA TYR A 465 -29.93 -6.17 4.68
C TYR A 465 -30.03 -6.33 3.17
N GLU A 466 -30.40 -7.52 2.74
CA GLU A 466 -30.72 -7.78 1.34
C GLU A 466 -31.81 -8.82 1.29
N ASP A 467 -32.64 -8.77 0.25
CA ASP A 467 -33.69 -9.76 0.08
C ASP A 467 -33.11 -11.06 -0.46
N LEU A 468 -31.78 -11.13 -0.50
CA LEU A 468 -31.11 -12.29 -1.08
C LEU A 468 -30.47 -13.18 -0.02
N TYR A 469 -30.36 -12.67 1.20
CA TYR A 469 -29.73 -13.40 2.29
C TYR A 469 -30.59 -13.38 3.55
N PHE A 470 -31.75 -12.74 3.47
CA PHE A 470 -32.61 -12.61 4.66
C PHE A 470 -34.04 -13.11 4.46
N THR A 471 -34.34 -13.57 3.24
CA THR A 471 -35.64 -14.17 2.95
C THR A 471 -35.47 -15.66 2.70
N LYS A 472 -36.45 -16.45 3.15
CA LYS A 472 -36.40 -17.89 3.00
C LYS A 472 -36.35 -18.29 1.53
N SER A 473 -36.78 -17.39 0.65
CA SER A 473 -36.79 -17.66 -0.79
C SER A 473 -35.49 -17.23 -1.46
N GLY A 474 -34.84 -16.20 -0.91
CA GLY A 474 -33.59 -15.71 -1.45
C GLY A 474 -32.49 -16.74 -1.33
N ILE A 475 -32.35 -17.32 -0.14
CA ILE A 475 -31.37 -18.36 0.11
C ILE A 475 -31.31 -19.39 -1.01
N ASN A 476 -32.45 -20.01 -1.27
CA ASN A 476 -32.53 -21.11 -2.22
C ASN A 476 -32.09 -20.71 -3.62
N VAL A 477 -31.76 -19.43 -3.79
CA VAL A 477 -31.22 -18.92 -5.04
C VAL A 477 -29.70 -18.92 -4.98
N VAL A 478 -29.18 -18.35 -3.89
CA VAL A 478 -27.73 -18.27 -3.67
C VAL A 478 -27.12 -19.66 -3.59
N GLY A 479 -27.82 -20.57 -2.94
CA GLY A 479 -27.33 -21.92 -2.78
C GLY A 479 -26.34 -22.01 -1.64
N LYS A 480 -26.41 -23.09 -0.89
CA LYS A 480 -25.57 -23.24 0.30
C LYS A 480 -24.08 -23.27 -0.02
N ASP A 481 -23.71 -23.75 -1.19
CA ASP A 481 -22.29 -23.82 -1.55
C ASP A 481 -21.61 -22.46 -1.54
N GLU A 482 -22.39 -21.40 -1.74
CA GLU A 482 -21.86 -20.04 -1.65
C GLU A 482 -21.91 -19.61 -0.19
N ILE A 483 -23.10 -19.71 0.38
CA ILE A 483 -23.32 -19.36 1.78
C ILE A 483 -22.21 -19.92 2.67
N LEU A 484 -21.79 -21.16 2.38
CA LEU A 484 -20.74 -21.79 3.16
C LEU A 484 -19.38 -21.21 2.76
N LYS A 485 -19.18 -21.01 1.46
CA LYS A 485 -17.91 -20.44 0.97
C LYS A 485 -17.57 -19.17 1.71
N ASN A 486 -18.54 -18.26 1.76
CA ASN A 486 -18.34 -16.94 2.31
C ASN A 486 -18.18 -16.94 3.83
N ARG A 487 -18.56 -18.04 4.46
CA ARG A 487 -18.32 -18.19 5.90
C ARG A 487 -16.90 -18.68 6.12
N CYS A 488 -16.45 -19.58 5.26
CA CYS A 488 -15.10 -20.10 5.37
C CYS A 488 -14.09 -18.97 5.19
N LEU A 489 -14.48 -17.94 4.45
CA LEU A 489 -13.58 -16.83 4.19
C LEU A 489 -13.51 -15.89 5.38
N LEU A 490 -14.66 -15.53 5.94
CA LEU A 490 -14.67 -14.74 7.16
C LEU A 490 -13.93 -15.44 8.30
N PHE A 491 -14.01 -16.78 8.31
CA PHE A 491 -13.36 -17.58 9.35
C PHE A 491 -11.85 -17.41 9.35
N GLU A 492 -11.25 -17.35 8.16
CA GLU A 492 -9.80 -17.18 8.06
C GLU A 492 -9.34 -15.79 8.48
N CYS A 493 -10.29 -14.87 8.60
CA CYS A 493 -10.00 -13.48 8.94
C CYS A 493 -9.94 -13.23 10.44
N ILE A 494 -10.92 -13.76 11.15
CA ILE A 494 -11.15 -13.40 12.54
C ILE A 494 -10.32 -14.23 13.54
N MET A 495 -9.29 -14.93 13.06
CA MET A 495 -8.54 -15.83 13.93
C MET A 495 -7.19 -15.26 14.38
N LYS A 496 -6.81 -14.09 13.86
CA LYS A 496 -5.50 -13.55 14.17
C LYS A 496 -5.50 -12.56 15.33
N SER A 497 -6.60 -12.50 16.08
CA SER A 497 -6.75 -11.42 17.06
C SER A 497 -6.92 -11.89 18.50
N GLY A 498 -6.43 -13.07 18.80
CA GLY A 498 -6.58 -13.62 20.14
C GLY A 498 -7.87 -14.39 20.21
N LEU A 499 -7.80 -15.62 20.73
CA LEU A 499 -8.92 -16.53 20.65
C LEU A 499 -9.56 -16.77 22.00
N PRO A 500 -10.60 -15.98 22.34
CA PRO A 500 -11.34 -16.21 23.58
C PRO A 500 -12.09 -17.54 23.50
N ASP A 501 -12.47 -18.10 24.65
CA ASP A 501 -13.22 -19.35 24.65
C ASP A 501 -14.67 -19.08 24.29
N LEU A 502 -15.19 -19.85 23.34
CA LEU A 502 -16.59 -19.73 22.99
C LEU A 502 -17.43 -20.79 23.70
N GLN A 503 -17.99 -20.41 24.84
CA GLN A 503 -18.87 -21.29 25.59
C GLN A 503 -20.17 -21.47 24.82
N SER A 504 -20.68 -20.37 24.28
CA SER A 504 -21.94 -20.38 23.54
C SER A 504 -21.98 -21.39 22.41
N THR A 505 -23.04 -22.18 22.39
CA THR A 505 -23.27 -23.10 21.30
C THR A 505 -24.61 -22.79 20.65
N ILE A 506 -24.81 -23.29 19.43
CA ILE A 506 -26.03 -23.05 18.68
C ILE A 506 -26.71 -24.39 18.39
N GLU A 507 -25.89 -25.42 18.23
CA GLU A 507 -26.37 -26.77 17.96
C GLU A 507 -27.05 -26.92 16.59
N THR A 508 -26.25 -26.71 15.55
CA THR A 508 -26.59 -27.11 14.19
C THR A 508 -25.39 -27.91 13.70
N THR A 509 -25.50 -28.52 12.54
CA THR A 509 -24.38 -29.28 12.01
C THR A 509 -23.20 -28.34 11.81
N THR A 510 -23.42 -27.29 11.03
CA THR A 510 -22.38 -26.30 10.75
C THR A 510 -21.77 -25.75 12.03
N SER A 511 -22.61 -25.42 13.00
CA SER A 511 -22.12 -24.88 14.26
C SER A 511 -21.01 -25.74 14.84
N ARG A 512 -21.18 -27.06 14.77
CA ARG A 512 -20.19 -28.00 15.27
C ARG A 512 -18.94 -27.98 14.42
N THR A 513 -19.14 -27.93 13.11
CA THR A 513 -18.02 -27.93 12.17
C THR A 513 -17.03 -26.81 12.47
N PHE A 514 -17.55 -25.59 12.60
CA PHE A 514 -16.70 -24.42 12.84
C PHE A 514 -16.15 -24.38 14.25
N ILE A 515 -17.02 -24.53 15.24
CA ILE A 515 -16.56 -24.50 16.63
C ILE A 515 -15.52 -25.60 16.87
N SER A 516 -15.57 -26.64 16.06
CA SER A 516 -14.56 -27.71 16.12
C SER A 516 -13.22 -27.20 15.61
N LEU A 517 -13.22 -26.70 14.39
CA LEU A 517 -12.01 -26.17 13.78
C LEU A 517 -11.46 -25.04 14.65
N TYR A 518 -12.35 -24.27 15.25
CA TYR A 518 -11.95 -23.16 16.11
C TYR A 518 -11.02 -23.67 17.23
N ARG A 519 -11.42 -24.77 17.85
CA ARG A 519 -10.63 -25.36 18.92
C ARG A 519 -9.32 -25.93 18.39
N SER A 520 -9.33 -26.37 17.14
CA SER A 520 -8.13 -26.88 16.51
C SER A 520 -7.11 -25.76 16.30
N VAL A 521 -7.61 -24.62 15.84
CA VAL A 521 -6.80 -23.43 15.67
C VAL A 521 -6.23 -22.98 17.01
N GLN A 522 -7.07 -23.03 18.04
CA GLN A 522 -6.64 -22.71 19.39
C GLN A 522 -5.48 -23.60 19.80
N ALA A 523 -5.66 -24.91 19.65
CA ALA A 523 -4.66 -25.90 20.06
C ALA A 523 -3.33 -25.74 19.33
N LEU A 524 -3.41 -25.43 18.04
CA LEU A 524 -2.24 -25.25 17.22
C LEU A 524 -1.41 -24.05 17.70
N VAL A 525 -2.07 -23.10 18.35
CA VAL A 525 -1.41 -21.89 18.84
C VAL A 525 -0.73 -22.11 20.19
N LYS A 526 -1.25 -23.06 20.95
CA LYS A 526 -0.73 -23.36 22.28
C LYS A 526 -0.07 -24.74 22.31
N ASP A 527 0.32 -25.22 21.12
CA ASP A 527 0.93 -26.54 20.96
C ASP A 527 0.35 -27.56 21.93
N THR A 528 -0.96 -27.54 22.09
CA THR A 528 -1.67 -28.50 22.91
C THR A 528 -1.48 -29.92 22.38
N PRO A 529 -1.10 -30.85 23.27
CA PRO A 529 -0.97 -32.26 22.91
C PRO A 529 -2.30 -32.82 22.42
N TYR A 530 -2.24 -33.78 21.50
CA TYR A 530 -3.43 -34.27 20.83
C TYR A 530 -4.28 -35.19 21.69
N THR A 531 -5.58 -34.90 21.74
CA THR A 531 -6.55 -35.77 22.40
C THR A 531 -7.63 -36.17 21.41
N PRO A 532 -7.71 -37.47 21.09
CA PRO A 532 -8.66 -38.04 20.12
C PRO A 532 -10.10 -37.66 20.42
N ALA A 533 -10.51 -36.44 20.06
CA ALA A 533 -11.87 -35.98 20.29
C ALA A 533 -12.86 -37.10 19.97
N ASN A 534 -13.93 -37.17 20.73
CA ASN A 534 -14.85 -38.30 20.62
C ASN A 534 -16.07 -38.00 19.77
N ILE A 535 -16.29 -38.83 18.75
CA ILE A 535 -17.48 -38.74 17.91
C ILE A 535 -18.58 -39.65 18.46
N GLU A 536 -19.72 -39.06 18.79
CA GLU A 536 -20.83 -39.82 19.36
C GLU A 536 -21.53 -40.66 18.30
N GLU A 537 -22.67 -41.23 18.67
CA GLU A 537 -23.45 -42.03 17.74
C GLU A 537 -24.36 -41.15 16.89
N LEU A 538 -24.56 -41.56 15.64
CA LEU A 538 -25.45 -40.85 14.73
C LEU A 538 -26.71 -40.37 15.45
N GLU A 539 -27.26 -41.22 16.31
CA GLU A 539 -28.44 -40.85 17.08
C GLU A 539 -28.22 -39.55 17.82
N TYR A 540 -27.21 -39.52 18.69
CA TYR A 540 -26.82 -38.35 19.47
C TYR A 540 -27.08 -37.06 18.70
N TYR A 541 -26.45 -36.94 17.53
CA TYR A 541 -26.51 -35.72 16.73
C TYR A 541 -27.95 -35.45 16.28
N PHE A 542 -28.65 -36.48 15.84
CA PHE A 542 -30.01 -36.30 15.37
C PHE A 542 -30.92 -35.72 16.45
N ASP A 543 -30.49 -35.83 17.70
CA ASP A 543 -31.25 -35.26 18.80
C ASP A 543 -30.90 -33.79 19.02
N ARG A 544 -29.65 -33.43 18.76
CA ARG A 544 -29.16 -32.09 19.08
C ARG A 544 -29.29 -31.09 17.93
N CYS A 545 -28.94 -31.53 16.72
CA CYS A 545 -28.73 -30.61 15.59
C CYS A 545 -29.97 -30.35 14.75
N LYS A 546 -30.51 -29.14 14.89
CA LYS A 546 -31.76 -28.73 14.24
C LYS A 546 -31.81 -28.95 12.73
N ASP A 547 -30.64 -29.00 12.09
CA ASP A 547 -30.62 -29.13 10.63
C ASP A 547 -30.71 -30.57 10.15
N LEU A 548 -30.31 -31.52 10.99
CA LEU A 548 -30.42 -32.92 10.64
C LEU A 548 -31.85 -33.42 10.77
N LYS A 549 -32.57 -32.92 11.77
CA LYS A 549 -33.94 -33.37 11.98
C LYS A 549 -34.94 -32.70 11.02
N MET A 550 -34.42 -32.23 9.89
CA MET A 550 -35.27 -31.87 8.77
C MET A 550 -35.32 -33.08 7.85
N ALA A 551 -35.01 -34.24 8.42
CA ALA A 551 -34.86 -35.44 7.61
C ALA A 551 -35.36 -36.69 8.32
N PRO A 552 -35.95 -37.62 7.54
CA PRO A 552 -36.32 -38.96 8.01
C PRO A 552 -35.11 -39.70 8.56
N LEU A 553 -35.02 -39.84 9.87
CA LEU A 553 -33.89 -40.53 10.50
C LEU A 553 -33.62 -41.85 9.80
N LYS A 554 -34.69 -42.49 9.35
CA LYS A 554 -34.61 -43.80 8.72
C LYS A 554 -33.96 -43.67 7.34
N GLU A 555 -34.58 -42.88 6.46
CA GLU A 555 -34.04 -42.65 5.14
C GLU A 555 -32.57 -42.25 5.23
N PHE A 556 -32.20 -41.63 6.34
CA PHE A 556 -30.84 -41.14 6.55
C PHE A 556 -29.84 -42.27 6.61
N LYS A 557 -30.05 -43.21 7.53
CA LYS A 557 -29.14 -44.34 7.67
C LYS A 557 -29.02 -45.10 6.36
N LYS A 558 -30.12 -45.15 5.60
CA LYS A 558 -30.12 -45.76 4.28
C LYS A 558 -29.06 -45.10 3.39
N LYS A 559 -29.01 -43.78 3.42
CA LYS A 559 -27.99 -43.04 2.68
C LYS A 559 -26.62 -43.34 3.29
N LEU A 560 -26.54 -43.26 4.61
CA LEU A 560 -25.33 -43.57 5.32
C LEU A 560 -24.90 -45.01 5.02
N SER A 561 -25.88 -45.90 4.91
CA SER A 561 -25.63 -47.30 4.62
C SER A 561 -24.92 -47.47 3.30
N ALA A 562 -25.34 -46.70 2.29
CA ALA A 562 -24.71 -46.73 0.99
C ALA A 562 -25.04 -45.50 0.16
N PRO A 563 -24.11 -44.52 0.12
CA PRO A 563 -24.19 -43.37 -0.78
C PRO A 563 -24.00 -43.81 -2.22
N GLY A 564 -23.61 -42.88 -3.09
CA GLY A 564 -23.50 -43.19 -4.50
C GLY A 564 -24.87 -43.52 -5.06
N ILE A 565 -25.83 -43.65 -4.16
CA ILE A 565 -27.22 -43.89 -4.51
C ILE A 565 -28.02 -42.70 -4.02
N ARG A 566 -28.09 -41.67 -4.86
CA ARG A 566 -28.79 -40.44 -4.51
C ARG A 566 -30.19 -40.73 -3.98
N SER A 567 -30.34 -40.72 -2.66
CA SER A 567 -31.64 -40.94 -2.03
C SER A 567 -32.72 -40.09 -2.68
N ILE A 568 -33.96 -40.58 -2.65
CA ILE A 568 -35.05 -39.89 -3.30
C ILE A 568 -35.48 -38.63 -2.55
N HIS A 569 -35.45 -38.70 -1.22
CA HIS A 569 -35.81 -37.53 -0.41
C HIS A 569 -34.79 -36.41 -0.62
N PRO A 570 -35.28 -35.17 -0.78
CA PRO A 570 -34.44 -34.04 -1.19
C PRO A 570 -33.56 -33.45 -0.09
N MET A 571 -33.90 -33.70 1.17
CA MET A 571 -33.19 -33.08 2.29
C MET A 571 -32.01 -33.91 2.79
N VAL A 572 -32.04 -35.21 2.51
CA VAL A 572 -31.02 -36.13 3.02
C VAL A 572 -29.65 -35.93 2.36
N ASP A 573 -29.62 -35.97 1.03
CA ASP A 573 -28.37 -35.84 0.30
C ASP A 573 -27.56 -34.62 0.75
N PRO A 574 -28.20 -33.44 0.79
CA PRO A 574 -27.50 -32.27 1.33
C PRO A 574 -27.00 -32.54 2.74
N LEU A 575 -27.91 -32.94 3.63
CA LEU A 575 -27.55 -33.22 5.01
C LEU A 575 -26.50 -34.32 5.11
N TYR A 576 -26.18 -34.96 3.99
CA TYR A 576 -25.13 -35.97 3.99
C TYR A 576 -23.75 -35.33 3.98
N SER A 577 -23.58 -34.32 3.14
CA SER A 577 -22.31 -33.60 3.09
C SER A 577 -22.11 -32.75 4.35
N ASP A 578 -23.21 -32.28 4.95
CA ASP A 578 -23.13 -31.56 6.21
C ASP A 578 -22.61 -32.46 7.32
N TYR A 579 -22.95 -33.74 7.24
CA TYR A 579 -22.54 -34.72 8.24
C TYR A 579 -21.08 -35.11 8.04
N THR A 580 -20.76 -35.62 6.86
CA THR A 580 -19.40 -36.02 6.52
C THR A 580 -18.42 -34.91 6.89
N ARG A 581 -18.91 -33.67 6.83
CA ARG A 581 -18.12 -32.49 7.16
C ARG A 581 -17.89 -32.40 8.66
N MET A 582 -18.97 -32.41 9.43
CA MET A 582 -18.87 -32.30 10.88
C MET A 582 -17.94 -33.35 11.50
N VAL A 583 -18.16 -34.62 11.17
CA VAL A 583 -17.36 -35.68 11.77
C VAL A 583 -15.88 -35.51 11.47
N ALA A 584 -15.56 -35.20 10.21
CA ALA A 584 -14.18 -35.04 9.80
C ALA A 584 -13.55 -33.92 10.60
N SER A 585 -14.33 -32.88 10.83
CA SER A 585 -13.87 -31.71 11.56
C SER A 585 -13.80 -32.00 13.06
N ILE A 586 -14.66 -32.90 13.54
CA ILE A 586 -14.65 -33.23 14.94
C ILE A 586 -13.46 -34.12 15.29
N GLU A 587 -13.13 -35.04 14.39
CA GLU A 587 -12.06 -35.98 14.68
C GLU A 587 -10.68 -35.43 14.30
N PHE A 588 -10.64 -34.23 13.74
CA PHE A 588 -9.38 -33.62 13.33
C PHE A 588 -8.51 -33.31 14.55
N PRO A 589 -7.19 -33.54 14.45
CA PRO A 589 -6.44 -33.94 13.26
C PRO A 589 -6.34 -35.45 13.01
N GLY A 590 -7.36 -36.20 13.42
CA GLY A 590 -7.49 -37.56 12.96
C GLY A 590 -8.05 -37.50 11.55
N LEU A 591 -7.50 -38.28 10.64
CA LEU A 591 -7.89 -38.16 9.24
C LEU A 591 -8.58 -39.41 8.69
N GLU A 592 -9.02 -40.29 9.57
CA GLU A 592 -9.76 -41.48 9.19
C GLU A 592 -10.89 -41.12 8.24
N ARG A 593 -11.85 -40.34 8.72
CA ARG A 593 -13.01 -39.99 7.90
C ARG A 593 -12.87 -38.66 7.19
N ALA A 594 -11.63 -38.30 6.88
CA ALA A 594 -11.37 -37.12 6.07
C ALA A 594 -11.50 -37.50 4.61
N THR A 595 -11.05 -38.71 4.29
CA THR A 595 -11.10 -39.20 2.92
C THR A 595 -12.54 -39.15 2.39
N ALA A 596 -13.50 -39.40 3.27
CA ALA A 596 -14.91 -39.31 2.90
C ALA A 596 -15.26 -37.89 2.49
N LEU A 597 -14.92 -36.94 3.36
CA LEU A 597 -15.17 -35.52 3.15
C LEU A 597 -14.75 -35.03 1.78
N PHE A 598 -13.50 -35.30 1.42
CA PHE A 598 -12.98 -34.88 0.14
C PHE A 598 -13.75 -35.50 -1.03
N GLU A 599 -14.36 -36.66 -0.79
CA GLU A 599 -15.05 -37.39 -1.85
C GLU A 599 -16.46 -36.88 -2.13
N VAL A 600 -17.07 -36.18 -1.17
CA VAL A 600 -18.45 -35.72 -1.34
C VAL A 600 -18.60 -34.20 -1.34
N GLU A 601 -17.63 -33.49 -0.78
CA GLU A 601 -17.75 -32.04 -0.61
C GLU A 601 -18.06 -31.33 -1.91
N THR A 602 -19.16 -30.57 -1.90
CA THR A 602 -19.56 -29.76 -3.04
C THR A 602 -18.81 -28.43 -3.05
N CYS A 603 -18.79 -27.77 -1.90
CA CYS A 603 -18.15 -26.47 -1.71
C CYS A 603 -16.62 -26.51 -1.76
N LYS A 604 -16.06 -25.98 -2.84
CA LYS A 604 -14.62 -26.09 -3.05
C LYS A 604 -13.86 -25.29 -2.00
N GLN A 605 -14.48 -24.22 -1.50
CA GLN A 605 -13.83 -23.35 -0.53
C GLN A 605 -13.49 -24.07 0.77
N PHE A 606 -14.41 -24.90 1.27
CA PHE A 606 -14.19 -25.60 2.53
C PHE A 606 -13.08 -26.63 2.44
N LEU A 607 -13.03 -27.35 1.32
CA LEU A 607 -11.94 -28.29 1.10
C LEU A 607 -10.60 -27.56 1.17
N HIS A 608 -10.62 -26.29 0.80
CA HIS A 608 -9.40 -25.49 0.82
C HIS A 608 -9.05 -25.16 2.26
N LEU A 609 -10.02 -24.63 2.99
CA LEU A 609 -9.85 -24.34 4.39
C LEU A 609 -9.30 -25.55 5.11
N PHE A 610 -9.91 -26.70 4.88
CA PHE A 610 -9.53 -27.94 5.55
C PHE A 610 -8.09 -28.31 5.24
N SER A 611 -7.71 -28.23 3.97
CA SER A 611 -6.33 -28.53 3.58
C SER A 611 -5.34 -27.57 4.25
N LYS A 612 -5.78 -26.33 4.46
CA LYS A 612 -4.97 -25.36 5.19
C LYS A 612 -4.68 -25.89 6.59
N MET A 613 -5.72 -26.22 7.34
CA MET A 613 -5.56 -26.81 8.67
C MET A 613 -4.59 -27.99 8.68
N ILE A 614 -4.77 -28.92 7.74
CA ILE A 614 -3.90 -30.08 7.65
C ILE A 614 -2.45 -29.66 7.49
N THR A 615 -2.19 -28.84 6.47
CA THR A 615 -0.85 -28.37 6.18
C THR A 615 -0.25 -27.55 7.34
N GLU A 616 -1.02 -26.63 7.90
CA GLU A 616 -0.58 -25.84 9.05
C GLU A 616 -0.10 -26.74 10.17
N TYR A 617 -0.85 -27.81 10.42
CA TYR A 617 -0.48 -28.78 11.44
C TYR A 617 0.74 -29.60 11.05
N TYR A 618 0.84 -29.94 9.76
CA TYR A 618 1.95 -30.74 9.26
C TYR A 618 3.27 -29.99 9.45
N ASP A 619 3.23 -28.68 9.20
CA ASP A 619 4.43 -27.87 9.27
C ASP A 619 4.93 -27.81 10.70
N ALA A 620 4.01 -28.01 11.63
CA ALA A 620 4.30 -27.90 13.05
C ALA A 620 4.60 -29.27 13.65
N GLU A 621 4.78 -30.27 12.80
CA GLU A 621 5.02 -31.63 13.25
C GLU A 621 3.98 -32.01 14.30
N LYS A 622 2.71 -31.74 14.00
CA LYS A 622 1.61 -31.94 14.93
C LYS A 622 0.57 -32.95 14.44
N ILE A 623 0.88 -33.66 13.36
CA ILE A 623 -0.07 -34.57 12.75
C ILE A 623 0.66 -35.65 11.94
N SER A 624 -0.02 -36.75 11.66
CA SER A 624 0.54 -37.77 10.80
C SER A 624 -0.29 -37.83 9.53
N ILE A 625 0.40 -37.78 8.39
CA ILE A 625 -0.26 -37.58 7.11
C ILE A 625 -0.23 -38.82 6.20
N ASP A 626 0.55 -39.81 6.59
CA ASP A 626 0.86 -40.96 5.72
C ASP A 626 -0.35 -41.69 5.15
N ASN A 627 -1.24 -42.17 6.01
CA ASN A 627 -2.42 -42.87 5.52
C ASN A 627 -3.31 -41.97 4.67
N PHE A 628 -3.44 -40.70 5.06
CA PHE A 628 -4.27 -39.78 4.30
C PHE A 628 -3.66 -39.51 2.94
N LEU A 629 -2.34 -39.36 2.89
CA LEU A 629 -1.65 -39.21 1.62
C LEU A 629 -2.07 -40.33 0.67
N LEU A 630 -1.70 -41.56 1.02
CA LEU A 630 -2.05 -42.72 0.20
C LEU A 630 -3.51 -42.72 -0.23
N LYS A 631 -4.43 -42.66 0.73
CA LYS A 631 -5.85 -42.70 0.38
C LYS A 631 -6.23 -41.55 -0.55
N ALA A 632 -5.53 -40.44 -0.44
CA ALA A 632 -5.78 -39.29 -1.29
C ALA A 632 -5.21 -39.52 -2.68
N TYR A 633 -3.88 -39.62 -2.75
CA TYR A 633 -3.19 -39.94 -4.00
C TYR A 633 -3.98 -40.92 -4.87
N GLU A 634 -4.45 -42.01 -4.26
CA GLU A 634 -5.22 -43.01 -4.98
C GLU A 634 -6.53 -42.45 -5.51
N GLY A 635 -7.37 -41.96 -4.60
CA GLY A 635 -8.66 -41.40 -4.97
C GLY A 635 -8.57 -40.32 -6.04
N LEU A 636 -7.43 -39.66 -6.14
CA LEU A 636 -7.23 -38.58 -7.11
C LEU A 636 -6.85 -39.14 -8.46
N ALA A 637 -5.86 -40.04 -8.47
CA ALA A 637 -5.42 -40.66 -9.70
C ALA A 637 -6.48 -41.61 -10.26
N SER A 638 -7.70 -41.50 -9.74
CA SER A 638 -8.79 -42.37 -10.17
C SER A 638 -10.10 -41.60 -10.37
N GLY A 639 -10.04 -40.27 -10.34
CA GLY A 639 -11.20 -39.47 -10.69
C GLY A 639 -11.97 -38.79 -9.57
N LYS A 640 -11.55 -39.00 -8.33
CA LYS A 640 -12.11 -38.21 -7.23
C LYS A 640 -11.31 -36.92 -7.13
N ASP A 641 -11.88 -35.85 -7.65
CA ASP A 641 -11.13 -34.61 -7.90
C ASP A 641 -11.11 -33.62 -6.73
N GLY A 642 -11.96 -33.83 -5.73
CA GLY A 642 -11.93 -32.99 -4.55
C GLY A 642 -10.55 -33.00 -3.93
N PHE A 643 -9.83 -34.11 -4.11
CA PHE A 643 -8.50 -34.28 -3.52
C PHE A 643 -7.46 -33.32 -4.09
N LEU A 644 -7.75 -32.70 -5.22
CA LEU A 644 -6.79 -31.75 -5.77
C LEU A 644 -6.69 -30.58 -4.81
N SER A 645 -7.82 -30.21 -4.22
CA SER A 645 -7.88 -29.11 -3.27
C SER A 645 -6.83 -29.23 -2.18
N PHE A 646 -6.45 -30.46 -1.86
CA PHE A 646 -5.43 -30.68 -0.86
C PHE A 646 -4.02 -30.50 -1.43
N PHE A 647 -3.76 -31.14 -2.56
CA PHE A 647 -2.42 -31.20 -3.13
C PHE A 647 -1.91 -29.85 -3.59
N GLU A 648 -2.82 -28.91 -3.82
CA GLU A 648 -2.44 -27.56 -4.22
C GLU A 648 -1.92 -26.76 -3.03
N VAL A 649 -2.57 -26.89 -1.88
CA VAL A 649 -2.19 -26.13 -0.70
C VAL A 649 -1.00 -26.77 0.01
N PHE A 650 -0.93 -28.09 -0.05
CA PHE A 650 0.19 -28.82 0.51
C PHE A 650 1.38 -28.62 -0.43
N ASN A 651 1.05 -28.33 -1.69
CA ASN A 651 1.99 -28.27 -2.80
C ASN A 651 3.33 -29.02 -2.67
N THR A 652 4.42 -28.31 -2.85
CA THR A 652 5.76 -28.87 -2.95
C THR A 652 6.21 -29.69 -1.74
N ARG A 653 5.50 -29.56 -0.63
CA ARG A 653 5.84 -30.30 0.58
C ARG A 653 5.96 -31.80 0.31
N LEU A 654 5.37 -32.25 -0.78
CA LEU A 654 5.34 -33.67 -1.13
C LEU A 654 6.73 -34.21 -1.42
N LEU A 655 7.49 -33.48 -2.22
CA LEU A 655 8.80 -33.95 -2.70
C LEU A 655 9.83 -34.22 -1.60
N ALA A 656 9.52 -33.87 -0.36
CA ALA A 656 10.42 -34.16 0.76
C ALA A 656 9.80 -35.11 1.78
N HIS A 657 8.84 -35.90 1.31
CA HIS A 657 8.13 -36.85 2.16
C HIS A 657 8.53 -38.25 1.71
N SER A 658 8.59 -39.19 2.66
CA SER A 658 8.93 -40.56 2.32
C SER A 658 8.17 -40.98 1.08
N PHE A 659 6.86 -40.81 1.12
CA PHE A 659 5.96 -41.24 0.07
C PHE A 659 6.44 -40.96 -1.37
N PHE A 660 7.07 -39.81 -1.58
CA PHE A 660 7.46 -39.40 -2.93
C PHE A 660 8.45 -40.36 -3.59
N HIS A 661 9.44 -40.80 -2.83
CA HIS A 661 10.41 -41.76 -3.34
C HIS A 661 9.70 -43.09 -3.62
N LYS A 662 8.56 -43.29 -2.97
CA LYS A 662 7.79 -44.52 -3.14
C LYS A 662 6.77 -44.44 -4.28
N ILE A 663 6.68 -43.30 -4.93
CA ILE A 663 5.74 -43.16 -6.05
C ILE A 663 6.41 -43.54 -7.36
N GLY A 664 7.73 -43.51 -7.36
CA GLY A 664 8.49 -43.90 -8.54
C GLY A 664 8.42 -45.40 -8.75
N SER A 665 7.39 -46.01 -8.19
CA SER A 665 7.20 -47.45 -8.27
C SER A 665 5.79 -47.82 -8.70
N LEU A 666 4.80 -47.09 -8.21
CA LEU A 666 3.42 -47.36 -8.58
C LEU A 666 3.25 -47.30 -10.09
N GLU A 667 2.42 -48.19 -10.64
CA GLU A 667 2.07 -48.14 -12.05
C GLU A 667 1.04 -47.03 -12.23
N ASN A 668 0.63 -46.47 -11.10
CA ASN A 668 -0.41 -45.45 -11.06
C ASN A 668 0.14 -44.07 -11.39
N ARG A 669 1.47 -43.93 -11.35
CA ARG A 669 2.12 -42.63 -11.25
C ARG A 669 1.70 -41.54 -12.26
N LEU A 670 1.68 -41.88 -13.54
CA LEU A 670 1.42 -40.86 -14.56
C LEU A 670 -0.04 -40.42 -14.62
N ASP A 671 -0.93 -41.27 -14.11
CA ASP A 671 -2.34 -40.91 -14.01
C ASP A 671 -2.49 -39.82 -12.97
N PHE A 672 -1.58 -39.84 -12.00
CA PHE A 672 -1.57 -38.88 -10.89
C PHE A 672 -0.99 -37.55 -11.33
N PHE A 673 0.26 -37.57 -11.78
CA PHE A 673 0.92 -36.36 -12.23
C PHE A 673 0.16 -35.67 -13.35
N SER A 674 -0.59 -36.44 -14.13
CA SER A 674 -1.45 -35.86 -15.15
C SER A 674 -2.31 -34.74 -14.57
N LYS A 675 -2.75 -34.92 -13.33
CA LYS A 675 -3.74 -34.02 -12.75
C LYS A 675 -3.14 -32.96 -11.83
N THR A 676 -1.87 -33.14 -11.46
CA THR A 676 -1.25 -32.29 -10.46
C THR A 676 0.07 -31.69 -10.91
N ILE A 677 0.52 -32.06 -12.09
CA ILE A 677 1.87 -31.69 -12.54
C ILE A 677 2.17 -30.19 -12.46
N HIS A 678 1.14 -29.36 -12.62
CA HIS A 678 1.37 -27.91 -12.52
C HIS A 678 1.96 -27.54 -11.17
N ILE A 679 1.42 -28.12 -10.10
CA ILE A 679 1.86 -27.83 -8.74
C ILE A 679 3.38 -27.95 -8.55
N TYR A 680 3.97 -29.01 -9.09
CA TYR A 680 5.35 -29.36 -8.78
C TYR A 680 6.37 -28.81 -9.79
N THR A 681 5.87 -28.37 -10.94
CA THR A 681 6.72 -27.88 -12.00
C THR A 681 7.50 -26.62 -11.61
N LYS A 682 7.09 -25.98 -10.52
CA LYS A 682 7.66 -24.71 -10.11
C LYS A 682 8.82 -24.87 -9.12
N THR A 683 8.93 -26.06 -8.54
CA THR A 683 9.93 -26.31 -7.49
C THR A 683 11.33 -25.84 -7.85
N SER A 684 12.13 -25.58 -6.83
CA SER A 684 13.52 -25.20 -7.02
C SER A 684 14.40 -26.44 -7.14
N GLN A 685 14.06 -27.48 -6.39
CA GLN A 685 14.83 -28.71 -6.41
C GLN A 685 14.44 -29.56 -7.62
N ILE A 686 15.10 -29.29 -8.74
CA ILE A 686 14.69 -29.85 -10.04
C ILE A 686 15.05 -31.33 -10.23
N GLN A 687 16.21 -31.73 -9.75
CA GLN A 687 16.64 -33.12 -9.89
C GLN A 687 15.52 -34.07 -9.46
N LYS A 688 14.68 -33.62 -8.54
CA LYS A 688 13.60 -34.44 -8.02
C LYS A 688 12.47 -34.67 -9.03
N ILE A 689 11.80 -33.60 -9.46
CA ILE A 689 10.76 -33.76 -10.48
C ILE A 689 11.37 -34.33 -11.75
N GLY A 690 12.69 -34.48 -11.75
CA GLY A 690 13.42 -34.99 -12.90
C GLY A 690 13.09 -36.42 -13.29
N PHE A 691 12.99 -37.30 -12.31
CA PHE A 691 12.74 -38.70 -12.61
C PHE A 691 11.40 -38.88 -13.33
N VAL A 692 10.48 -37.93 -13.17
CA VAL A 692 9.15 -38.05 -13.75
C VAL A 692 9.09 -37.58 -15.19
N PHE A 693 9.93 -36.61 -15.53
CA PHE A 693 9.99 -36.12 -16.90
C PHE A 693 10.53 -37.19 -17.84
N ASP A 694 11.49 -37.97 -17.35
CA ASP A 694 12.02 -39.12 -18.10
C ASP A 694 10.91 -40.14 -18.37
N ASP A 695 9.99 -40.29 -17.43
CA ASP A 695 8.90 -41.26 -17.55
C ASP A 695 7.83 -40.81 -18.55
N ALA A 696 7.50 -39.53 -18.53
CA ALA A 696 6.49 -39.00 -19.44
C ALA A 696 6.89 -39.23 -20.89
N LEU A 697 8.20 -39.16 -21.14
CA LEU A 697 8.74 -39.51 -22.44
C LEU A 697 8.48 -40.98 -22.74
N ARG A 698 9.18 -41.84 -22.02
CA ARG A 698 9.08 -43.28 -22.21
C ARG A 698 7.63 -43.71 -22.48
N GLU A 699 6.68 -43.00 -21.89
CA GLU A 699 5.27 -43.37 -21.99
C GLU A 699 4.48 -42.44 -22.90
N LYS A 700 5.17 -41.53 -23.57
CA LYS A 700 4.52 -40.59 -24.47
C LYS A 700 3.28 -39.98 -23.82
N ASN A 701 3.45 -39.51 -22.58
CA ASN A 701 2.34 -38.92 -21.85
C ASN A 701 2.24 -37.42 -22.11
N ILE A 702 1.45 -37.06 -23.11
CA ILE A 702 1.31 -35.67 -23.54
C ILE A 702 1.06 -34.70 -22.38
N THR A 703 -0.06 -34.88 -21.68
CA THR A 703 -0.47 -33.95 -20.63
C THR A 703 0.65 -33.66 -19.62
N VAL A 704 1.39 -34.69 -19.24
CA VAL A 704 2.47 -34.53 -18.29
C VAL A 704 3.69 -33.85 -18.90
N ILE A 705 3.82 -33.94 -20.22
CA ILE A 705 4.93 -33.30 -20.92
C ILE A 705 4.65 -31.81 -21.17
N ASN A 706 3.44 -31.50 -21.62
CA ASN A 706 3.02 -30.11 -21.76
C ASN A 706 3.27 -29.32 -20.48
N GLY A 707 2.84 -29.89 -19.36
CA GLY A 707 3.04 -29.26 -18.06
C GLY A 707 4.51 -29.01 -17.77
N PHE A 708 5.37 -29.90 -18.28
CA PHE A 708 6.80 -29.77 -18.07
C PHE A 708 7.43 -28.81 -19.06
N MET A 709 6.61 -28.24 -19.93
CA MET A 709 7.11 -27.37 -21.00
C MET A 709 7.23 -25.91 -20.58
N ARG A 710 6.21 -25.39 -19.89
CA ARG A 710 6.19 -24.00 -19.44
C ARG A 710 7.53 -23.62 -18.78
N SER A 711 8.30 -24.62 -18.40
CA SER A 711 9.65 -24.42 -17.90
C SER A 711 10.66 -24.56 -19.03
N LEU A 712 11.56 -23.59 -19.17
CA LEU A 712 12.57 -23.63 -20.22
C LEU A 712 13.50 -24.84 -20.11
N GLU A 713 14.08 -25.03 -18.93
CA GLU A 713 15.13 -26.04 -18.76
C GLU A 713 14.77 -27.40 -19.38
N PHE A 714 13.48 -27.69 -19.44
CA PHE A 714 13.06 -29.00 -19.92
C PHE A 714 12.88 -29.10 -21.43
N ASN A 715 12.65 -27.98 -22.11
CA ASN A 715 12.73 -27.96 -23.56
C ASN A 715 14.10 -28.45 -23.96
N GLU A 716 15.14 -27.84 -23.38
CA GLU A 716 16.51 -28.19 -23.70
C GLU A 716 16.70 -29.70 -23.73
N LYS A 717 16.04 -30.39 -22.79
CA LYS A 717 16.12 -31.83 -22.71
C LYS A 717 15.21 -32.48 -23.77
N PHE A 718 14.04 -31.90 -23.99
CA PHE A 718 13.09 -32.42 -24.97
C PHE A 718 13.67 -32.38 -26.37
N VAL A 719 13.94 -31.16 -26.85
CA VAL A 719 14.45 -30.99 -28.21
C VAL A 719 15.76 -31.76 -28.42
N ARG A 720 16.66 -31.70 -27.46
CA ARG A 720 17.95 -32.36 -27.62
C ARG A 720 17.76 -33.87 -27.80
N LYS A 721 16.53 -34.33 -27.60
CA LYS A 721 16.19 -35.75 -27.75
C LYS A 721 15.34 -36.00 -28.98
N ALA A 722 14.51 -35.03 -29.33
CA ALA A 722 13.67 -35.14 -30.54
C ALA A 722 14.54 -35.25 -31.78
N LEU A 723 15.74 -34.68 -31.72
CA LEU A 723 16.68 -34.72 -32.84
C LEU A 723 17.31 -36.10 -33.01
N GLU A 724 17.23 -36.91 -31.96
CA GLU A 724 17.79 -38.26 -31.99
C GLU A 724 16.76 -39.24 -32.58
N ASP A 725 15.52 -38.79 -32.63
CA ASP A 725 14.44 -39.52 -33.29
C ASP A 725 13.20 -38.67 -33.25
N LEU A 726 12.63 -38.40 -34.42
CA LEU A 726 11.50 -37.49 -34.52
C LEU A 726 10.17 -38.20 -34.38
N ASP A 727 9.67 -38.27 -33.15
CA ASP A 727 8.32 -38.75 -32.94
C ASP A 727 7.39 -37.60 -33.31
N VAL A 728 7.03 -37.55 -34.58
CA VAL A 728 6.26 -36.44 -35.13
C VAL A 728 4.87 -36.37 -34.52
N GLU A 729 4.32 -37.54 -34.17
CA GLU A 729 2.99 -37.61 -33.58
C GLU A 729 2.89 -36.69 -32.36
N LEU A 730 3.77 -36.91 -31.39
CA LEU A 730 3.77 -36.14 -30.15
C LEU A 730 4.28 -34.72 -30.37
N LEU A 731 5.24 -34.58 -31.26
CA LEU A 731 5.79 -33.27 -31.60
C LEU A 731 4.64 -32.34 -31.99
N ASP A 732 3.62 -32.91 -32.61
CA ASP A 732 2.44 -32.16 -33.03
C ASP A 732 1.64 -31.65 -31.83
N ALA A 733 1.68 -32.39 -30.73
CA ALA A 733 0.93 -32.03 -29.54
C ALA A 733 1.80 -31.38 -28.47
N VAL A 734 3.11 -31.35 -28.72
CA VAL A 734 4.06 -30.90 -27.71
C VAL A 734 4.74 -29.57 -28.01
N LEU A 735 5.34 -29.47 -29.19
CA LEU A 735 6.21 -28.33 -29.51
C LEU A 735 5.57 -26.96 -29.30
N MET A 736 4.35 -26.77 -29.77
CA MET A 736 3.68 -25.48 -29.67
C MET A 736 3.36 -25.08 -28.22
N SER A 737 3.74 -25.93 -27.28
CA SER A 737 3.53 -25.65 -25.86
C SER A 737 4.84 -25.20 -25.21
N GLY A 738 5.88 -25.06 -26.03
CA GLY A 738 7.18 -24.62 -25.54
C GLY A 738 7.58 -23.27 -26.14
N ASP A 739 8.85 -22.93 -26.03
CA ASP A 739 9.33 -21.66 -26.59
C ASP A 739 9.58 -21.80 -28.09
N HIS A 740 8.81 -21.05 -28.87
CA HIS A 740 8.87 -21.12 -30.33
C HIS A 740 10.28 -20.88 -30.90
N SER A 741 11.16 -20.29 -30.09
CA SER A 741 12.51 -19.97 -30.51
C SER A 741 13.31 -21.19 -30.97
N PHE A 742 12.75 -22.38 -30.79
CA PHE A 742 13.45 -23.62 -31.11
C PHE A 742 13.08 -24.16 -32.49
N ASN A 743 11.88 -23.82 -32.94
CA ASN A 743 11.31 -24.38 -34.17
C ASN A 743 12.26 -24.50 -35.37
N PRO A 744 12.98 -23.41 -35.70
CA PRO A 744 13.93 -23.40 -36.81
C PRO A 744 14.88 -24.59 -36.83
N LEU A 745 14.82 -25.45 -35.83
CA LEU A 745 15.65 -26.65 -35.80
C LEU A 745 14.96 -27.81 -36.50
N PHE A 746 13.63 -27.77 -36.56
CA PHE A 746 12.84 -28.88 -37.08
C PHE A 746 12.47 -28.75 -38.55
N VAL A 747 12.95 -27.71 -39.20
CA VAL A 747 12.56 -27.47 -40.60
C VAL A 747 13.26 -28.43 -41.56
N LYS A 748 14.58 -28.48 -41.53
CA LYS A 748 15.33 -29.42 -42.36
C LYS A 748 14.95 -30.88 -42.12
N PRO A 749 14.92 -31.30 -40.84
CA PRO A 749 14.62 -32.70 -40.53
C PRO A 749 13.19 -33.07 -40.92
N LEU A 750 12.30 -32.09 -40.89
CA LEU A 750 10.90 -32.33 -41.24
C LEU A 750 10.70 -32.39 -42.75
N LEU A 751 11.67 -31.85 -43.48
CA LEU A 751 11.61 -31.89 -44.93
C LEU A 751 12.14 -33.22 -45.49
N ARG A 752 13.21 -33.75 -44.90
CA ARG A 752 13.67 -35.09 -45.25
C ARG A 752 12.49 -36.03 -45.11
N ASN A 753 11.81 -35.91 -43.98
CA ASN A 753 10.64 -36.74 -43.70
C ASN A 753 9.60 -36.66 -44.79
N ILE A 754 9.55 -35.55 -45.52
CA ILE A 754 8.62 -35.42 -46.62
C ILE A 754 9.32 -35.71 -47.95
N SER A 755 10.53 -35.19 -48.10
CA SER A 755 11.36 -35.44 -49.28
C SER A 755 11.33 -36.93 -49.60
N GLY A 756 11.95 -37.73 -48.72
CA GLY A 756 11.70 -39.16 -48.73
C GLY A 756 10.37 -39.34 -48.02
N ASN A 757 9.57 -40.32 -48.43
CA ASN A 757 8.21 -40.44 -47.90
C ASN A 757 8.15 -41.12 -46.53
N ILE A 758 8.25 -40.31 -45.48
CA ILE A 758 8.27 -40.81 -44.10
C ILE A 758 7.35 -39.94 -43.22
N ASP A 759 6.33 -40.55 -42.63
CA ASP A 759 5.36 -39.81 -41.83
C ASP A 759 4.90 -38.58 -42.59
N ARG A 760 4.77 -38.72 -43.90
CA ARG A 760 4.51 -37.57 -44.77
C ARG A 760 3.39 -36.67 -44.24
N GLU A 761 2.25 -37.28 -43.90
CA GLU A 761 1.10 -36.53 -43.42
C GLU A 761 1.45 -35.74 -42.16
N ALA A 762 1.93 -36.44 -41.16
CA ALA A 762 2.27 -35.84 -39.87
C ALA A 762 3.27 -34.71 -40.03
N SER A 763 4.44 -35.03 -40.59
CA SER A 763 5.51 -34.05 -40.79
C SER A 763 4.96 -32.79 -41.45
N SER A 764 4.29 -32.98 -42.58
CA SER A 764 3.70 -31.87 -43.31
C SER A 764 2.77 -31.06 -42.41
N LYS A 765 2.01 -31.76 -41.57
CA LYS A 765 1.06 -31.12 -40.67
C LYS A 765 1.72 -30.18 -39.67
N VAL A 766 2.61 -30.72 -38.86
CA VAL A 766 3.32 -29.91 -37.87
C VAL A 766 4.12 -28.82 -38.58
N LEU A 767 4.66 -29.16 -39.74
CA LEU A 767 5.47 -28.23 -40.52
C LEU A 767 4.72 -26.92 -40.78
N SER A 768 3.43 -27.01 -41.08
CA SER A 768 2.61 -25.82 -41.31
C SER A 768 2.12 -25.21 -40.00
N LYS A 769 2.41 -25.87 -38.88
CA LYS A 769 2.18 -25.30 -37.56
C LYS A 769 3.38 -24.43 -37.18
N VAL A 770 4.56 -24.82 -37.64
CA VAL A 770 5.79 -24.12 -37.28
C VAL A 770 6.17 -22.96 -38.21
N ILE A 771 5.90 -23.09 -39.51
CA ILE A 771 6.29 -22.05 -40.46
C ILE A 771 5.83 -20.64 -40.08
N PRO A 772 4.57 -20.49 -39.65
CA PRO A 772 4.08 -19.16 -39.28
C PRO A 772 4.77 -18.56 -38.04
N THR A 773 5.73 -19.27 -37.47
CA THR A 773 6.41 -18.78 -36.28
C THR A 773 7.90 -18.61 -36.51
N LEU A 774 8.31 -18.56 -37.78
CA LEU A 774 9.71 -18.37 -38.10
C LEU A 774 10.15 -16.93 -37.85
N GLY A 775 9.20 -16.01 -37.90
CA GLY A 775 9.45 -14.62 -37.56
C GLY A 775 9.32 -14.40 -36.06
N PHE A 776 10.22 -15.02 -35.31
CA PHE A 776 10.16 -15.01 -33.85
C PHE A 776 11.54 -14.69 -33.27
N SER A 777 11.56 -13.83 -32.27
CA SER A 777 12.81 -13.44 -31.63
C SER A 777 13.41 -14.58 -30.82
N THR A 778 14.53 -15.11 -31.29
CA THR A 778 15.24 -16.17 -30.57
C THR A 778 15.51 -15.74 -29.13
N ASN A 779 15.59 -16.71 -28.23
CA ASN A 779 15.79 -16.43 -26.82
C ASN A 779 17.25 -16.47 -26.40
N THR A 780 17.69 -15.45 -25.67
CA THR A 780 19.07 -15.37 -25.19
C THR A 780 19.31 -16.31 -24.01
N LYS A 781 18.24 -16.67 -23.32
CA LYS A 781 18.32 -17.55 -22.16
C LYS A 781 19.01 -18.88 -22.48
N ILE A 782 18.53 -19.56 -23.51
CA ILE A 782 18.90 -20.94 -23.78
C ILE A 782 20.41 -21.20 -23.85
N SER A 783 20.78 -22.47 -23.73
CA SER A 783 22.17 -22.90 -23.77
C SER A 783 22.91 -22.37 -25.00
N LYS A 784 24.05 -21.73 -24.76
CA LYS A 784 24.88 -21.20 -25.84
C LYS A 784 25.20 -22.30 -26.86
N ASP A 785 25.10 -23.55 -26.43
CA ASP A 785 25.31 -24.68 -27.32
C ASP A 785 24.20 -24.74 -28.38
N LEU A 786 22.97 -24.54 -27.94
CA LEU A 786 21.82 -24.64 -28.84
C LEU A 786 21.63 -23.40 -29.71
N LEU A 787 22.33 -22.31 -29.38
CA LEU A 787 22.36 -21.15 -30.25
C LEU A 787 23.27 -21.43 -31.44
N GLU A 788 24.25 -22.30 -31.22
CA GLU A 788 25.18 -22.73 -32.27
C GLU A 788 24.42 -23.43 -33.39
N MET A 789 23.13 -23.67 -33.17
CA MET A 789 22.26 -24.30 -34.15
C MET A 789 21.07 -23.40 -34.48
N ILE A 790 20.42 -22.85 -33.46
CA ILE A 790 19.31 -21.93 -33.67
C ILE A 790 19.71 -20.80 -34.58
N GLU A 791 21.01 -20.52 -34.65
CA GLU A 791 21.52 -19.48 -35.51
C GLU A 791 22.12 -20.05 -36.79
N ARG A 792 22.77 -21.21 -36.69
CA ARG A 792 23.32 -21.86 -37.86
C ARG A 792 22.23 -22.15 -38.89
N GLU A 793 21.14 -22.75 -38.43
CA GLU A 793 20.01 -23.03 -39.30
C GLU A 793 19.31 -21.73 -39.69
N LYS A 794 18.93 -20.96 -38.69
CA LYS A 794 18.24 -19.69 -38.89
C LYS A 794 18.96 -18.86 -39.96
N LYS A 795 20.26 -19.09 -40.11
CA LYS A 795 21.05 -18.43 -41.13
C LYS A 795 20.75 -18.98 -42.51
N SER A 796 20.97 -20.28 -42.70
CA SER A 796 20.79 -20.92 -44.00
C SER A 796 19.40 -20.64 -44.58
N LEU A 797 18.47 -20.20 -43.75
CA LEU A 797 17.12 -19.90 -44.20
C LEU A 797 17.10 -18.61 -45.01
N GLU A 798 18.06 -17.73 -44.75
CA GLU A 798 18.19 -16.49 -45.51
C GLU A 798 19.28 -16.59 -46.57
N SER A 799 20.08 -17.65 -46.48
CA SER A 799 21.15 -17.90 -47.45
C SER A 799 20.74 -17.41 -48.84
N LEU A 800 21.62 -16.64 -49.46
CA LEU A 800 21.33 -15.97 -50.73
C LEU A 800 20.55 -14.68 -50.48
N LEU B 33 48.52 3.03 53.09
CA LEU B 33 49.40 2.85 51.94
C LEU B 33 48.61 2.34 50.74
N ASN B 34 48.99 1.15 50.26
CA ASN B 34 48.30 0.50 49.16
C ASN B 34 46.83 0.23 49.47
N THR B 35 46.54 -0.12 50.73
CA THR B 35 45.17 -0.33 51.17
C THR B 35 44.35 0.95 51.06
N ALA B 36 44.98 2.09 51.35
CA ALA B 36 44.35 3.38 51.15
C ALA B 36 44.02 3.57 49.68
N GLN B 37 44.97 3.24 48.81
CA GLN B 37 44.81 3.37 47.38
C GLN B 37 43.64 2.53 46.86
N SER B 38 43.43 1.36 47.47
CA SER B 38 42.35 0.48 47.04
C SER B 38 40.99 0.96 47.56
N LYS B 39 40.97 1.49 48.78
CA LYS B 39 39.75 2.00 49.39
C LYS B 39 39.17 3.18 48.62
N VAL B 40 40.05 4.03 48.10
CA VAL B 40 39.62 5.15 47.26
C VAL B 40 39.19 4.64 45.88
N LEU B 41 39.90 3.63 45.38
CA LEU B 41 39.49 2.95 44.15
C LEU B 41 38.08 2.39 44.35
N LYS B 42 37.85 1.82 45.53
CA LYS B 42 36.51 1.45 45.96
C LYS B 42 35.60 2.67 46.00
N GLY B 43 36.09 3.75 46.59
CA GLY B 43 35.39 5.02 46.51
C GLY B 43 34.96 5.27 45.07
N TYR B 44 33.65 5.24 44.84
CA TYR B 44 33.07 5.39 43.50
C TYR B 44 31.66 6.01 43.56
N THR B 45 31.17 6.52 42.42
CA THR B 45 29.74 6.90 42.23
C THR B 45 29.40 7.62 40.92
N THR B 46 28.20 7.33 40.40
CA THR B 46 27.56 8.16 39.38
C THR B 46 28.48 8.62 38.24
N ASP B 47 28.95 7.72 37.37
CA ASP B 47 29.73 8.17 36.21
C ASP B 47 30.29 7.17 35.20
N GLU B 48 30.77 7.70 34.08
CA GLU B 48 31.58 6.94 33.14
C GLU B 48 32.97 6.77 33.73
N LEU B 49 33.34 7.67 34.65
CA LEU B 49 34.66 7.59 35.27
C LEU B 49 34.85 6.37 36.17
N VAL B 50 33.74 5.78 36.62
CA VAL B 50 33.83 4.58 37.45
C VAL B 50 34.58 3.51 36.66
N SER B 51 34.56 3.64 35.34
CA SER B 51 35.29 2.74 34.45
C SER B 51 36.75 3.14 34.35
N GLN B 52 36.99 4.44 34.17
CA GLN B 52 38.35 4.97 34.11
C GLN B 52 39.21 4.44 35.26
N ILE B 53 38.63 4.44 36.46
CA ILE B 53 39.33 3.94 37.64
C ILE B 53 39.54 2.42 37.55
N LYS B 54 38.52 1.72 37.09
CA LYS B 54 38.62 0.28 36.85
C LYS B 54 39.72 0.00 35.84
N GLU B 55 39.62 0.67 34.69
CA GLU B 55 40.58 0.51 33.59
C GLU B 55 42.03 0.55 34.06
N TYR B 56 42.27 1.19 35.20
CA TYR B 56 43.63 1.50 35.59
C TYR B 56 44.34 0.44 36.44
N VAL B 57 43.58 -0.45 37.08
CA VAL B 57 44.17 -1.42 38.02
C VAL B 57 45.10 -2.46 37.37
N ASP B 58 46.10 -2.89 38.15
CA ASP B 58 47.11 -3.85 37.68
C ASP B 58 47.49 -4.96 38.69
N PHE B 59 48.67 -4.85 39.31
CA PHE B 59 49.22 -5.96 40.10
C PHE B 59 49.35 -5.75 41.61
N THR B 60 48.78 -6.67 42.39
CA THR B 60 48.91 -6.66 43.86
C THR B 60 48.82 -8.07 44.46
N PRO B 61 48.97 -8.17 45.80
CA PRO B 61 48.93 -9.44 46.55
C PRO B 61 47.58 -10.19 46.62
N TYR B 62 46.52 -9.60 47.19
CA TYR B 62 45.35 -10.42 47.53
C TYR B 62 43.93 -9.97 47.15
N ILE B 63 43.39 -9.04 47.93
CA ILE B 63 41.92 -8.97 48.15
C ILE B 63 40.97 -8.53 47.02
N LEU B 64 39.86 -9.27 46.92
CA LEU B 64 38.80 -8.97 45.96
C LEU B 64 37.42 -9.23 46.57
N LYS B 65 37.38 -9.59 47.84
CA LYS B 65 36.09 -9.75 48.52
C LYS B 65 35.26 -8.52 48.19
N GLN B 66 35.97 -7.43 47.87
CA GLN B 66 35.38 -6.16 47.45
C GLN B 66 34.62 -6.30 46.14
N THR B 67 35.15 -7.12 45.25
CA THR B 67 34.57 -7.34 43.92
C THR B 67 33.23 -8.07 43.96
N TYR B 68 33.08 -9.02 44.88
CA TYR B 68 31.80 -9.70 45.06
C TYR B 68 30.69 -8.71 45.39
N ARG B 69 31.07 -7.60 46.02
CA ARG B 69 30.16 -6.52 46.36
C ARG B 69 29.66 -5.80 45.09
N LEU B 70 30.51 -5.76 44.07
CA LEU B 70 30.18 -5.12 42.79
C LEU B 70 29.36 -6.05 41.89
N LEU B 71 29.60 -7.35 42.03
CA LEU B 71 28.89 -8.34 41.25
C LEU B 71 27.48 -8.58 41.79
N CYS B 72 27.18 -7.97 42.93
CA CYS B 72 25.82 -7.99 43.46
C CYS B 72 25.13 -6.65 43.28
N GLY B 73 25.74 -5.79 42.46
CA GLY B 73 25.18 -4.47 42.19
C GLY B 73 24.09 -4.51 41.15
N GLN B 74 23.02 -3.74 41.39
CA GLN B 74 21.90 -3.69 40.46
C GLN B 74 22.31 -2.93 39.21
N ALA B 75 23.32 -2.09 39.35
CA ALA B 75 23.86 -1.38 38.20
C ALA B 75 24.60 -2.34 37.28
N SER B 76 24.14 -2.44 36.03
CA SER B 76 24.78 -3.31 35.06
C SER B 76 26.29 -3.05 35.01
N GLU B 77 26.67 -1.79 34.97
CA GLU B 77 28.09 -1.42 34.92
C GLU B 77 28.83 -1.87 36.18
N ASP B 78 28.14 -1.86 37.32
CA ASP B 78 28.72 -2.38 38.56
C ASP B 78 29.18 -3.81 38.34
N ARG B 79 28.27 -4.64 37.87
CA ARG B 79 28.57 -6.03 37.54
C ARG B 79 29.65 -6.12 36.47
N ARG B 80 29.45 -5.45 35.35
CA ARG B 80 30.43 -5.47 34.26
C ARG B 80 31.81 -5.00 34.74
N ASN B 81 31.83 -4.35 35.89
CA ASN B 81 33.09 -3.85 36.46
C ASN B 81 33.74 -4.87 37.40
N GLY B 82 32.98 -5.35 38.38
CA GLY B 82 33.46 -6.39 39.26
C GLY B 82 33.94 -7.60 38.47
N ALA B 83 33.23 -7.92 37.40
CA ALA B 83 33.60 -9.02 36.55
C ALA B 83 34.77 -8.65 35.64
N ARG B 84 34.98 -7.34 35.45
CA ARG B 84 36.10 -6.85 34.68
C ARG B 84 37.35 -6.94 35.55
N ILE B 85 37.12 -6.97 36.86
CA ILE B 85 38.19 -7.08 37.85
C ILE B 85 38.64 -8.52 38.03
N LEU B 86 37.69 -9.38 38.41
CA LEU B 86 37.95 -10.80 38.54
C LEU B 86 38.62 -11.31 37.27
N ARG B 87 38.31 -10.65 36.16
CA ARG B 87 38.84 -11.01 34.86
C ARG B 87 40.37 -10.86 34.83
N SER B 88 40.86 -9.76 35.35
CA SER B 88 42.29 -9.44 35.22
C SER B 88 43.16 -10.11 36.28
N LEU B 89 42.53 -10.66 37.31
CA LEU B 89 43.26 -11.44 38.31
C LEU B 89 43.62 -12.81 37.75
N MET B 90 43.04 -13.16 36.61
CA MET B 90 43.21 -14.49 36.03
C MET B 90 44.52 -14.66 35.27
N PHE B 91 45.39 -15.50 35.82
CA PHE B 91 46.63 -15.89 35.19
C PHE B 91 46.60 -17.39 34.91
N GLN B 92 47.56 -17.89 34.14
CA GLN B 92 47.63 -19.31 33.85
C GLN B 92 47.76 -20.12 35.14
N PHE B 93 46.63 -20.43 35.75
CA PHE B 93 46.60 -21.06 37.07
C PHE B 93 45.73 -22.30 37.15
N LYS B 94 45.60 -22.84 38.36
CA LYS B 94 44.90 -24.10 38.57
C LYS B 94 43.39 -23.94 38.69
N LEU B 95 42.67 -24.72 37.89
CA LEU B 95 41.21 -24.73 37.90
C LEU B 95 40.68 -26.12 37.56
N VAL B 96 39.96 -26.73 38.51
CA VAL B 96 39.41 -28.07 38.32
C VAL B 96 38.18 -28.05 37.41
N THR B 97 38.16 -28.94 36.43
CA THR B 97 37.05 -29.00 35.49
C THR B 97 36.32 -30.34 35.56
N ASP B 98 35.73 -30.62 36.72
CA ASP B 98 34.82 -31.75 36.83
C ASP B 98 33.47 -31.31 36.30
N PHE B 99 33.00 -31.94 35.23
CA PHE B 99 31.78 -31.51 34.57
C PHE B 99 30.68 -32.56 34.56
N LYS B 100 29.89 -32.60 35.62
CA LYS B 100 28.81 -33.57 35.73
C LYS B 100 27.65 -33.20 34.83
N ILE B 101 27.75 -33.54 33.55
CA ILE B 101 26.63 -33.37 32.62
C ILE B 101 25.42 -34.06 33.21
N GLU B 102 24.24 -33.61 32.84
CA GLU B 102 23.03 -34.13 33.42
C GLU B 102 21.86 -33.33 32.88
N TYR B 103 20.66 -33.85 33.06
CA TYR B 103 19.47 -33.15 32.64
C TYR B 103 18.38 -33.37 33.67
N LYS B 104 18.67 -32.96 34.89
CA LYS B 104 17.69 -33.05 35.98
C LYS B 104 16.63 -31.98 35.80
N GLU B 105 15.37 -32.37 35.91
CA GLU B 105 14.30 -31.40 35.90
C GLU B 105 14.19 -30.76 37.29
N SER B 106 14.00 -29.45 37.32
CA SER B 106 13.93 -28.72 38.58
C SER B 106 12.51 -28.26 38.90
N SER B 107 12.28 -27.89 40.15
CA SER B 107 10.95 -27.44 40.57
C SER B 107 10.95 -25.95 40.91
N SER B 108 12.13 -25.36 41.02
CA SER B 108 12.23 -23.95 41.32
C SER B 108 11.72 -23.10 40.16
N ILE B 109 11.55 -21.81 40.42
CA ILE B 109 11.06 -20.85 39.44
C ILE B 109 11.75 -19.50 39.64
N TYR B 110 12.66 -19.17 38.73
CA TYR B 110 13.50 -18.00 38.91
C TYR B 110 12.92 -16.73 38.29
N LEU B 111 12.62 -15.75 39.13
CA LEU B 111 12.04 -14.48 38.69
C LEU B 111 12.99 -13.33 39.02
N SER B 112 12.47 -12.12 39.19
CA SER B 112 13.33 -10.97 39.49
C SER B 112 13.65 -10.90 40.97
N SER B 113 12.76 -11.47 41.79
CA SER B 113 12.94 -11.48 43.24
C SER B 113 11.87 -12.34 43.88
N THR B 114 11.74 -12.23 45.19
CA THR B 114 10.77 -13.05 45.94
C THR B 114 9.37 -12.45 45.87
N GLY B 115 9.30 -11.13 45.78
CA GLY B 115 8.03 -10.43 45.74
C GLY B 115 7.50 -10.12 47.13
N GLU B 116 8.40 -10.09 48.11
CA GLU B 116 8.02 -9.78 49.48
C GLU B 116 7.64 -8.32 49.62
N GLN B 117 8.42 -7.47 48.97
CA GLN B 117 8.19 -6.03 48.99
C GLN B 117 6.83 -5.65 48.41
N PHE B 118 6.10 -6.63 47.91
CA PHE B 118 4.75 -6.40 47.38
C PHE B 118 3.69 -6.61 48.45
N ASN B 119 4.09 -7.23 49.56
CA ASN B 119 3.17 -7.50 50.66
C ASN B 119 3.00 -6.31 51.61
N VAL B 120 2.47 -5.21 51.08
CA VAL B 120 2.25 -4.00 51.85
C VAL B 120 0.76 -3.61 51.79
N GLN B 121 0.40 -2.55 52.50
CA GLN B 121 -0.98 -2.06 52.52
C GLN B 121 -1.17 -0.82 51.64
N ALA B 122 -2.23 -0.84 50.83
CA ALA B 122 -2.49 0.21 49.85
C ALA B 122 -3.32 1.33 50.44
N PRO B 123 -3.00 2.58 50.07
CA PRO B 123 -3.75 3.75 50.53
C PRO B 123 -5.23 3.66 50.17
N SER B 124 -5.98 4.69 50.56
CA SER B 124 -7.40 4.77 50.23
C SER B 124 -7.56 4.84 48.73
N ILE B 125 -8.61 4.20 48.21
CA ILE B 125 -8.90 4.20 46.79
C ILE B 125 -8.72 5.59 46.20
N GLN B 126 -9.33 6.60 46.83
CA GLN B 126 -9.22 7.96 46.32
C GLN B 126 -7.78 8.45 46.27
N GLU B 127 -6.93 7.91 47.13
CA GLU B 127 -5.52 8.30 47.13
C GLU B 127 -4.76 7.60 46.04
N GLN B 128 -5.29 6.47 45.58
CA GLN B 128 -4.74 5.78 44.44
C GLN B 128 -5.27 6.43 43.17
N LYS B 129 -6.57 6.68 43.15
CA LYS B 129 -7.17 7.42 42.05
C LYS B 129 -6.38 8.71 41.79
N ARG B 130 -6.03 9.41 42.87
CA ARG B 130 -5.32 10.67 42.74
C ARG B 130 -3.96 10.46 42.09
N MET B 131 -3.29 9.38 42.49
CA MET B 131 -1.99 9.04 41.93
C MET B 131 -2.12 8.70 40.43
N VAL B 132 -3.08 7.84 40.10
CA VAL B 132 -3.35 7.53 38.71
C VAL B 132 -3.47 8.83 37.92
N ARG B 133 -4.26 9.76 38.44
CA ARG B 133 -4.51 11.02 37.76
C ARG B 133 -3.23 11.83 37.58
N LYS B 134 -2.34 11.79 38.56
CA LYS B 134 -1.12 12.58 38.45
C LYS B 134 -0.24 12.00 37.35
N ILE B 135 -0.12 10.69 37.32
CA ILE B 135 0.79 10.02 36.39
C ILE B 135 0.29 10.11 34.95
N ALA B 136 -1.03 10.15 34.79
CA ALA B 136 -1.66 10.21 33.48
C ALA B 136 -2.02 11.64 33.07
N LYS B 137 -1.49 12.61 33.80
CA LYS B 137 -1.73 14.01 33.50
C LYS B 137 -3.21 14.31 33.27
N LEU B 138 -4.05 13.82 34.17
CA LEU B 138 -5.51 14.02 34.07
C LEU B 138 -6.04 15.12 34.98
N GLU B 139 -5.20 16.12 35.28
CA GLU B 139 -5.58 17.19 36.18
C GLU B 139 -6.68 18.07 35.59
N HIS B 140 -7.64 18.44 36.43
CA HIS B 140 -8.68 19.41 36.09
C HIS B 140 -9.91 18.83 35.39
N VAL B 141 -9.89 17.55 35.08
CA VAL B 141 -10.93 16.97 34.24
C VAL B 141 -11.61 15.77 34.90
N GLU B 142 -12.81 15.46 34.42
CA GLU B 142 -13.55 14.29 34.93
C GLU B 142 -12.97 13.01 34.35
N ALA B 143 -12.52 12.12 35.22
CA ALA B 143 -12.01 10.82 34.81
C ALA B 143 -12.86 9.72 35.42
N ASN B 144 -13.91 9.33 34.70
CA ASN B 144 -14.87 8.37 35.24
C ASN B 144 -14.67 6.94 34.74
N PHE B 145 -13.47 6.63 34.27
CA PHE B 145 -13.23 5.33 33.63
C PHE B 145 -12.60 4.29 34.56
N LEU B 146 -12.39 4.65 35.82
CA LEU B 146 -11.78 3.73 36.77
C LEU B 146 -12.68 3.43 37.96
N SER B 147 -13.44 2.35 37.86
CA SER B 147 -14.28 1.90 38.97
C SER B 147 -13.40 1.34 40.08
N ASP B 148 -13.97 1.17 41.27
CA ASP B 148 -13.20 0.70 42.41
C ASP B 148 -12.76 -0.76 42.26
N ILE B 149 -13.56 -1.55 41.55
CA ILE B 149 -13.25 -2.97 41.35
C ILE B 149 -11.83 -3.14 40.83
N ASP B 150 -11.34 -2.13 40.12
CA ASP B 150 -10.03 -2.16 39.52
C ASP B 150 -8.92 -2.03 40.58
N PHE B 151 -9.32 -1.68 41.81
CA PHE B 151 -8.36 -1.44 42.87
C PHE B 151 -8.27 -2.52 43.95
N LYS B 152 -9.35 -3.29 44.12
CA LYS B 152 -9.39 -4.30 45.19
C LYS B 152 -8.16 -5.20 45.11
N ALA B 153 -7.80 -5.80 46.25
CA ALA B 153 -6.61 -6.64 46.32
C ALA B 153 -6.94 -8.14 46.38
N GLY B 154 -5.90 -8.96 46.50
CA GLY B 154 -6.06 -10.40 46.57
C GLY B 154 -4.77 -11.10 46.98
N PRO B 168 29.14 -13.04 56.05
CA PRO B 168 30.26 -13.94 55.82
C PRO B 168 30.78 -13.71 54.43
N ILE B 169 31.88 -13.00 54.29
CA ILE B 169 32.38 -12.73 52.93
C ILE B 169 33.91 -12.63 52.83
N GLU B 170 34.59 -12.67 53.97
CA GLU B 170 36.04 -12.45 54.00
C GLU B 170 36.87 -13.73 54.11
N ASN B 171 36.84 -14.57 53.07
CA ASN B 171 37.71 -15.73 53.00
C ASN B 171 38.46 -15.76 51.66
N VAL B 172 39.65 -16.36 51.67
CA VAL B 172 40.51 -16.37 50.48
C VAL B 172 39.84 -17.01 49.27
N LEU B 173 39.01 -18.03 49.53
CA LEU B 173 38.37 -18.76 48.43
C LEU B 173 36.87 -18.79 48.58
N ASP B 174 36.39 -18.73 49.81
CA ASP B 174 34.96 -18.93 50.12
C ASP B 174 34.00 -18.14 49.22
N PHE B 175 34.50 -17.13 48.52
CA PHE B 175 33.64 -16.31 47.68
C PHE B 175 33.18 -17.04 46.42
N PHE B 176 33.82 -18.16 46.10
CA PHE B 176 33.34 -19.03 45.03
C PHE B 176 32.23 -19.93 45.57
N GLU B 177 32.11 -19.97 46.90
CA GLU B 177 31.03 -20.70 47.55
C GLU B 177 29.79 -19.82 47.59
N GLN B 178 29.99 -18.51 47.52
CA GLN B 178 28.89 -17.56 47.48
C GLN B 178 28.47 -17.31 46.03
N ILE B 179 29.44 -17.15 45.15
CA ILE B 179 29.18 -16.99 43.72
C ILE B 179 28.30 -18.11 43.19
N SER B 180 28.82 -19.33 43.20
CA SER B 180 28.13 -20.46 42.62
C SER B 180 26.77 -20.68 43.27
N ASP B 181 26.70 -20.53 44.59
CA ASP B 181 25.43 -20.67 45.28
C ASP B 181 24.40 -19.66 44.78
N ASN B 182 24.90 -18.54 44.24
CA ASN B 182 24.06 -17.41 43.89
C ASN B 182 23.48 -17.38 42.47
N LEU B 183 24.10 -18.07 41.52
CA LEU B 183 23.52 -18.11 40.19
C LEU B 183 22.25 -18.94 40.20
N LEU B 184 21.80 -19.28 41.41
CA LEU B 184 20.47 -19.82 41.64
C LEU B 184 19.80 -19.02 42.74
N SER B 185 20.24 -17.77 42.89
CA SER B 185 19.63 -16.87 43.88
C SER B 185 18.34 -16.33 43.30
N TYR B 186 17.47 -15.84 44.18
CA TYR B 186 16.16 -15.37 43.73
C TYR B 186 16.22 -13.92 43.24
N GLU B 187 17.40 -13.30 43.37
CA GLU B 187 17.61 -11.93 42.90
C GLU B 187 18.29 -11.92 41.54
N TRP B 188 17.55 -11.54 40.51
CA TRP B 188 17.98 -11.70 39.13
C TRP B 188 19.33 -11.05 38.80
N TYR B 189 19.64 -9.92 39.43
CA TYR B 189 20.92 -9.26 39.19
C TYR B 189 22.09 -10.05 39.78
N LYS B 190 21.83 -10.77 40.88
CA LYS B 190 22.83 -11.63 41.48
C LYS B 190 23.18 -12.74 40.52
N ARG B 191 22.15 -13.40 39.99
CA ARG B 191 22.32 -14.44 38.98
C ARG B 191 23.09 -13.89 37.81
N HIS B 192 22.68 -12.73 37.31
CA HIS B 192 23.37 -12.13 36.18
C HIS B 192 24.83 -11.85 36.50
N GLY B 193 25.11 -11.51 37.75
CA GLY B 193 26.46 -11.20 38.20
C GLY B 193 27.31 -12.45 38.29
N ALA B 194 26.74 -13.51 38.84
CA ALA B 194 27.42 -14.80 38.89
C ALA B 194 27.87 -15.20 37.49
N PHE B 195 26.92 -15.39 36.58
CA PHE B 195 27.22 -15.81 35.22
C PHE B 195 28.23 -14.87 34.56
N LEU B 196 28.34 -13.66 35.08
CA LEU B 196 29.27 -12.70 34.51
C LEU B 196 30.70 -12.97 34.96
N ALA B 197 30.83 -13.38 36.22
CA ALA B 197 32.14 -13.69 36.79
C ALA B 197 32.77 -14.90 36.10
N PHE B 198 31.98 -15.94 35.88
CA PHE B 198 32.46 -17.15 35.22
C PHE B 198 32.92 -16.84 33.80
N ALA B 199 32.14 -16.06 33.08
CA ALA B 199 32.54 -15.61 31.75
C ALA B 199 33.94 -15.05 31.81
N ALA B 200 34.23 -14.33 32.89
CA ALA B 200 35.54 -13.74 33.12
C ALA B 200 36.61 -14.82 33.23
N MET B 201 36.47 -15.66 34.25
CA MET B 201 37.39 -16.77 34.45
C MET B 201 37.90 -17.34 33.12
N PHE B 202 36.99 -17.87 32.32
CA PHE B 202 37.36 -18.55 31.08
C PHE B 202 37.54 -17.59 29.89
N SER B 203 37.92 -16.35 30.18
CA SER B 203 38.08 -15.35 29.11
C SER B 203 39.32 -15.58 28.26
N GLU B 204 40.40 -16.01 28.90
CA GLU B 204 41.69 -16.16 28.23
C GLU B 204 42.12 -17.62 28.11
N ILE B 205 41.28 -18.52 28.62
CA ILE B 205 41.48 -19.96 28.48
C ILE B 205 42.82 -20.48 29.02
N ASP B 206 43.18 -20.06 30.24
CA ASP B 206 44.38 -20.55 30.89
C ASP B 206 44.07 -21.10 32.27
N GLN B 212 44.77 -22.07 41.99
CA GLN B 212 44.70 -23.35 42.67
C GLN B 212 43.30 -23.61 43.21
N ILE B 213 42.30 -23.51 42.33
CA ILE B 213 40.90 -23.52 42.75
C ILE B 213 40.04 -24.48 41.91
N ARG B 214 39.16 -25.20 42.59
CA ARG B 214 38.30 -26.19 41.95
C ARG B 214 36.98 -25.59 41.50
N VAL B 215 36.78 -25.51 40.18
CA VAL B 215 35.55 -24.98 39.63
C VAL B 215 34.40 -25.98 39.76
N ASP B 216 33.37 -25.60 40.51
CA ASP B 216 32.23 -26.46 40.83
C ASP B 216 31.89 -27.43 39.72
N SER B 217 31.60 -28.68 40.09
CA SER B 217 31.21 -29.71 39.13
C SER B 217 29.73 -29.66 38.81
N LYS B 218 28.93 -29.29 39.81
CA LYS B 218 27.49 -29.13 39.63
C LYS B 218 27.19 -27.85 38.86
N LEU B 219 28.23 -27.21 38.36
CA LEU B 219 28.12 -26.01 37.53
C LEU B 219 27.04 -26.16 36.47
N PHE B 220 27.12 -27.25 35.71
CA PHE B 220 26.22 -27.47 34.58
C PHE B 220 24.79 -27.76 35.02
N SER B 221 24.64 -28.59 36.04
CA SER B 221 23.31 -28.84 36.59
C SER B 221 22.70 -27.53 37.06
N LYS B 222 23.45 -26.45 36.91
CA LYS B 222 22.98 -25.10 37.27
C LYS B 222 22.69 -24.26 36.03
N ILE B 223 23.58 -24.28 35.04
CA ILE B 223 23.29 -23.59 33.78
C ILE B 223 21.98 -24.07 33.18
N TYR B 224 21.95 -25.34 32.78
CA TYR B 224 20.73 -25.99 32.32
C TYR B 224 19.63 -25.77 33.34
N GLU B 225 20.00 -25.76 34.62
CA GLU B 225 19.02 -25.46 35.66
C GLU B 225 18.18 -24.27 35.26
N ILE B 226 18.82 -23.13 35.00
CA ILE B 226 18.09 -21.89 34.74
C ILE B 226 17.58 -21.77 33.30
N LEU B 227 18.28 -22.37 32.34
CA LEU B 227 17.89 -22.26 30.94
C LEU B 227 16.46 -22.68 30.68
N VAL B 228 15.93 -23.56 31.53
CA VAL B 228 14.59 -24.09 31.32
C VAL B 228 13.69 -23.77 32.50
N THR B 229 14.24 -23.05 33.47
CA THR B 229 13.49 -22.73 34.68
C THR B 229 13.34 -21.21 34.92
N ASP B 230 14.22 -20.41 34.31
CA ASP B 230 14.17 -18.95 34.44
C ASP B 230 13.09 -18.34 33.54
N LYS B 231 12.25 -17.47 34.10
CA LYS B 231 11.20 -16.80 33.33
C LYS B 231 11.27 -15.27 33.46
N PHE B 232 12.47 -14.72 33.28
CA PHE B 232 12.68 -13.29 33.47
C PHE B 232 13.06 -12.61 32.17
N ASN B 233 12.23 -11.67 31.74
CA ASN B 233 12.41 -11.03 30.43
C ASN B 233 12.44 -9.51 30.50
N ASP B 234 12.88 -8.88 29.41
CA ASP B 234 12.87 -7.43 29.31
C ASP B 234 12.13 -7.03 28.03
N PHE B 235 10.86 -6.65 28.18
CA PHE B 235 10.02 -6.31 27.04
C PHE B 235 10.12 -4.84 26.65
N VAL B 236 11.01 -4.10 27.28
CA VAL B 236 11.17 -2.68 27.00
C VAL B 236 11.22 -2.39 25.50
N ASP B 237 11.83 -3.28 24.72
CA ASP B 237 11.88 -3.13 23.27
C ASP B 237 11.08 -4.21 22.58
N ASP B 238 10.77 -4.01 21.30
CA ASP B 238 9.97 -4.95 20.54
C ASP B 238 10.61 -6.34 20.56
N ARG B 239 11.91 -6.37 20.27
CA ARG B 239 12.68 -7.60 20.39
C ARG B 239 12.94 -7.92 21.86
N THR B 240 12.29 -8.96 22.36
CA THR B 240 12.45 -9.36 23.77
C THR B 240 13.88 -9.74 24.12
N VAL B 241 14.13 -9.84 25.42
CA VAL B 241 15.49 -10.07 25.92
C VAL B 241 15.41 -10.78 27.26
N ALA B 242 16.25 -11.80 27.44
CA ALA B 242 16.29 -12.56 28.69
C ALA B 242 17.65 -12.44 29.37
N PRO B 243 17.78 -11.47 30.29
CA PRO B 243 19.05 -11.01 30.88
C PRO B 243 19.90 -12.13 31.52
N VAL B 244 19.32 -12.88 32.44
CA VAL B 244 20.04 -13.97 33.08
C VAL B 244 20.34 -15.06 32.06
N ARG B 245 19.30 -15.61 31.47
CA ARG B 245 19.44 -16.69 30.49
C ARG B 245 20.40 -16.35 29.36
N ASP B 246 20.42 -15.09 28.94
CA ASP B 246 21.30 -14.71 27.85
C ASP B 246 22.76 -14.92 28.22
N ALA B 247 23.06 -14.78 29.51
CA ALA B 247 24.42 -14.89 29.99
C ALA B 247 24.76 -16.34 30.31
N ALA B 248 23.80 -17.06 30.89
CA ALA B 248 23.93 -18.49 31.11
C ALA B 248 24.29 -19.14 29.78
N ALA B 249 23.42 -18.96 28.80
CA ALA B 249 23.68 -19.43 27.45
C ALA B 249 25.07 -19.00 27.00
N TYR B 250 25.51 -17.84 27.45
CA TYR B 250 26.83 -17.38 27.02
C TYR B 250 27.93 -18.19 27.66
N LEU B 251 27.85 -18.36 28.98
CA LEU B 251 28.81 -19.17 29.70
C LEU B 251 29.01 -20.47 28.95
N LEU B 252 27.91 -21.10 28.60
CA LEU B 252 27.90 -22.35 27.84
C LEU B 252 28.80 -22.26 26.62
N SER B 253 28.67 -21.18 25.85
CA SER B 253 29.51 -20.97 24.68
C SER B 253 30.99 -21.08 25.03
N ARG B 254 31.32 -20.78 26.28
CA ARG B 254 32.71 -20.70 26.72
C ARG B 254 33.19 -21.99 27.39
N ILE B 255 32.27 -22.68 28.07
CA ILE B 255 32.58 -23.94 28.74
C ILE B 255 32.72 -25.12 27.77
N TYR B 256 32.10 -25.03 26.59
CA TYR B 256 31.96 -26.18 25.70
C TYR B 256 33.27 -26.92 25.39
N PRO B 257 34.25 -26.24 24.77
CA PRO B 257 35.46 -26.97 24.33
C PRO B 257 36.23 -27.63 25.48
N LEU B 258 35.83 -27.34 26.71
CA LEU B 258 36.46 -27.96 27.86
C LEU B 258 35.53 -29.05 28.37
N ILE B 259 34.73 -29.58 27.46
CA ILE B 259 33.75 -30.61 27.79
C ILE B 259 33.62 -31.53 26.57
N GLY B 260 34.01 -32.79 26.74
CA GLY B 260 34.26 -33.65 25.59
C GLY B 260 33.07 -34.42 25.04
N PRO B 261 32.60 -35.42 25.80
CA PRO B 261 31.49 -36.31 25.40
C PRO B 261 30.18 -35.76 25.94
N ASN B 262 29.47 -35.03 25.10
CA ASN B 262 28.31 -34.25 25.54
C ASN B 262 26.99 -34.67 24.91
N ASP B 263 26.78 -34.22 23.68
CA ASP B 263 25.50 -34.33 22.97
C ASP B 263 24.59 -33.14 23.27
N ILE B 264 25.08 -32.18 24.07
CA ILE B 264 24.27 -31.08 24.58
C ILE B 264 23.54 -30.29 23.49
N ILE B 265 24.28 -29.91 22.45
CA ILE B 265 23.66 -29.34 21.27
C ILE B 265 22.40 -30.12 20.89
N GLU B 266 22.50 -31.45 20.93
CA GLU B 266 21.37 -32.31 20.59
C GLU B 266 20.18 -32.19 21.56
N GLN B 267 20.46 -31.93 22.83
CA GLN B 267 19.38 -31.72 23.80
C GLN B 267 18.74 -30.36 23.64
N LEU B 268 19.54 -29.38 23.25
CA LEU B 268 19.04 -28.02 23.05
C LEU B 268 17.97 -27.96 21.97
N VAL B 269 18.27 -28.45 20.77
CA VAL B 269 17.30 -28.37 19.68
C VAL B 269 15.99 -29.05 20.06
N GLY B 270 16.01 -29.83 21.13
CA GLY B 270 14.79 -30.39 21.67
C GLY B 270 13.95 -29.33 22.36
N PHE B 271 14.63 -28.28 22.81
CA PHE B 271 13.93 -27.14 23.40
C PHE B 271 12.99 -26.53 22.38
N LEU B 272 13.37 -26.60 21.10
CA LEU B 272 12.58 -26.01 20.05
C LEU B 272 11.21 -26.69 19.92
N ASP B 273 11.03 -27.79 20.65
CA ASP B 273 9.79 -28.57 20.60
C ASP B 273 8.90 -28.31 21.81
N SER B 274 9.21 -27.26 22.55
CA SER B 274 8.48 -26.95 23.78
C SER B 274 7.26 -26.06 23.50
N GLY B 275 6.29 -26.10 24.39
CA GLY B 275 5.08 -25.29 24.25
C GLY B 275 5.23 -23.93 24.90
N ASP B 276 6.37 -23.73 25.55
CA ASP B 276 6.65 -22.47 26.23
C ASP B 276 7.70 -21.67 25.45
N TRP B 277 7.29 -20.52 24.90
CA TRP B 277 8.20 -19.74 24.04
C TRP B 277 9.52 -19.41 24.75
N GLN B 278 9.44 -19.25 26.06
CA GLN B 278 10.62 -18.92 26.86
C GLN B 278 11.69 -20.01 26.77
N VAL B 279 11.31 -21.26 26.98
CA VAL B 279 12.29 -22.35 26.85
C VAL B 279 12.76 -22.50 25.40
N GLN B 280 11.85 -22.29 24.45
CA GLN B 280 12.24 -22.21 23.05
C GLN B 280 13.26 -21.08 22.91
N PHE B 281 12.95 -19.96 23.54
CA PHE B 281 13.82 -18.80 23.52
C PHE B 281 15.23 -19.17 23.98
N SER B 282 15.32 -19.84 25.13
CA SER B 282 16.59 -20.26 25.68
C SER B 282 17.35 -21.12 24.67
N GLY B 283 16.71 -22.17 24.20
CA GLY B 283 17.32 -23.07 23.24
C GLY B 283 17.88 -22.35 22.03
N LEU B 284 17.17 -21.33 21.58
CA LEU B 284 17.55 -20.63 20.35
C LEU B 284 18.76 -19.70 20.54
N ILE B 285 18.85 -19.02 21.67
CA ILE B 285 20.02 -18.19 21.92
C ILE B 285 21.22 -19.04 22.29
N ALA B 286 20.96 -20.18 22.90
CA ALA B 286 22.02 -21.12 23.27
C ALA B 286 22.64 -21.73 22.02
N LEU B 287 21.79 -22.10 21.07
CA LEU B 287 22.25 -22.71 19.84
C LEU B 287 22.90 -21.65 18.97
N GLY B 288 22.65 -20.40 19.31
CA GLY B 288 23.15 -19.29 18.52
C GLY B 288 24.63 -19.09 18.74
N TYR B 289 25.05 -19.20 19.99
CA TYR B 289 26.46 -19.07 20.34
C TYR B 289 27.23 -20.32 19.93
N LEU B 290 26.54 -21.46 19.91
CA LEU B 290 27.16 -22.76 19.66
C LEU B 290 27.05 -23.21 18.20
N LYS B 291 26.68 -22.29 17.32
CA LYS B 291 26.33 -22.66 15.95
C LYS B 291 27.45 -23.30 15.13
N GLU B 292 28.68 -23.21 15.61
CA GLU B 292 29.80 -23.84 14.89
C GLU B 292 29.83 -25.32 15.21
N PHE B 293 29.78 -25.63 16.50
CA PHE B 293 29.86 -27.01 16.96
C PHE B 293 28.72 -27.89 16.45
N VAL B 294 27.54 -27.29 16.30
CA VAL B 294 26.37 -28.05 15.86
C VAL B 294 26.69 -28.86 14.61
N GLU B 295 26.46 -30.17 14.69
CA GLU B 295 26.43 -31.03 13.51
C GLU B 295 25.08 -31.72 13.41
N ASP B 296 24.83 -32.36 12.26
CA ASP B 296 23.49 -32.80 11.90
C ASP B 296 22.72 -31.53 11.56
N LYS B 297 23.34 -30.71 10.72
CA LYS B 297 22.83 -29.37 10.44
C LYS B 297 21.49 -29.41 9.73
N ASP B 298 21.37 -30.27 8.71
CA ASP B 298 20.09 -30.45 8.03
C ASP B 298 18.98 -30.74 9.03
N GLY B 299 19.35 -31.24 10.20
CA GLY B 299 18.38 -31.57 11.23
C GLY B 299 17.84 -30.33 11.92
N LEU B 300 18.75 -29.47 12.37
CA LEU B 300 18.39 -28.20 13.01
C LEU B 300 17.51 -27.36 12.07
N CYS B 301 18.01 -27.12 10.87
CA CYS B 301 17.28 -26.37 9.86
C CYS B 301 15.80 -26.78 9.80
N ARG B 302 15.55 -28.06 9.58
CA ARG B 302 14.19 -28.56 9.50
C ARG B 302 13.36 -28.09 10.68
N LYS B 303 13.94 -28.15 11.87
CA LYS B 303 13.24 -27.75 13.08
C LYS B 303 13.02 -26.24 13.11
N LEU B 304 14.02 -25.50 12.65
CA LEU B 304 13.94 -24.04 12.62
C LEU B 304 12.87 -23.56 11.65
N VAL B 305 12.92 -24.08 10.42
CA VAL B 305 11.96 -23.70 9.38
C VAL B 305 10.55 -23.84 9.92
N SER B 306 10.31 -24.88 10.72
CA SER B 306 9.02 -25.08 11.34
C SER B 306 8.64 -23.86 12.17
N LEU B 307 9.63 -23.31 12.89
CA LEU B 307 9.44 -22.19 13.79
C LEU B 307 9.27 -20.85 13.09
N LEU B 308 9.53 -20.79 11.79
CA LEU B 308 9.33 -19.54 11.04
C LEU B 308 7.87 -19.12 11.07
N SER B 309 7.02 -20.00 11.57
CA SER B 309 5.59 -19.74 11.59
C SER B 309 5.02 -19.84 12.99
N SER B 310 5.90 -19.75 13.99
CA SER B 310 5.45 -19.80 15.37
C SER B 310 4.45 -18.68 15.63
N PRO B 311 3.50 -18.93 16.53
CA PRO B 311 2.61 -17.84 16.95
C PRO B 311 3.39 -16.73 17.66
N ASP B 312 4.50 -17.10 18.31
CA ASP B 312 5.27 -16.12 19.06
C ASP B 312 6.33 -15.41 18.22
N GLU B 313 6.25 -14.08 18.22
CA GLU B 313 7.03 -13.24 17.33
C GLU B 313 8.54 -13.33 17.58
N ASP B 314 8.93 -13.53 18.83
CA ASP B 314 10.35 -13.57 19.17
C ASP B 314 10.98 -14.89 18.75
N ILE B 315 10.20 -15.96 18.84
CA ILE B 315 10.62 -17.22 18.25
C ILE B 315 10.72 -17.06 16.75
N LYS B 316 9.70 -16.44 16.15
CA LYS B 316 9.73 -16.18 14.71
C LYS B 316 11.05 -15.55 14.33
N LEU B 317 11.39 -14.49 15.04
CA LEU B 317 12.57 -13.68 14.77
C LEU B 317 13.88 -14.44 14.98
N LEU B 318 14.17 -14.79 16.24
CA LEU B 318 15.39 -15.52 16.58
C LEU B 318 15.65 -16.67 15.62
N SER B 319 14.58 -17.35 15.23
CA SER B 319 14.65 -18.53 14.39
C SER B 319 15.07 -18.20 12.97
N ALA B 320 14.43 -17.21 12.36
CA ALA B 320 14.78 -16.82 11.00
C ALA B 320 16.20 -16.25 10.91
N GLU B 321 16.74 -15.84 12.06
CA GLU B 321 18.06 -15.23 12.08
C GLU B 321 19.13 -16.29 12.24
N LEU B 322 18.80 -17.34 12.97
CA LEU B 322 19.71 -18.47 13.12
C LEU B 322 19.79 -19.25 11.82
N LEU B 323 18.65 -19.43 11.18
CA LEU B 323 18.58 -20.20 9.94
C LEU B 323 19.29 -19.48 8.81
N CYS B 324 19.95 -18.37 9.13
CA CYS B 324 20.63 -17.58 8.12
C CYS B 324 22.09 -17.96 7.99
N HIS B 325 22.65 -18.54 9.05
CA HIS B 325 24.04 -18.96 9.03
C HIS B 325 24.20 -20.34 8.39
N PHE B 326 23.13 -21.12 8.41
CA PHE B 326 23.17 -22.47 7.87
C PHE B 326 22.77 -22.52 6.40
N PRO B 327 23.20 -23.58 5.71
CA PRO B 327 22.89 -23.87 4.31
C PRO B 327 21.44 -24.24 4.11
N ILE B 328 20.87 -23.87 2.98
CA ILE B 328 19.46 -24.10 2.70
C ILE B 328 19.28 -24.68 1.31
N THR B 329 18.80 -25.92 1.23
CA THR B 329 18.65 -26.61 -0.04
C THR B 329 17.27 -27.25 -0.22
N ASP B 330 17.03 -28.35 0.48
CA ASP B 330 15.79 -29.09 0.31
C ASP B 330 14.59 -28.26 0.74
N SER B 331 14.77 -27.48 1.80
CA SER B 331 13.66 -26.77 2.41
C SER B 331 13.29 -25.47 1.72
N LEU B 332 14.13 -25.02 0.79
CA LEU B 332 14.02 -23.63 0.33
C LEU B 332 12.70 -23.29 -0.37
N ASP B 333 11.96 -24.30 -0.84
CA ASP B 333 10.62 -24.05 -1.36
C ASP B 333 9.73 -23.56 -0.22
N LEU B 334 9.96 -24.14 0.95
CA LEU B 334 9.15 -23.91 2.13
C LEU B 334 9.48 -22.57 2.78
N VAL B 335 10.77 -22.32 3.01
CA VAL B 335 11.19 -21.04 3.57
C VAL B 335 10.68 -19.94 2.66
N LEU B 336 10.85 -20.15 1.35
CA LEU B 336 10.32 -19.19 0.38
C LEU B 336 8.83 -18.96 0.65
N GLU B 337 8.07 -20.03 0.78
CA GLU B 337 6.63 -19.92 1.03
C GLU B 337 6.33 -19.22 2.36
N LYS B 338 6.99 -19.66 3.42
CA LYS B 338 6.71 -19.13 4.75
C LYS B 338 7.16 -17.68 4.90
N CYS B 339 8.31 -17.34 4.32
CA CYS B 339 8.81 -15.98 4.38
C CYS B 339 7.91 -14.99 3.63
N TRP B 340 7.58 -15.33 2.39
CA TRP B 340 6.67 -14.51 1.61
C TRP B 340 5.32 -14.34 2.30
N LYS B 341 4.89 -15.38 3.00
CA LYS B 341 3.63 -15.36 3.71
C LYS B 341 3.74 -14.45 4.94
N ASN B 342 4.95 -14.32 5.47
CA ASN B 342 5.18 -13.49 6.65
C ASN B 342 5.36 -12.03 6.29
N ILE B 343 5.28 -11.72 5.00
CA ILE B 343 5.39 -10.35 4.55
C ILE B 343 4.06 -9.79 4.08
N GLU B 344 3.39 -10.52 3.19
CA GLU B 344 2.12 -10.10 2.62
C GLU B 344 1.10 -9.78 3.72
N SER B 345 1.42 -10.20 4.94
CA SER B 345 0.52 -10.00 6.07
C SER B 345 0.10 -8.54 6.24
N GLU B 346 0.93 -7.62 5.73
CA GLU B 346 0.68 -6.19 5.88
C GLU B 346 0.16 -5.80 7.27
N GLU B 347 0.57 -6.57 8.28
CA GLU B 347 0.22 -6.26 9.66
C GLU B 347 0.96 -5.01 10.08
N LEU B 348 0.46 -4.35 11.12
CA LEU B 348 1.02 -3.06 11.54
C LEU B 348 2.55 -3.08 11.56
N ILE B 349 3.13 -3.69 12.60
CA ILE B 349 4.59 -3.83 12.66
C ILE B 349 5.00 -5.21 13.20
N SER B 350 6.07 -5.75 12.64
CA SER B 350 6.60 -7.03 13.08
C SER B 350 8.12 -7.01 13.13
N VAL B 351 8.66 -7.32 14.31
CA VAL B 351 10.11 -7.38 14.49
C VAL B 351 10.72 -8.42 13.57
N SER B 352 9.90 -9.39 13.17
CA SER B 352 10.36 -10.52 12.37
C SER B 352 10.44 -10.19 10.87
N LYS B 353 9.98 -9.01 10.49
CA LYS B 353 9.96 -8.64 9.08
C LYS B 353 11.37 -8.56 8.51
N THR B 354 12.27 -7.91 9.22
CA THR B 354 13.61 -7.70 8.70
C THR B 354 14.35 -9.02 8.58
N SER B 355 14.13 -9.91 9.54
CA SER B 355 14.71 -11.24 9.48
C SER B 355 14.25 -11.99 8.23
N ASN B 356 12.94 -12.02 8.02
CA ASN B 356 12.38 -12.72 6.87
C ASN B 356 12.89 -12.16 5.55
N LEU B 357 12.98 -10.84 5.44
CA LEU B 357 13.50 -10.20 4.23
C LEU B 357 14.95 -10.58 4.02
N SER B 358 15.75 -10.42 5.08
CA SER B 358 17.14 -10.80 5.06
C SER B 358 17.31 -12.24 4.59
N LEU B 359 16.38 -13.09 5.01
CA LEU B 359 16.39 -14.51 4.68
C LEU B 359 16.09 -14.76 3.19
N LEU B 360 15.14 -14.02 2.64
CA LEU B 360 14.86 -14.08 1.20
C LEU B 360 16.08 -13.62 0.42
N THR B 361 16.64 -12.49 0.83
CA THR B 361 17.81 -11.91 0.19
C THR B 361 18.92 -12.94 0.02
N LYS B 362 19.16 -13.70 1.10
CA LYS B 362 20.16 -14.75 1.09
C LYS B 362 19.85 -15.83 0.07
N ILE B 363 18.58 -16.19 -0.05
CA ILE B 363 18.19 -17.30 -0.91
C ILE B 363 18.38 -16.97 -2.37
N TYR B 364 18.00 -15.76 -2.76
CA TYR B 364 18.11 -15.37 -4.15
C TYR B 364 19.56 -15.12 -4.56
N ARG B 365 20.40 -14.77 -3.60
CA ARG B 365 21.83 -14.60 -3.84
C ARG B 365 22.53 -15.95 -4.00
N GLU B 366 22.21 -16.88 -3.13
CA GLU B 366 22.83 -18.21 -3.14
C GLU B 366 22.17 -19.16 -4.14
N ASN B 367 21.09 -18.72 -4.78
CA ASN B 367 20.39 -19.55 -5.76
C ASN B 367 20.02 -18.76 -7.01
N PRO B 368 21.04 -18.22 -7.69
CA PRO B 368 20.93 -17.30 -8.82
C PRO B 368 19.76 -17.54 -9.77
N GLU B 369 19.47 -18.80 -10.10
CA GLU B 369 18.43 -19.09 -11.10
C GLU B 369 17.03 -18.66 -10.65
N LEU B 370 16.77 -18.74 -9.36
CA LEU B 370 15.50 -18.31 -8.81
C LEU B 370 15.39 -16.78 -8.84
N SER B 371 14.17 -16.29 -9.06
CA SER B 371 13.95 -14.85 -9.12
C SER B 371 12.63 -14.48 -8.46
N ILE B 372 12.54 -13.25 -7.98
CA ILE B 372 11.33 -12.76 -7.34
C ILE B 372 10.13 -12.85 -8.28
N PRO B 373 9.08 -13.55 -7.85
CA PRO B 373 7.84 -13.73 -8.61
C PRO B 373 7.07 -12.42 -8.75
N PRO B 374 6.68 -12.06 -9.97
CA PRO B 374 6.03 -10.78 -10.27
C PRO B 374 4.85 -10.46 -9.37
N GLU B 375 4.04 -11.45 -9.07
CA GLU B 375 2.87 -11.24 -8.22
C GLU B 375 3.30 -10.88 -6.81
N ARG B 376 4.58 -11.09 -6.50
CA ARG B 376 5.11 -10.82 -5.17
C ARG B 376 5.64 -9.39 -5.01
N LEU B 377 6.05 -8.79 -6.11
CA LEU B 377 6.45 -7.39 -6.14
C LEU B 377 5.48 -6.51 -5.37
N LYS B 378 4.19 -6.71 -5.59
CA LYS B 378 3.16 -5.92 -4.92
C LYS B 378 3.46 -5.76 -3.44
N ASP B 379 4.03 -6.81 -2.85
CA ASP B 379 4.23 -6.87 -1.41
C ASP B 379 5.56 -6.25 -0.98
N ILE B 380 6.47 -6.10 -1.92
CA ILE B 380 7.77 -5.48 -1.65
C ILE B 380 7.66 -3.96 -1.52
N PHE B 381 6.83 -3.35 -2.36
CA PHE B 381 6.75 -1.89 -2.46
C PHE B 381 6.59 -1.15 -1.14
N PRO B 382 5.62 -1.55 -0.33
CA PRO B 382 5.35 -0.80 0.91
C PRO B 382 6.52 -0.81 1.87
N CYS B 383 7.56 -1.57 1.55
CA CYS B 383 8.74 -1.67 2.40
C CYS B 383 9.67 -0.46 2.29
N PHE B 384 9.80 0.07 1.08
CA PHE B 384 10.63 1.25 0.84
C PHE B 384 10.19 2.44 1.68
N THR B 385 8.99 2.36 2.23
CA THR B 385 8.39 3.48 2.95
C THR B 385 8.00 3.06 4.37
N SER B 386 8.38 1.83 4.73
CA SER B 386 8.22 1.34 6.09
C SER B 386 8.64 2.42 7.07
N PRO B 387 8.05 2.40 8.27
CA PRO B 387 8.43 3.41 9.26
C PRO B 387 9.59 2.94 10.13
N VAL B 388 10.05 1.71 9.90
CA VAL B 388 11.21 1.17 10.58
C VAL B 388 12.41 1.11 9.63
N PRO B 389 13.45 1.89 9.95
CA PRO B 389 14.62 2.08 9.09
C PRO B 389 15.26 0.78 8.65
N GLU B 390 15.38 -0.17 9.56
CA GLU B 390 15.95 -1.48 9.24
C GLU B 390 15.24 -2.16 8.08
N VAL B 391 13.91 -2.01 8.00
CA VAL B 391 13.16 -2.56 6.87
C VAL B 391 13.55 -1.85 5.58
N ARG B 392 13.46 -0.52 5.58
CA ARG B 392 13.83 0.25 4.41
C ARG B 392 15.23 -0.11 3.92
N THR B 393 16.15 -0.23 4.86
CA THR B 393 17.52 -0.56 4.51
C THR B 393 17.62 -1.95 3.90
N SER B 394 16.97 -2.92 4.55
CA SER B 394 17.00 -4.30 4.07
C SER B 394 16.40 -4.45 2.68
N ILE B 395 15.34 -3.70 2.42
CA ILE B 395 14.66 -3.84 1.14
C ILE B 395 15.53 -3.30 0.00
N LEU B 396 16.25 -2.22 0.27
CA LEU B 396 17.14 -1.63 -0.73
C LEU B 396 18.30 -2.54 -1.04
N ASN B 397 18.76 -3.29 -0.05
CA ASN B 397 19.85 -4.22 -0.25
C ASN B 397 19.40 -5.45 -1.02
N MET B 398 18.14 -5.82 -0.85
CA MET B 398 17.55 -6.96 -1.55
C MET B 398 17.52 -6.73 -3.06
N VAL B 399 16.96 -5.58 -3.46
CA VAL B 399 16.83 -5.24 -4.87
C VAL B 399 18.15 -4.75 -5.47
N LYS B 400 19.25 -5.10 -4.83
CA LYS B 400 20.56 -4.56 -5.14
C LYS B 400 21.05 -4.86 -6.57
N ASN B 401 20.74 -6.05 -7.07
CA ASN B 401 21.27 -6.48 -8.36
C ASN B 401 20.20 -6.69 -9.43
N LEU B 402 19.07 -6.01 -9.29
CA LEU B 402 17.93 -6.22 -10.18
C LEU B 402 17.67 -5.04 -11.12
N SER B 403 17.27 -5.34 -12.35
CA SER B 403 16.95 -4.30 -13.32
C SER B 403 15.46 -4.34 -13.68
N GLU B 404 14.61 -4.33 -12.67
CA GLU B 404 13.17 -4.41 -12.87
C GLU B 404 12.51 -3.03 -12.85
N GLU B 405 12.01 -2.60 -14.01
CA GLU B 405 11.38 -1.29 -14.15
C GLU B 405 10.47 -0.97 -12.97
N SER B 406 9.56 -1.89 -12.68
CA SER B 406 8.69 -1.78 -11.53
C SER B 406 9.44 -1.22 -10.31
N ILE B 407 10.50 -1.93 -9.92
CA ILE B 407 11.28 -1.57 -8.74
C ILE B 407 11.93 -0.20 -8.85
N ASP B 408 12.55 0.06 -9.99
CA ASP B 408 13.29 1.31 -10.19
C ASP B 408 12.44 2.54 -9.88
N PHE B 409 11.18 2.53 -10.30
CA PHE B 409 10.26 3.60 -9.95
C PHE B 409 10.23 3.82 -8.45
N LEU B 410 10.15 2.73 -7.70
CA LEU B 410 10.12 2.80 -6.25
C LEU B 410 11.41 3.40 -5.69
N VAL B 411 12.54 2.95 -6.24
CA VAL B 411 13.84 3.45 -5.82
C VAL B 411 14.00 4.97 -6.02
N ALA B 412 13.55 5.46 -7.17
CA ALA B 412 13.52 6.89 -7.42
C ALA B 412 12.63 7.63 -6.42
N GLU B 413 11.47 7.05 -6.11
CA GLU B 413 10.58 7.65 -5.13
C GLU B 413 11.33 7.84 -3.81
N VAL B 414 12.09 6.83 -3.43
CA VAL B 414 12.85 6.85 -2.19
C VAL B 414 13.79 8.06 -2.07
N VAL B 415 14.51 8.39 -3.13
CA VAL B 415 15.39 9.54 -3.05
C VAL B 415 14.60 10.84 -2.93
N LEU B 416 13.38 10.85 -3.46
CA LEU B 416 12.55 12.04 -3.36
C LEU B 416 11.97 12.30 -1.96
N ILE B 417 11.71 11.25 -1.19
CA ILE B 417 10.96 11.41 0.04
C ILE B 417 11.54 10.74 1.30
N GLU B 418 12.67 10.07 1.18
CA GLU B 418 13.29 9.42 2.33
C GLU B 418 13.68 10.46 3.38
N GLU B 419 13.58 10.08 4.65
CA GLU B 419 13.96 10.98 5.74
C GLU B 419 15.47 10.99 6.00
N LYS B 420 16.04 9.80 6.22
CA LYS B 420 17.45 9.64 6.54
C LYS B 420 18.36 9.66 5.32
N ASP B 421 19.29 10.62 5.26
CA ASP B 421 20.18 10.73 4.09
C ASP B 421 21.06 9.51 3.82
N GLU B 422 21.46 8.77 4.86
CA GLU B 422 22.30 7.59 4.66
C GLU B 422 21.53 6.47 3.98
N ILE B 423 20.22 6.42 4.23
CA ILE B 423 19.36 5.47 3.54
C ILE B 423 19.15 5.94 2.12
N ARG B 424 18.93 7.24 1.95
CA ARG B 424 18.74 7.79 0.61
C ARG B 424 19.93 7.46 -0.28
N GLU B 425 21.13 7.45 0.32
CA GLU B 425 22.34 7.21 -0.46
C GLU B 425 22.37 5.79 -1.02
N MET B 426 21.76 4.85 -0.31
CA MET B 426 21.65 3.49 -0.82
C MET B 426 20.86 3.46 -2.12
N ALA B 427 19.78 4.24 -2.16
CA ALA B 427 18.99 4.38 -3.37
C ALA B 427 19.79 5.10 -4.45
N ILE B 428 20.34 6.26 -4.10
CA ILE B 428 21.13 7.03 -5.04
C ILE B 428 22.20 6.16 -5.72
N LYS B 429 23.00 5.45 -4.93
CA LYS B 429 24.05 4.59 -5.49
C LYS B 429 23.47 3.60 -6.49
N LEU B 430 22.28 3.08 -6.20
CA LEU B 430 21.62 2.09 -7.02
C LEU B 430 21.22 2.64 -8.38
N LEU B 431 20.85 3.91 -8.44
CA LEU B 431 20.46 4.53 -9.69
C LEU B 431 21.64 4.94 -10.56
N LYS B 432 22.72 5.44 -9.94
CA LYS B 432 23.88 5.95 -10.68
C LYS B 432 24.69 4.88 -11.41
N LYS B 433 24.61 3.63 -10.96
CA LYS B 433 25.38 2.56 -11.59
C LYS B 433 24.70 2.01 -12.83
N ARG B 434 23.93 2.84 -13.51
CA ARG B 434 23.12 2.39 -14.64
C ARG B 434 23.04 3.44 -15.73
N ARG B 435 23.23 3.01 -16.98
CA ARG B 435 23.19 3.93 -18.11
C ARG B 435 21.97 3.67 -18.97
N ASP B 436 21.00 2.95 -18.41
CA ASP B 436 19.85 2.50 -19.18
C ASP B 436 18.52 2.55 -18.44
N LEU B 437 18.30 3.62 -17.68
CA LEU B 437 17.00 3.77 -17.01
C LEU B 437 15.91 3.90 -18.06
N PRO B 438 14.78 3.23 -17.83
CA PRO B 438 13.63 3.22 -18.74
C PRO B 438 13.18 4.62 -19.14
N LYS B 439 13.10 4.86 -20.44
CA LYS B 439 12.60 6.12 -21.00
C LYS B 439 11.43 6.71 -20.22
N ASN B 440 10.47 5.86 -19.85
CA ASN B 440 9.26 6.32 -19.18
C ASN B 440 9.50 6.79 -17.75
N LEU B 441 10.47 6.17 -17.08
CA LEU B 441 10.85 6.59 -15.74
C LEU B 441 11.47 7.98 -15.73
N ILE B 442 12.51 8.15 -16.54
CA ILE B 442 13.12 9.45 -16.70
C ILE B 442 12.07 10.50 -17.04
N LEU B 443 11.22 10.18 -18.01
CA LEU B 443 10.18 11.08 -18.47
C LEU B 443 9.21 11.44 -17.36
N HIS B 444 8.84 10.44 -16.57
CA HIS B 444 7.88 10.62 -15.49
C HIS B 444 8.43 11.58 -14.44
N PHE B 445 9.54 11.22 -13.82
CA PHE B 445 10.10 12.03 -12.74
C PHE B 445 10.58 13.42 -13.18
N MET B 446 10.83 13.58 -14.47
CA MET B 446 11.11 14.90 -15.02
C MET B 446 9.88 15.78 -14.81
N ASN B 447 8.71 15.15 -14.74
CA ASN B 447 7.48 15.88 -14.50
C ASN B 447 7.28 16.14 -13.02
N VAL B 448 7.41 15.09 -12.24
CA VAL B 448 7.24 15.18 -10.79
C VAL B 448 8.08 16.29 -10.19
N ILE B 449 9.39 16.27 -10.46
CA ILE B 449 10.30 17.24 -9.87
C ILE B 449 10.10 18.63 -10.44
N GLY B 450 9.28 18.73 -11.47
CA GLY B 450 8.94 20.02 -12.05
C GLY B 450 7.71 20.62 -11.39
N GLY B 451 7.12 19.87 -10.47
CA GLY B 451 5.92 20.31 -9.78
C GLY B 451 6.20 21.52 -8.93
N SER B 452 5.17 22.30 -8.63
CA SER B 452 5.33 23.43 -7.73
C SER B 452 5.98 22.95 -6.45
N LEU B 453 6.74 23.84 -5.83
CA LEU B 453 7.46 23.52 -4.60
C LEU B 453 6.65 23.87 -3.36
N TYR B 454 5.40 24.27 -3.58
CA TYR B 454 4.56 24.73 -2.48
C TYR B 454 3.33 23.85 -2.29
N GLU B 455 3.13 22.92 -3.21
CA GLU B 455 2.10 21.89 -3.06
C GLU B 455 2.74 20.52 -2.91
N PRO B 456 2.00 19.55 -2.35
CA PRO B 456 2.57 18.23 -2.11
C PRO B 456 2.66 17.40 -3.38
N TYR B 457 3.25 16.22 -3.29
CA TYR B 457 3.27 15.28 -4.39
C TYR B 457 1.91 14.62 -4.53
N SER B 458 1.58 14.19 -5.74
CA SER B 458 0.28 13.61 -6.04
C SER B 458 0.28 12.08 -5.95
N GLU B 459 -0.76 11.51 -5.34
CA GLU B 459 -0.86 10.05 -5.22
C GLU B 459 -0.85 9.38 -6.59
N ASP B 460 -1.34 10.11 -7.59
CA ASP B 460 -1.37 9.62 -8.94
C ASP B 460 0.02 9.29 -9.46
N ASP B 461 1.03 9.98 -8.91
CA ASP B 461 2.40 9.92 -9.43
C ASP B 461 3.35 9.02 -8.66
N PHE B 462 2.96 8.58 -7.47
CA PHE B 462 3.79 7.71 -6.62
C PHE B 462 3.07 6.42 -6.23
N VAL B 463 3.82 5.35 -6.05
CA VAL B 463 3.27 4.12 -5.52
C VAL B 463 3.24 4.23 -4.02
N SER B 464 4.14 5.04 -3.49
CA SER B 464 4.27 5.25 -2.05
C SER B 464 3.30 6.34 -1.57
N TYR B 465 3.06 6.35 -0.26
CA TYR B 465 2.29 7.42 0.33
C TYR B 465 2.74 7.66 1.76
N GLU B 466 2.96 8.92 2.10
CA GLU B 466 3.10 9.33 3.50
C GLU B 466 2.64 10.78 3.73
N ASP B 467 1.91 10.99 4.82
CA ASP B 467 1.32 12.29 5.14
C ASP B 467 2.33 13.41 5.00
N LEU B 468 3.59 13.08 5.22
CA LEU B 468 4.64 14.08 5.26
C LEU B 468 4.85 14.78 3.91
N TYR B 469 4.87 14.00 2.83
CA TYR B 469 5.16 14.56 1.52
C TYR B 469 3.93 14.69 0.64
N PHE B 470 2.79 14.20 1.11
CA PHE B 470 1.60 14.14 0.27
C PHE B 470 0.42 14.99 0.73
N THR B 471 0.66 15.83 1.74
CA THR B 471 -0.38 16.74 2.25
C THR B 471 0.22 18.10 2.58
N LYS B 472 -0.56 19.16 2.42
CA LYS B 472 -0.07 20.51 2.65
C LYS B 472 0.50 20.68 4.06
N SER B 473 -0.24 20.22 5.05
CA SER B 473 0.25 20.21 6.43
C SER B 473 1.66 19.62 6.50
N GLY B 474 1.86 18.50 5.83
CA GLY B 474 3.14 17.81 5.87
C GLY B 474 4.24 18.55 5.14
N ILE B 475 3.92 19.05 3.96
CA ILE B 475 4.92 19.66 3.10
C ILE B 475 5.41 20.99 3.67
N ASN B 476 4.67 21.53 4.64
CA ASN B 476 5.09 22.74 5.32
C ASN B 476 6.07 22.43 6.43
N VAL B 477 5.92 21.24 7.00
CA VAL B 477 6.85 20.77 8.01
C VAL B 477 8.19 20.40 7.38
N VAL B 478 8.15 19.81 6.19
CA VAL B 478 9.36 19.40 5.50
C VAL B 478 10.15 20.63 5.09
N GLY B 479 9.52 21.52 4.33
CA GLY B 479 10.16 22.73 3.89
C GLY B 479 10.63 22.69 2.46
N LYS B 480 10.51 23.82 1.78
CA LYS B 480 10.92 23.96 0.39
C LYS B 480 12.34 23.44 0.13
N ASP B 481 13.29 23.89 0.94
CA ASP B 481 14.69 23.51 0.75
C ASP B 481 14.90 22.00 0.69
N GLU B 482 14.40 21.27 1.68
CA GLU B 482 14.56 19.81 1.71
C GLU B 482 13.96 19.16 0.47
N ILE B 483 12.79 19.64 0.06
CA ILE B 483 12.14 19.11 -1.12
C ILE B 483 13.04 19.32 -2.33
N LEU B 484 13.49 20.57 -2.54
CA LEU B 484 14.36 20.89 -3.65
C LEU B 484 15.66 20.08 -3.63
N LYS B 485 16.27 19.97 -2.46
CA LYS B 485 17.45 19.14 -2.29
C LYS B 485 17.28 17.79 -2.98
N ASN B 486 16.27 17.05 -2.55
CA ASN B 486 16.06 15.70 -3.00
C ASN B 486 15.74 15.59 -4.48
N ARG B 487 15.03 16.56 -5.03
CA ARG B 487 14.73 16.58 -6.44
C ARG B 487 16.05 16.71 -7.18
N CYS B 488 16.88 17.63 -6.70
CA CYS B 488 18.19 17.84 -7.29
C CYS B 488 19.03 16.56 -7.24
N LEU B 489 18.92 15.83 -6.13
CA LEU B 489 19.65 14.58 -5.99
C LEU B 489 19.18 13.54 -7.00
N LEU B 490 17.88 13.41 -7.19
CA LEU B 490 17.34 12.47 -8.16
C LEU B 490 17.76 12.87 -9.56
N PHE B 491 17.65 14.15 -9.85
CA PHE B 491 18.11 14.68 -11.14
C PHE B 491 19.56 14.26 -11.42
N GLU B 492 20.44 14.45 -10.44
CA GLU B 492 21.82 14.00 -10.56
C GLU B 492 21.90 12.53 -10.97
N CYS B 493 21.02 11.71 -10.39
CA CYS B 493 21.01 10.26 -10.65
C CYS B 493 20.61 9.88 -12.06
N ILE B 494 19.54 10.49 -12.57
CA ILE B 494 18.99 10.08 -13.86
C ILE B 494 19.73 10.71 -15.03
N MET B 495 20.48 11.76 -14.76
CA MET B 495 21.23 12.44 -15.80
C MET B 495 22.32 11.57 -16.41
N LYS B 496 22.78 10.59 -15.64
CA LYS B 496 23.89 9.77 -16.08
C LYS B 496 23.48 8.74 -17.12
N SER B 497 22.18 8.63 -17.37
CA SER B 497 21.66 7.64 -18.31
C SER B 497 21.43 8.23 -19.69
N GLY B 498 20.73 7.48 -20.54
CA GLY B 498 20.36 7.98 -21.86
C GLY B 498 19.08 8.79 -21.79
N LEU B 499 19.09 10.00 -22.33
CA LEU B 499 17.93 10.87 -22.21
C LEU B 499 17.09 10.89 -23.47
N PRO B 500 15.79 10.61 -23.34
CA PRO B 500 14.84 10.81 -24.44
C PRO B 500 14.45 12.28 -24.51
N ASP B 501 13.87 12.70 -25.64
CA ASP B 501 13.42 14.08 -25.80
C ASP B 501 12.26 14.40 -24.88
N LEU B 502 12.34 15.54 -24.21
CA LEU B 502 11.30 15.96 -23.29
C LEU B 502 10.07 16.39 -24.07
N GLN B 503 8.94 15.75 -23.80
CA GLN B 503 7.71 16.07 -24.51
C GLN B 503 6.79 16.98 -23.71
N SER B 504 6.41 16.52 -22.52
CA SER B 504 5.42 17.22 -21.71
C SER B 504 5.85 18.65 -21.38
N THR B 505 4.92 19.39 -20.78
CA THR B 505 5.19 20.73 -20.29
C THR B 505 4.31 21.01 -19.08
N ILE B 506 4.94 21.41 -17.97
CA ILE B 506 4.21 21.70 -16.74
C ILE B 506 4.18 23.21 -16.49
N GLU B 507 5.22 23.89 -16.95
CA GLU B 507 5.32 25.35 -16.86
C GLU B 507 5.11 25.92 -15.46
N THR B 508 6.14 25.75 -14.63
CA THR B 508 6.32 26.53 -13.42
C THR B 508 7.80 26.81 -13.32
N THR B 509 8.15 27.95 -12.74
CA THR B 509 9.53 28.23 -12.37
C THR B 509 10.36 26.97 -12.30
N THR B 510 9.89 26.01 -11.51
CA THR B 510 10.67 24.82 -11.17
C THR B 510 10.83 23.84 -12.34
N SER B 511 9.78 23.62 -13.11
CA SER B 511 9.90 22.76 -14.29
C SER B 511 10.72 23.48 -15.35
N ARG B 512 10.44 24.77 -15.53
CA ARG B 512 11.25 25.58 -16.43
C ARG B 512 12.72 25.38 -16.05
N THR B 513 13.03 25.57 -14.77
CA THR B 513 14.38 25.38 -14.26
C THR B 513 14.99 24.05 -14.66
N PHE B 514 14.36 22.95 -14.26
CA PHE B 514 14.92 21.62 -14.50
C PHE B 514 15.02 21.21 -15.97
N ILE B 515 14.03 21.50 -16.80
CA ILE B 515 14.14 21.10 -18.20
C ILE B 515 15.26 21.87 -18.89
N SER B 516 15.47 23.12 -18.45
CA SER B 516 16.56 23.94 -18.96
C SER B 516 17.89 23.21 -18.85
N LEU B 517 18.20 22.73 -17.65
CA LEU B 517 19.41 21.96 -17.43
C LEU B 517 19.36 20.62 -18.18
N TYR B 518 18.17 20.03 -18.26
CA TYR B 518 17.99 18.75 -18.93
C TYR B 518 18.51 18.88 -20.36
N ARG B 519 18.03 19.89 -21.06
CA ARG B 519 18.45 20.13 -22.43
C ARG B 519 19.95 20.43 -22.55
N SER B 520 20.52 21.11 -21.55
CA SER B 520 21.95 21.37 -21.50
C SER B 520 22.76 20.08 -21.44
N VAL B 521 22.29 19.11 -20.68
CA VAL B 521 22.98 17.83 -20.59
C VAL B 521 22.90 17.10 -21.92
N GLN B 522 21.73 17.12 -22.53
CA GLN B 522 21.58 16.56 -23.86
C GLN B 522 22.60 17.19 -24.79
N ALA B 523 22.62 18.52 -24.81
CA ALA B 523 23.53 19.26 -25.69
C ALA B 523 24.98 18.85 -25.49
N LEU B 524 25.41 18.76 -24.24
CA LEU B 524 26.79 18.41 -23.94
C LEU B 524 27.14 17.04 -24.54
N VAL B 525 26.14 16.18 -24.66
CA VAL B 525 26.35 14.82 -25.14
C VAL B 525 26.33 14.73 -26.66
N LYS B 526 25.50 15.58 -27.26
CA LYS B 526 25.31 15.56 -28.71
C LYS B 526 26.24 16.54 -29.41
N ASP B 527 27.11 17.18 -28.63
CA ASP B 527 27.91 18.31 -29.12
C ASP B 527 27.07 19.27 -29.97
N THR B 528 25.86 19.55 -29.50
CA THR B 528 25.01 20.54 -30.16
C THR B 528 25.63 21.93 -30.04
N PRO B 529 25.65 22.67 -31.15
CA PRO B 529 26.24 24.01 -31.25
C PRO B 529 25.53 25.01 -30.36
N TYR B 530 26.29 25.85 -29.66
CA TYR B 530 25.74 26.79 -28.71
C TYR B 530 25.13 28.01 -29.36
N THR B 531 23.97 28.42 -28.86
CA THR B 531 23.31 29.64 -29.29
C THR B 531 22.61 30.32 -28.12
N PRO B 532 23.09 31.49 -27.73
CA PRO B 532 22.61 32.26 -26.58
C PRO B 532 21.09 32.30 -26.52
N ALA B 533 20.50 31.49 -25.65
CA ALA B 533 19.08 31.59 -25.38
C ALA B 533 18.81 33.01 -24.88
N ASN B 534 17.75 33.62 -25.40
CA ASN B 534 17.35 34.93 -24.95
C ASN B 534 16.43 34.79 -23.74
N ILE B 535 16.55 35.71 -22.78
CA ILE B 535 15.72 35.67 -21.59
C ILE B 535 14.70 36.81 -21.61
N GLU B 536 13.43 36.45 -21.74
CA GLU B 536 12.34 37.41 -21.82
C GLU B 536 12.25 38.23 -20.54
N GLU B 537 11.41 39.25 -20.55
CA GLU B 537 11.28 40.15 -19.40
C GLU B 537 10.20 39.65 -18.42
N LEU B 538 10.30 40.11 -17.18
CA LEU B 538 9.48 39.60 -16.08
C LEU B 538 8.02 39.29 -16.46
N GLU B 539 7.32 40.28 -16.99
CA GLU B 539 5.89 40.10 -17.32
C GLU B 539 5.63 38.74 -17.99
N TYR B 540 6.47 38.39 -18.95
CA TYR B 540 6.39 37.10 -19.63
C TYR B 540 6.18 35.95 -18.65
N TYR B 541 7.26 35.54 -17.99
CA TYR B 541 7.23 34.39 -17.08
C TYR B 541 6.08 34.47 -16.08
N PHE B 542 5.72 35.70 -15.71
CA PHE B 542 4.66 35.91 -14.73
C PHE B 542 3.32 35.40 -15.22
N ASP B 543 3.10 35.44 -16.53
CA ASP B 543 1.85 34.95 -17.10
C ASP B 543 1.81 33.43 -17.17
N ARG B 544 2.96 32.81 -17.45
CA ARG B 544 3.02 31.37 -17.71
C ARG B 544 3.34 30.49 -16.50
N CYS B 545 3.89 31.09 -15.45
CA CYS B 545 4.26 30.31 -14.27
C CYS B 545 3.20 30.36 -13.18
N LYS B 546 2.57 29.22 -12.93
CA LYS B 546 1.55 29.10 -11.90
C LYS B 546 2.06 29.56 -10.53
N ASP B 547 3.28 29.17 -10.17
CA ASP B 547 3.85 29.53 -8.88
C ASP B 547 4.28 31.00 -8.81
N LEU B 548 4.57 31.59 -9.97
CA LEU B 548 4.91 33.00 -10.04
C LEU B 548 3.70 33.86 -9.80
N LYS B 549 2.55 33.43 -10.31
CA LYS B 549 1.34 34.24 -10.31
C LYS B 549 0.71 34.35 -8.92
N MET B 550 1.24 33.60 -7.96
CA MET B 550 0.83 33.75 -6.57
C MET B 550 1.09 35.19 -6.12
N ALA B 551 2.34 35.46 -5.77
CA ALA B 551 2.76 36.82 -5.45
C ALA B 551 2.27 37.82 -6.48
N PRO B 552 1.82 39.00 -6.02
CA PRO B 552 1.29 40.05 -6.89
C PRO B 552 2.39 40.67 -7.73
N LEU B 553 2.10 41.00 -8.97
CA LEU B 553 3.11 41.55 -9.87
C LEU B 553 3.86 42.71 -9.21
N LYS B 554 3.11 43.68 -8.66
CA LYS B 554 3.72 44.87 -8.11
C LYS B 554 4.81 44.56 -7.08
N GLU B 555 4.40 43.94 -5.97
CA GLU B 555 5.31 43.68 -4.86
C GLU B 555 6.54 42.89 -5.29
N PHE B 556 6.44 42.20 -6.42
CA PHE B 556 7.55 41.42 -6.96
C PHE B 556 8.58 42.33 -7.63
N LYS B 557 8.15 43.10 -8.61
CA LYS B 557 9.01 44.05 -9.30
C LYS B 557 9.76 44.91 -8.28
N LYS B 558 9.10 45.14 -7.15
CA LYS B 558 9.67 45.91 -6.05
C LYS B 558 10.91 45.21 -5.49
N LYS B 559 10.79 43.90 -5.32
CA LYS B 559 11.90 43.09 -4.87
C LYS B 559 13.00 43.07 -5.94
N LEU B 560 12.60 42.89 -7.19
CA LEU B 560 13.55 42.85 -8.30
C LEU B 560 14.47 44.06 -8.29
N SER B 561 13.90 45.26 -8.18
CA SER B 561 14.68 46.49 -8.14
C SER B 561 15.41 46.60 -6.82
N ALA B 562 14.72 46.27 -5.74
CA ALA B 562 15.31 46.32 -4.41
C ALA B 562 15.34 44.94 -3.77
N PRO B 563 16.26 44.08 -4.23
CA PRO B 563 16.48 42.81 -3.52
C PRO B 563 17.27 43.11 -2.26
N GLY B 564 17.34 42.15 -1.34
CA GLY B 564 18.05 42.40 -0.09
C GLY B 564 17.13 42.93 0.98
N ILE B 565 16.08 43.64 0.56
CA ILE B 565 15.04 44.05 1.50
C ILE B 565 13.95 42.99 1.55
N ARG B 566 13.80 42.38 2.72
CA ARG B 566 12.70 41.45 2.92
C ARG B 566 11.42 42.15 2.49
N SER B 567 10.67 41.51 1.61
CA SER B 567 9.38 42.04 1.20
C SER B 567 8.32 41.62 2.20
N ILE B 568 7.22 42.37 2.26
CA ILE B 568 6.15 42.11 3.22
C ILE B 568 5.30 40.90 2.84
N HIS B 569 5.09 40.73 1.53
CA HIS B 569 4.26 39.62 1.04
C HIS B 569 4.95 38.26 1.23
N PRO B 570 4.27 37.33 1.90
CA PRO B 570 4.84 36.03 2.27
C PRO B 570 5.27 35.16 1.08
N MET B 571 5.05 35.63 -0.14
CA MET B 571 5.32 34.81 -1.32
C MET B 571 6.44 35.32 -2.21
N VAL B 572 6.76 36.62 -2.11
CA VAL B 572 7.74 37.22 -3.00
C VAL B 572 9.17 36.77 -2.72
N ASP B 573 9.58 36.82 -1.46
CA ASP B 573 10.95 36.46 -1.11
C ASP B 573 11.32 35.05 -1.57
N PRO B 574 10.45 34.06 -1.26
CA PRO B 574 10.63 32.70 -1.77
C PRO B 574 10.60 32.67 -3.30
N LEU B 575 9.53 33.17 -3.89
CA LEU B 575 9.42 33.21 -5.34
C LEU B 575 10.57 33.97 -6.00
N TYR B 576 11.28 34.80 -5.25
CA TYR B 576 12.41 35.53 -5.80
C TYR B 576 13.56 34.57 -6.14
N SER B 577 13.96 33.77 -5.15
CA SER B 577 15.03 32.81 -5.36
C SER B 577 14.61 31.79 -6.41
N ASP B 578 13.34 31.40 -6.37
CA ASP B 578 12.76 30.55 -7.39
C ASP B 578 13.03 31.14 -8.78
N TYR B 579 12.79 32.43 -8.91
CA TYR B 579 12.95 33.13 -10.18
C TYR B 579 14.42 33.23 -10.58
N THR B 580 15.26 33.65 -9.65
CA THR B 580 16.69 33.77 -9.87
C THR B 580 17.25 32.45 -10.39
N ARG B 581 16.99 31.39 -9.66
CA ARG B 581 17.41 30.05 -10.04
C ARG B 581 17.03 29.73 -11.49
N MET B 582 15.82 30.10 -11.87
CA MET B 582 15.30 29.79 -13.20
C MET B 582 16.06 30.52 -14.31
N VAL B 583 16.14 31.83 -14.21
CA VAL B 583 16.79 32.62 -15.25
C VAL B 583 18.25 32.21 -15.40
N ALA B 584 18.90 31.90 -14.28
CA ALA B 584 20.26 31.41 -14.32
C ALA B 584 20.36 30.10 -15.11
N SER B 585 19.38 29.23 -14.92
CA SER B 585 19.37 27.92 -15.55
C SER B 585 19.00 28.00 -17.02
N ILE B 586 18.13 28.94 -17.35
CA ILE B 586 17.77 29.17 -18.74
C ILE B 586 18.97 29.65 -19.53
N GLU B 587 19.76 30.52 -18.92
CA GLU B 587 20.87 31.17 -19.61
C GLU B 587 22.07 30.25 -19.78
N PHE B 588 22.32 29.39 -18.80
CA PHE B 588 23.40 28.42 -18.85
C PHE B 588 23.50 27.82 -20.24
N PRO B 589 24.74 27.63 -20.76
CA PRO B 589 26.04 27.84 -20.11
C PRO B 589 26.51 29.30 -20.08
N GLY B 590 25.60 30.24 -20.32
CA GLY B 590 25.88 31.63 -19.98
C GLY B 590 25.89 31.73 -18.47
N LEU B 591 26.82 32.51 -17.92
CA LEU B 591 26.93 32.56 -16.46
C LEU B 591 26.76 33.95 -15.86
N GLU B 592 26.22 34.88 -16.65
CA GLU B 592 26.06 36.24 -16.16
C GLU B 592 25.06 36.29 -15.01
N ARG B 593 24.00 35.50 -15.13
CA ARG B 593 22.95 35.48 -14.12
C ARG B 593 23.24 34.48 -13.03
N ALA B 594 24.37 33.79 -13.13
CA ALA B 594 24.77 32.83 -12.12
C ALA B 594 25.20 33.53 -10.84
N THR B 595 25.74 34.73 -11.00
CA THR B 595 26.21 35.51 -9.86
C THR B 595 25.08 35.67 -8.85
N ALA B 596 23.97 36.26 -9.31
CA ALA B 596 22.81 36.44 -8.45
C ALA B 596 22.47 35.15 -7.71
N LEU B 597 22.41 34.04 -8.45
CA LEU B 597 22.06 32.73 -7.90
C LEU B 597 22.82 32.33 -6.65
N PHE B 598 24.15 32.44 -6.68
CA PHE B 598 24.97 32.02 -5.56
C PHE B 598 24.83 32.93 -4.34
N GLU B 599 24.42 34.17 -4.58
CA GLU B 599 24.23 35.14 -3.52
C GLU B 599 22.89 34.92 -2.80
N VAL B 600 21.87 34.53 -3.56
CA VAL B 600 20.51 34.47 -3.04
C VAL B 600 20.03 33.07 -2.63
N GLU B 601 20.55 32.03 -3.26
CA GLU B 601 20.03 30.67 -3.06
C GLU B 601 20.27 30.09 -1.66
N THR B 602 19.20 29.54 -1.09
CA THR B 602 19.24 28.95 0.23
C THR B 602 19.44 27.44 0.17
N CYS B 603 18.91 26.81 -0.88
CA CYS B 603 19.12 25.39 -1.05
C CYS B 603 20.55 25.12 -1.50
N LYS B 604 21.38 24.69 -0.54
CA LYS B 604 22.79 24.43 -0.80
C LYS B 604 22.97 23.40 -1.92
N GLN B 605 22.15 22.36 -1.93
CA GLN B 605 22.28 21.30 -2.90
C GLN B 605 22.04 21.76 -4.35
N PHE B 606 21.21 22.76 -4.57
CA PHE B 606 21.04 23.23 -5.94
C PHE B 606 22.32 23.88 -6.45
N LEU B 607 23.04 24.53 -5.56
CA LEU B 607 24.31 25.13 -5.92
C LEU B 607 25.29 24.03 -6.32
N HIS B 608 25.25 22.92 -5.60
CA HIS B 608 26.11 21.80 -5.92
C HIS B 608 25.79 21.28 -7.33
N LEU B 609 24.51 21.25 -7.66
CA LEU B 609 24.06 20.75 -8.96
C LEU B 609 24.48 21.71 -10.05
N PHE B 610 24.20 23.00 -9.84
CA PHE B 610 24.53 24.00 -10.84
C PHE B 610 26.04 24.01 -11.08
N SER B 611 26.81 23.85 -10.00
CA SER B 611 28.25 23.79 -10.10
C SER B 611 28.72 22.58 -10.91
N LYS B 612 28.23 21.40 -10.56
CA LYS B 612 28.57 20.19 -11.28
C LYS B 612 28.27 20.34 -12.77
N MET B 613 27.26 21.16 -13.11
CA MET B 613 26.95 21.46 -14.50
C MET B 613 28.06 22.27 -15.18
N ILE B 614 28.49 23.35 -14.53
CA ILE B 614 29.60 24.15 -15.02
C ILE B 614 30.84 23.29 -15.18
N THR B 615 31.10 22.47 -14.19
CA THR B 615 32.29 21.63 -14.21
C THR B 615 32.26 20.58 -15.32
N GLU B 616 31.09 20.00 -15.61
CA GLU B 616 30.97 19.05 -16.70
C GLU B 616 31.33 19.74 -17.99
N TYR B 617 30.69 20.88 -18.23
CA TYR B 617 30.97 21.65 -19.43
C TYR B 617 32.44 22.05 -19.52
N TYR B 618 33.07 22.28 -18.38
CA TYR B 618 34.47 22.70 -18.35
C TYR B 618 35.39 21.59 -18.81
N ASP B 619 35.16 20.39 -18.31
CA ASP B 619 35.99 19.26 -18.65
C ASP B 619 35.85 18.95 -20.13
N ALA B 620 34.78 19.47 -20.73
CA ALA B 620 34.51 19.25 -22.15
C ALA B 620 34.98 20.44 -22.98
N GLU B 621 35.57 21.42 -22.31
CA GLU B 621 36.06 22.63 -22.98
C GLU B 621 34.95 23.31 -23.77
N LYS B 622 33.82 23.56 -23.12
CA LYS B 622 32.63 24.07 -23.81
C LYS B 622 31.97 25.25 -23.12
N ILE B 623 32.58 25.79 -22.07
CA ILE B 623 32.02 26.94 -21.38
C ILE B 623 33.03 28.03 -21.04
N SER B 624 32.59 29.27 -21.08
CA SER B 624 33.44 30.40 -20.73
C SER B 624 33.36 30.72 -19.26
N ILE B 625 34.32 30.22 -18.49
CA ILE B 625 34.29 30.29 -17.04
C ILE B 625 35.05 31.49 -16.48
N ASP B 626 35.73 32.22 -17.36
CA ASP B 626 36.69 33.25 -16.96
C ASP B 626 36.18 34.35 -16.02
N ASN B 627 35.25 35.20 -16.46
CA ASN B 627 34.79 36.27 -15.59
C ASN B 627 33.78 35.86 -14.51
N PHE B 628 33.31 34.62 -14.57
CA PHE B 628 32.51 34.05 -13.48
C PHE B 628 33.45 33.70 -12.33
N LEU B 629 34.58 33.08 -12.69
CA LEU B 629 35.61 32.74 -11.73
C LEU B 629 35.98 33.97 -10.92
N LEU B 630 36.06 35.11 -11.59
CA LEU B 630 36.40 36.35 -10.93
C LEU B 630 35.31 36.74 -9.94
N LYS B 631 34.09 36.88 -10.44
CA LYS B 631 32.95 37.27 -9.61
C LYS B 631 32.78 36.33 -8.41
N ALA B 632 33.03 35.05 -8.63
CA ALA B 632 32.91 34.05 -7.58
C ALA B 632 34.00 34.25 -6.53
N TYR B 633 35.19 34.59 -6.99
CA TYR B 633 36.32 34.85 -6.12
C TYR B 633 36.02 36.07 -5.26
N GLU B 634 35.69 37.17 -5.93
CA GLU B 634 35.34 38.40 -5.24
C GLU B 634 34.27 38.12 -4.21
N GLY B 635 33.17 37.53 -4.64
CA GLY B 635 32.08 37.21 -3.75
C GLY B 635 32.50 36.42 -2.52
N LEU B 636 33.23 35.34 -2.74
CA LEU B 636 33.60 34.46 -1.63
C LEU B 636 34.55 35.16 -0.67
N ALA B 637 35.45 35.97 -1.22
CA ALA B 637 36.38 36.73 -0.41
C ALA B 637 35.60 37.71 0.46
N SER B 638 34.56 38.32 -0.11
CA SER B 638 33.78 39.32 0.61
C SER B 638 32.63 38.74 1.43
N GLY B 639 32.60 37.42 1.60
CA GLY B 639 31.63 36.80 2.49
C GLY B 639 30.37 36.19 1.90
N LYS B 640 30.20 36.29 0.57
CA LYS B 640 29.10 35.61 -0.10
C LYS B 640 29.38 34.10 -0.19
N ASP B 641 29.00 33.36 0.84
CA ASP B 641 29.51 32.01 1.04
C ASP B 641 28.94 30.94 0.11
N GLY B 642 27.91 31.30 -0.65
CA GLY B 642 27.34 30.37 -1.61
C GLY B 642 28.39 29.87 -2.57
N PHE B 643 29.31 30.76 -2.94
CA PHE B 643 30.33 30.44 -3.91
C PHE B 643 31.27 29.34 -3.42
N LEU B 644 31.33 29.12 -2.11
CA LEU B 644 32.19 28.06 -1.62
C LEU B 644 31.71 26.75 -2.25
N SER B 645 30.42 26.68 -2.54
CA SER B 645 29.85 25.48 -3.13
C SER B 645 30.41 25.21 -4.51
N PHE B 646 30.71 26.26 -5.26
CA PHE B 646 31.30 26.09 -6.58
C PHE B 646 32.73 25.63 -6.46
N PHE B 647 33.48 26.29 -5.57
CA PHE B 647 34.90 26.02 -5.46
C PHE B 647 35.21 24.64 -4.90
N GLU B 648 34.21 24.00 -4.31
CA GLU B 648 34.42 22.67 -3.75
C GLU B 648 34.22 21.58 -4.79
N VAL B 649 33.37 21.82 -5.79
CA VAL B 649 33.19 20.82 -6.85
C VAL B 649 34.13 21.06 -8.02
N PHE B 650 34.42 22.32 -8.30
CA PHE B 650 35.46 22.66 -9.27
C PHE B 650 36.77 22.18 -8.68
N ASN B 651 36.88 22.34 -7.37
CA ASN B 651 38.09 22.07 -6.60
C ASN B 651 39.43 22.19 -7.33
N THR B 652 40.14 21.08 -7.43
CA THR B 652 41.56 21.10 -7.75
C THR B 652 41.87 21.53 -9.17
N ARG B 653 40.85 21.76 -9.98
CA ARG B 653 41.11 22.15 -11.36
C ARG B 653 41.35 23.65 -11.52
N LEU B 654 41.19 24.39 -10.43
CA LEU B 654 41.56 25.79 -10.40
C LEU B 654 43.07 25.93 -10.52
N LEU B 655 43.81 25.00 -9.93
CA LEU B 655 45.27 25.02 -9.97
C LEU B 655 45.83 24.83 -11.37
N ALA B 656 44.96 24.64 -12.34
CA ALA B 656 45.39 24.44 -13.72
C ALA B 656 44.71 25.42 -14.64
N HIS B 657 44.24 26.53 -14.06
CA HIS B 657 43.56 27.56 -14.83
C HIS B 657 44.31 28.89 -14.77
N SER B 658 44.25 29.64 -15.86
CA SER B 658 44.91 30.94 -15.93
C SER B 658 44.66 31.74 -14.67
N PHE B 659 43.43 31.71 -14.18
CA PHE B 659 43.03 32.57 -13.07
C PHE B 659 43.77 32.30 -11.76
N PHE B 660 44.45 31.16 -11.67
CA PHE B 660 45.13 30.82 -10.42
C PHE B 660 46.36 31.68 -10.14
N HIS B 661 47.17 31.90 -11.17
CA HIS B 661 48.33 32.78 -11.01
C HIS B 661 47.85 34.21 -10.71
N LYS B 662 46.79 34.60 -11.40
CA LYS B 662 46.22 35.94 -11.28
C LYS B 662 45.87 36.29 -9.83
N ILE B 663 45.91 35.29 -8.95
CA ILE B 663 45.52 35.51 -7.56
C ILE B 663 46.70 35.93 -6.70
N GLY B 664 47.89 35.40 -6.99
CA GLY B 664 49.09 35.86 -6.32
C GLY B 664 49.24 37.35 -6.54
N SER B 665 48.56 37.85 -7.57
CA SER B 665 48.54 39.26 -7.94
C SER B 665 47.56 40.07 -7.10
N LEU B 666 46.67 39.38 -6.40
CA LEU B 666 45.59 40.05 -5.65
C LEU B 666 45.93 40.21 -4.16
N GLU B 667 45.35 41.23 -3.52
CA GLU B 667 45.63 41.50 -2.11
C GLU B 667 44.69 40.74 -1.19
N ASN B 668 43.40 40.80 -1.48
CA ASN B 668 42.40 40.05 -0.72
C ASN B 668 42.66 38.55 -0.79
N ARG B 669 43.74 38.18 -1.48
CA ARG B 669 44.08 36.79 -1.74
C ARG B 669 44.03 35.86 -0.53
N LEU B 670 44.40 36.35 0.65
CA LEU B 670 44.38 35.50 1.84
C LEU B 670 42.97 35.36 2.37
N ASP B 671 42.13 36.37 2.16
CA ASP B 671 40.73 36.30 2.55
C ASP B 671 40.03 35.15 1.82
N PHE B 672 40.47 34.88 0.60
CA PHE B 672 39.96 33.77 -0.20
C PHE B 672 40.47 32.44 0.31
N PHE B 673 41.79 32.30 0.37
CA PHE B 673 42.39 31.04 0.80
C PHE B 673 42.03 30.64 2.23
N SER B 674 41.43 31.56 2.98
CA SER B 674 41.03 31.25 4.34
C SER B 674 39.76 30.40 4.35
N LYS B 675 38.91 30.61 3.36
CA LYS B 675 37.67 29.86 3.24
C LYS B 675 37.83 28.57 2.44
N THR B 676 38.95 28.46 1.73
CA THR B 676 39.10 27.42 0.69
C THR B 676 40.36 26.56 0.76
N ILE B 677 41.33 26.92 1.58
CA ILE B 677 42.63 26.26 1.56
C ILE B 677 42.53 24.73 1.63
N HIS B 678 41.49 24.23 2.30
CA HIS B 678 41.33 22.79 2.50
C HIS B 678 41.10 22.06 1.19
N ILE B 679 40.66 22.80 0.18
CA ILE B 679 40.40 22.24 -1.12
C ILE B 679 41.71 21.88 -1.84
N TYR B 680 42.69 22.76 -1.70
CA TYR B 680 43.88 22.72 -2.55
C TYR B 680 45.12 22.13 -1.88
N THR B 681 44.92 21.40 -0.80
CA THR B 681 46.01 21.03 0.08
C THR B 681 46.19 19.51 0.26
N LYS B 682 45.33 18.72 -0.38
CA LYS B 682 45.24 17.28 -0.14
C LYS B 682 46.34 16.44 -0.78
N THR B 683 46.82 16.86 -1.94
CA THR B 683 47.70 16.04 -2.75
C THR B 683 49.13 16.57 -2.85
N SER B 684 49.96 15.90 -3.65
CA SER B 684 51.26 16.39 -4.04
C SER B 684 51.12 17.80 -4.60
N GLN B 685 49.96 18.09 -5.19
CA GLN B 685 49.67 19.39 -5.78
C GLN B 685 49.93 20.53 -4.81
N ILE B 686 50.01 20.21 -3.52
CA ILE B 686 50.25 21.21 -2.49
C ILE B 686 51.55 21.97 -2.73
N GLN B 687 52.51 21.32 -3.38
CA GLN B 687 53.80 21.94 -3.65
C GLN B 687 53.66 23.30 -4.35
N LYS B 688 53.01 23.29 -5.50
CA LYS B 688 52.90 24.50 -6.32
C LYS B 688 52.14 25.65 -5.66
N ILE B 689 51.62 25.42 -4.46
CA ILE B 689 50.95 26.49 -3.74
C ILE B 689 51.88 27.12 -2.71
N GLY B 690 53.17 26.81 -2.83
CA GLY B 690 54.17 27.33 -1.91
C GLY B 690 53.99 28.79 -1.55
N PHE B 691 53.93 29.64 -2.55
CA PHE B 691 53.85 31.08 -2.31
C PHE B 691 52.70 31.48 -1.38
N VAL B 692 51.60 30.73 -1.44
CA VAL B 692 50.44 31.07 -0.62
C VAL B 692 50.80 30.94 0.86
N PHE B 693 51.57 29.90 1.17
CA PHE B 693 52.08 29.68 2.52
C PHE B 693 52.98 30.82 2.96
N ASP B 694 53.96 31.16 2.13
CA ASP B 694 54.88 32.26 2.42
C ASP B 694 54.13 33.55 2.74
N ASP B 695 53.10 33.86 1.95
CA ASP B 695 52.26 35.01 2.23
C ASP B 695 51.57 34.81 3.57
N ALA B 696 51.18 33.56 3.84
CA ALA B 696 50.45 33.23 5.06
C ALA B 696 51.29 33.45 6.32
N LEU B 697 52.61 33.30 6.20
CA LEU B 697 53.49 33.58 7.34
C LEU B 697 53.68 35.08 7.54
N ARG B 698 54.09 35.79 6.49
CA ARG B 698 54.28 37.23 6.55
C ARG B 698 53.11 37.91 7.27
N GLU B 699 51.90 37.44 6.98
CA GLU B 699 50.70 38.09 7.49
C GLU B 699 50.20 37.42 8.76
N LYS B 700 50.77 36.26 9.09
CA LYS B 700 50.42 35.55 10.30
C LYS B 700 48.95 35.12 10.31
N ASN B 701 48.49 34.65 9.16
CA ASN B 701 47.13 34.14 8.99
C ASN B 701 47.07 32.68 9.42
N ILE B 702 46.69 32.46 10.67
CA ILE B 702 46.83 31.14 11.29
C ILE B 702 46.04 30.05 10.57
N THR B 703 44.82 30.38 10.16
CA THR B 703 43.96 29.41 9.49
C THR B 703 44.60 28.92 8.19
N VAL B 704 45.13 29.84 7.40
CA VAL B 704 45.80 29.47 6.15
C VAL B 704 47.15 28.79 6.41
N ILE B 705 47.77 29.12 7.54
CA ILE B 705 49.03 28.49 7.93
C ILE B 705 48.79 27.02 8.29
N ASN B 706 47.83 26.79 9.17
CA ASN B 706 47.47 25.42 9.56
C ASN B 706 47.16 24.55 8.34
N GLY B 707 46.66 25.18 7.29
CA GLY B 707 46.36 24.48 6.04
C GLY B 707 47.50 23.65 5.48
N PHE B 708 48.73 24.02 5.80
CA PHE B 708 49.89 23.35 5.22
C PHE B 708 50.61 22.46 6.23
N MET B 709 50.23 22.59 7.50
CA MET B 709 51.03 22.04 8.58
C MET B 709 51.11 20.51 8.60
N ARG B 710 50.32 19.83 7.77
CA ARG B 710 50.37 18.38 7.73
C ARG B 710 51.40 17.86 6.76
N SER B 711 52.01 18.76 5.99
CA SER B 711 53.09 18.37 5.10
C SER B 711 54.44 18.70 5.73
N LEU B 712 55.23 17.66 5.99
CA LEU B 712 56.50 17.82 6.69
C LEU B 712 57.29 19.04 6.23
N GLU B 713 57.44 19.21 4.92
CA GLU B 713 58.19 20.33 4.36
C GLU B 713 57.76 21.68 4.92
N PHE B 714 56.46 21.99 4.82
CA PHE B 714 55.94 23.26 5.28
C PHE B 714 55.99 23.37 6.80
N ASN B 715 55.97 22.23 7.47
CA ASN B 715 56.14 22.20 8.91
C ASN B 715 57.54 22.69 9.24
N GLU B 716 58.54 22.09 8.59
CA GLU B 716 59.93 22.47 8.80
C GLU B 716 60.14 23.95 8.51
N LYS B 717 59.43 24.47 7.53
CA LYS B 717 59.55 25.87 7.18
C LYS B 717 59.10 26.71 8.36
N PHE B 718 58.10 26.23 9.09
CA PHE B 718 57.56 26.99 10.21
C PHE B 718 58.43 26.92 11.46
N VAL B 719 59.01 25.76 11.74
CA VAL B 719 59.81 25.61 12.94
C VAL B 719 61.08 26.45 12.81
N ARG B 720 61.58 26.59 11.59
CA ARG B 720 62.78 27.38 11.34
C ARG B 720 62.54 28.88 11.55
N LYS B 721 61.50 29.42 10.92
CA LYS B 721 61.20 30.84 11.03
C LYS B 721 60.71 31.19 12.44
N ALA B 722 60.57 30.17 13.29
CA ALA B 722 60.14 30.37 14.66
C ALA B 722 61.32 30.22 15.60
N LEU B 723 62.44 29.75 15.06
CA LEU B 723 63.69 29.68 15.80
C LEU B 723 64.49 30.94 15.53
N GLU B 724 64.29 31.54 14.36
CA GLU B 724 64.93 32.80 14.02
C GLU B 724 64.27 33.94 14.77
N ASP B 725 62.99 33.77 15.10
CA ASP B 725 62.23 34.77 15.85
C ASP B 725 61.00 34.13 16.46
N LEU B 726 60.74 34.43 17.73
CA LEU B 726 59.70 33.70 18.44
C LEU B 726 58.45 34.49 18.77
N ASP B 727 57.55 34.61 17.78
CA ASP B 727 56.20 35.06 18.06
C ASP B 727 55.54 33.93 18.83
N VAL B 728 55.45 34.09 20.15
CA VAL B 728 54.99 33.01 21.02
C VAL B 728 53.51 32.71 20.84
N GLU B 729 52.71 33.75 20.68
CA GLU B 729 51.26 33.58 20.58
C GLU B 729 50.89 32.93 19.24
N LEU B 730 51.83 32.97 18.30
CA LEU B 730 51.68 32.29 17.03
C LEU B 730 52.02 30.82 17.23
N LEU B 731 53.15 30.57 17.87
CA LEU B 731 53.60 29.22 18.20
C LEU B 731 52.48 28.46 18.87
N ASP B 732 51.65 29.18 19.61
CA ASP B 732 50.49 28.60 20.28
C ASP B 732 49.46 28.09 19.27
N ALA B 733 48.99 28.99 18.43
CA ALA B 733 47.88 28.70 17.52
C ALA B 733 48.25 27.74 16.39
N VAL B 734 49.48 27.23 16.38
CA VAL B 734 49.95 26.48 15.22
C VAL B 734 50.80 25.25 15.55
N LEU B 735 51.75 25.40 16.45
CA LEU B 735 52.75 24.36 16.68
C LEU B 735 52.15 22.97 16.84
N MET B 736 51.03 22.89 17.56
CA MET B 736 50.43 21.61 17.91
C MET B 736 49.72 20.92 16.74
N SER B 737 49.40 21.68 15.70
CA SER B 737 48.78 21.11 14.51
C SER B 737 49.83 20.47 13.60
N GLY B 738 51.09 20.61 13.98
CA GLY B 738 52.19 20.02 13.24
C GLY B 738 52.64 18.70 13.81
N ASP B 739 53.78 18.22 13.34
CA ASP B 739 54.34 16.96 13.80
C ASP B 739 55.03 17.20 15.14
N HIS B 740 54.57 16.51 16.18
CA HIS B 740 55.03 16.80 17.53
C HIS B 740 56.51 16.58 17.75
N SER B 741 57.19 15.98 16.78
CA SER B 741 58.61 15.69 16.90
C SER B 741 59.46 16.94 17.16
N PHE B 742 58.96 18.10 16.73
CA PHE B 742 59.72 19.36 16.85
C PHE B 742 59.62 20.01 18.22
N ASN B 743 58.56 19.70 18.97
CA ASN B 743 58.29 20.32 20.27
C ASN B 743 59.50 20.52 21.21
N PRO B 744 60.38 19.52 21.32
CA PRO B 744 61.55 19.64 22.21
C PRO B 744 62.40 20.87 21.92
N LEU B 745 62.30 21.39 20.70
CA LEU B 745 63.09 22.54 20.28
C LEU B 745 62.63 23.83 20.97
N PHE B 746 61.38 23.84 21.42
CA PHE B 746 60.79 25.05 22.01
C PHE B 746 60.63 25.01 23.52
N VAL B 747 61.24 24.02 24.17
CA VAL B 747 61.13 23.93 25.62
C VAL B 747 61.93 25.02 26.31
N LYS B 748 63.24 25.07 26.01
CA LYS B 748 64.14 26.03 26.63
C LYS B 748 63.73 27.49 26.41
N PRO B 749 63.63 27.93 25.15
CA PRO B 749 63.25 29.32 24.93
C PRO B 749 61.97 29.70 25.69
N LEU B 750 61.07 28.73 25.86
CA LEU B 750 59.80 28.99 26.54
C LEU B 750 59.98 29.15 28.04
N LEU B 751 60.81 28.30 28.64
CA LEU B 751 61.15 28.44 30.05
C LEU B 751 61.81 29.80 30.28
N ARG B 752 62.74 30.16 29.42
CA ARG B 752 63.46 31.43 29.55
C ARG B 752 62.48 32.60 29.69
N ASN B 753 61.46 32.64 28.83
CA ASN B 753 60.46 33.68 28.91
C ASN B 753 59.73 33.69 30.24
N ILE B 754 59.75 32.56 30.94
CA ILE B 754 58.99 32.41 32.17
C ILE B 754 59.82 32.65 33.44
N SER B 755 61.03 32.12 33.46
CA SER B 755 61.93 32.39 34.58
C SER B 755 62.10 33.89 34.71
N GLY B 756 62.63 34.52 33.66
CA GLY B 756 62.55 35.96 33.54
C GLY B 756 61.08 36.25 33.35
N ASN B 757 60.73 37.47 32.99
CA ASN B 757 59.32 37.72 32.74
C ASN B 757 59.04 38.44 31.43
N ILE B 758 58.63 37.65 30.44
CA ILE B 758 58.35 38.16 29.11
C ILE B 758 57.27 37.30 28.49
N ASP B 759 56.13 37.90 28.19
CA ASP B 759 55.01 37.16 27.62
C ASP B 759 54.66 35.95 28.51
N ARG B 760 54.90 36.08 29.81
CA ARG B 760 54.71 34.96 30.72
C ARG B 760 53.43 34.17 30.46
N GLU B 761 52.29 34.85 30.47
CA GLU B 761 51.01 34.15 30.35
C GLU B 761 51.00 33.20 29.14
N ALA B 762 51.27 33.75 27.97
CA ALA B 762 51.19 32.98 26.73
C ALA B 762 52.26 31.90 26.64
N SER B 763 53.44 32.18 27.17
CA SER B 763 54.54 31.20 27.15
C SER B 763 54.21 29.97 27.97
N SER B 764 53.67 30.16 29.16
CA SER B 764 53.26 29.05 30.02
C SER B 764 52.12 28.28 29.36
N LYS B 765 51.29 29.00 28.64
CA LYS B 765 50.12 28.43 27.98
C LYS B 765 50.48 27.36 26.95
N VAL B 766 51.51 27.64 26.15
CA VAL B 766 51.93 26.71 25.10
C VAL B 766 52.82 25.60 25.65
N LEU B 767 53.70 25.95 26.58
CA LEU B 767 54.56 24.98 27.23
C LEU B 767 53.68 23.94 27.92
N SER B 768 52.47 24.34 28.27
CA SER B 768 51.48 23.43 28.84
C SER B 768 51.10 22.36 27.83
N LYS B 769 50.81 22.78 26.61
CA LYS B 769 50.50 21.88 25.52
C LYS B 769 51.68 20.97 25.20
N VAL B 770 52.86 21.57 25.13
CA VAL B 770 54.08 20.89 24.70
C VAL B 770 54.56 19.81 25.69
N ILE B 771 54.29 20.00 26.97
CA ILE B 771 54.84 19.12 28.00
C ILE B 771 54.52 17.62 27.83
N PRO B 772 53.22 17.27 27.76
CA PRO B 772 52.81 15.87 27.66
C PRO B 772 53.40 15.17 26.42
N THR B 773 53.56 15.90 25.34
CA THR B 773 54.06 15.32 24.10
C THR B 773 55.57 15.11 24.15
N LEU B 774 56.22 15.64 25.18
CA LEU B 774 57.68 15.62 25.25
C LEU B 774 58.26 14.23 25.00
N GLY B 775 57.38 13.23 25.09
CA GLY B 775 57.72 11.88 24.69
C GLY B 775 57.04 11.58 23.36
N PHE B 776 57.83 11.19 22.37
CA PHE B 776 57.31 10.98 21.04
C PHE B 776 58.46 10.50 20.16
N SER B 777 58.18 9.54 19.28
CA SER B 777 59.21 9.03 18.39
C SER B 777 59.56 10.08 17.36
N THR B 778 60.80 10.54 17.36
CA THR B 778 61.20 11.60 16.44
C THR B 778 61.08 11.13 15.00
N ASN B 779 60.04 11.60 14.32
CA ASN B 779 59.80 11.27 12.90
C ASN B 779 61.04 11.42 12.03
N THR B 780 61.50 10.32 11.48
CA THR B 780 62.81 10.28 10.82
C THR B 780 62.85 10.82 9.38
N LYS B 781 61.68 11.16 8.83
CA LYS B 781 61.64 11.78 7.51
C LYS B 781 62.04 13.25 7.57
N ILE B 782 62.38 13.70 8.78
CA ILE B 782 62.77 15.08 9.01
C ILE B 782 64.21 15.33 8.55
N SER B 783 64.49 16.58 8.18
CA SER B 783 65.80 16.97 7.64
C SER B 783 66.99 16.56 8.52
N LYS B 784 68.08 16.19 7.87
CA LYS B 784 69.30 15.84 8.58
C LYS B 784 69.70 16.93 9.57
N ASP B 785 69.46 18.18 9.21
CA ASP B 785 69.95 19.31 10.01
C ASP B 785 69.10 19.62 11.25
N LEU B 786 67.80 19.32 11.16
CA LEU B 786 66.86 19.54 12.27
C LEU B 786 66.91 18.40 13.28
N LEU B 787 67.17 17.19 12.78
CA LEU B 787 67.38 16.04 13.65
C LEU B 787 68.57 16.32 14.57
N GLU B 788 69.68 16.76 13.99
CA GLU B 788 70.88 17.11 14.74
C GLU B 788 70.57 18.13 15.84
N MET B 789 69.60 18.99 15.60
CA MET B 789 69.21 19.99 16.60
C MET B 789 68.40 19.34 17.70
N ILE B 790 67.41 18.52 17.31
CA ILE B 790 66.61 17.78 18.29
C ILE B 790 67.45 16.86 19.15
N GLU B 791 68.35 16.11 18.51
CA GLU B 791 69.23 15.20 19.24
C GLU B 791 70.07 15.93 20.27
N ARG B 792 70.41 17.18 19.98
CA ARG B 792 71.20 17.97 20.92
C ARG B 792 70.35 18.46 22.09
N GLU B 793 69.07 18.71 21.82
CA GLU B 793 68.18 19.27 22.82
C GLU B 793 67.60 18.20 23.74
N LYS B 794 67.74 16.94 23.35
CA LYS B 794 67.32 15.84 24.21
C LYS B 794 68.50 15.46 25.11
N LYS B 795 69.64 15.17 24.48
CA LYS B 795 70.85 14.82 25.21
C LYS B 795 71.24 15.93 26.18
N SER B 796 70.68 17.13 25.99
CA SER B 796 70.93 18.24 26.89
C SER B 796 70.18 18.07 28.21
N LEU B 797 69.03 17.40 28.14
CA LEU B 797 68.25 17.08 29.33
C LEU B 797 68.92 15.98 30.15
N GLU B 798 69.55 15.04 29.46
CA GLU B 798 70.22 13.92 30.13
C GLU B 798 71.38 14.39 31.00
N SER B 799 71.89 15.59 30.73
CA SER B 799 72.96 16.16 31.53
C SER B 799 72.44 16.72 32.85
N SER C 39 -49.71 -24.89 -4.00
CA SER C 39 -48.59 -25.48 -3.27
C SER C 39 -47.72 -26.35 -4.17
N GLY C 40 -46.53 -26.69 -3.70
CA GLY C 40 -45.63 -27.54 -4.45
C GLY C 40 -44.50 -26.75 -5.11
N ILE C 41 -44.86 -25.87 -6.03
CA ILE C 41 -43.87 -25.04 -6.74
C ILE C 41 -44.23 -23.55 -6.63
N ILE C 42 -43.34 -22.69 -7.13
CA ILE C 42 -43.47 -21.26 -6.93
C ILE C 42 -43.36 -20.48 -8.25
N PRO C 43 -44.29 -19.55 -8.48
CA PRO C 43 -44.41 -18.83 -9.76
C PRO C 43 -43.35 -17.75 -9.93
N THR C 44 -42.90 -17.57 -11.17
CA THR C 44 -41.80 -16.66 -11.48
C THR C 44 -42.23 -15.58 -12.47
N LEU C 45 -41.99 -14.31 -12.12
CA LEU C 45 -42.47 -13.17 -12.91
C LEU C 45 -41.60 -12.89 -14.14
N GLN C 46 -42.25 -12.64 -15.27
CA GLN C 46 -41.56 -12.43 -16.53
C GLN C 46 -41.85 -11.05 -17.13
N ASN C 47 -42.94 -10.43 -16.70
CA ASN C 47 -43.29 -9.12 -17.22
C ASN C 47 -44.31 -8.34 -16.40
N VAL C 48 -44.15 -7.01 -16.39
CA VAL C 48 -45.05 -6.13 -15.68
C VAL C 48 -45.31 -4.89 -16.51
N VAL C 49 -46.58 -4.64 -16.81
CA VAL C 49 -46.96 -3.44 -17.54
C VAL C 49 -47.62 -2.43 -16.61
N ALA C 50 -47.23 -1.17 -16.73
CA ALA C 50 -47.79 -0.13 -15.87
C ALA C 50 -47.89 1.19 -16.62
N THR C 51 -48.69 2.12 -16.08
CA THR C 51 -48.86 3.43 -16.70
C THR C 51 -48.71 4.57 -15.68
N VAL C 52 -48.34 5.75 -16.18
CA VAL C 52 -48.45 6.97 -15.39
C VAL C 52 -48.93 8.13 -16.23
N ASN C 53 -49.49 9.13 -15.56
CA ASN C 53 -49.81 10.40 -16.20
C ASN C 53 -48.80 11.44 -15.76
N LEU C 54 -47.99 11.92 -16.70
CA LEU C 54 -47.10 13.02 -16.41
C LEU C 54 -47.88 14.33 -16.48
N SER C 55 -49.20 14.21 -16.68
CA SER C 55 -50.13 15.33 -16.63
C SER C 55 -49.61 16.58 -17.34
N CYS C 56 -49.36 16.47 -18.64
CA CYS C 56 -48.70 17.52 -19.38
C CYS C 56 -48.69 17.21 -20.88
N LYS C 57 -48.81 18.23 -21.71
CA LYS C 57 -48.78 18.01 -23.15
C LYS C 57 -47.35 17.92 -23.66
N LEU C 58 -47.00 16.76 -24.22
CA LEU C 58 -45.64 16.54 -24.69
C LEU C 58 -45.47 16.77 -26.19
N ASP C 59 -44.38 17.43 -26.56
CA ASP C 59 -44.02 17.62 -27.97
C ASP C 59 -43.22 16.41 -28.45
N LEU C 60 -43.92 15.37 -28.87
CA LEU C 60 -43.30 14.10 -29.22
C LEU C 60 -42.09 14.26 -30.14
N LYS C 61 -42.20 15.14 -31.13
CA LYS C 61 -41.13 15.29 -32.10
C LYS C 61 -39.84 15.77 -31.43
N ASN C 62 -39.95 16.80 -30.59
CA ASN C 62 -38.79 17.34 -29.88
C ASN C 62 -38.08 16.25 -29.08
N ILE C 63 -38.84 15.53 -28.27
CA ILE C 63 -38.33 14.44 -27.46
C ILE C 63 -37.59 13.39 -28.29
N ALA C 64 -37.93 13.27 -29.56
CA ALA C 64 -37.28 12.31 -30.44
C ALA C 64 -35.92 12.81 -30.89
N LEU C 65 -35.83 14.10 -31.18
CA LEU C 65 -34.59 14.71 -31.66
C LEU C 65 -33.65 15.14 -30.53
N ARG C 66 -34.05 14.89 -29.29
CA ARG C 66 -33.20 15.27 -28.15
C ARG C 66 -32.71 14.07 -27.34
N ALA C 67 -33.05 12.85 -27.77
CA ALA C 67 -32.65 11.65 -27.04
C ALA C 67 -32.25 10.49 -27.95
N ARG C 68 -30.96 10.18 -27.96
CA ARG C 68 -30.41 9.12 -28.80
C ARG C 68 -31.05 7.77 -28.51
N ASN C 69 -31.59 7.64 -27.30
CA ASN C 69 -32.17 6.37 -26.87
C ASN C 69 -33.66 6.29 -27.14
N ALA C 70 -34.19 7.31 -27.82
CA ALA C 70 -35.60 7.29 -28.22
C ALA C 70 -35.76 7.12 -29.73
N GLU C 71 -36.81 6.42 -30.13
CA GLU C 71 -37.14 6.26 -31.55
C GLU C 71 -38.61 6.56 -31.77
N TYR C 72 -38.94 7.18 -32.89
CA TYR C 72 -40.28 7.71 -33.11
C TYR C 72 -40.76 7.50 -34.54
N ASN C 73 -41.82 6.72 -34.70
CA ASN C 73 -42.32 6.39 -36.02
C ASN C 73 -43.85 6.53 -36.10
N PRO C 74 -44.32 7.72 -36.50
CA PRO C 74 -45.75 8.00 -36.59
C PRO C 74 -46.48 7.07 -37.55
N LYS C 75 -45.83 6.64 -38.63
CA LYS C 75 -46.47 5.75 -39.60
C LYS C 75 -46.78 4.39 -38.98
N ARG C 76 -46.00 4.03 -37.97
CA ARG C 76 -46.16 2.74 -37.31
C ARG C 76 -47.02 2.87 -36.08
N PHE C 77 -47.09 4.07 -35.52
CA PHE C 77 -47.43 4.21 -34.12
C PHE C 77 -47.38 5.67 -33.68
N ALA C 78 -48.41 6.14 -32.98
CA ALA C 78 -48.46 7.54 -32.56
C ALA C 78 -47.91 7.76 -31.14
N ALA C 79 -46.70 7.29 -30.90
CA ALA C 79 -46.04 7.50 -29.62
C ALA C 79 -44.53 7.39 -29.79
N VAL C 80 -43.79 7.71 -28.73
CA VAL C 80 -42.34 7.63 -28.77
C VAL C 80 -41.82 6.48 -27.92
N ILE C 81 -40.94 5.67 -28.48
CA ILE C 81 -40.39 4.52 -27.77
C ILE C 81 -39.02 4.85 -27.19
N MET C 82 -38.95 4.98 -25.87
CA MET C 82 -37.70 5.29 -25.19
C MET C 82 -37.23 4.13 -24.33
N ARG C 83 -35.95 3.77 -24.44
CA ARG C 83 -35.42 2.63 -23.71
C ARG C 83 -34.25 3.00 -22.80
N ILE C 84 -34.26 2.52 -21.57
CA ILE C 84 -33.08 2.61 -20.72
C ILE C 84 -32.46 1.23 -20.49
N ARG C 85 -31.25 1.21 -19.95
CA ARG C 85 -30.44 0.00 -19.92
C ARG C 85 -30.63 -0.84 -18.66
N GLU C 86 -30.93 -0.18 -17.54
CA GLU C 86 -31.11 -0.86 -16.28
C GLU C 86 -32.00 -0.02 -15.36
N PRO C 87 -33.21 -0.53 -15.06
CA PRO C 87 -33.78 -1.82 -15.47
C PRO C 87 -34.09 -1.88 -16.96
N LYS C 88 -33.54 -2.87 -17.66
CA LYS C 88 -33.82 -3.04 -19.09
C LYS C 88 -35.32 -3.00 -19.33
N THR C 89 -35.80 -1.87 -19.85
CA THR C 89 -37.23 -1.68 -20.07
C THR C 89 -37.53 -0.81 -21.29
N THR C 90 -38.82 -0.60 -21.54
CA THR C 90 -39.29 0.16 -22.69
C THR C 90 -40.50 1.01 -22.29
N ALA C 91 -40.51 2.26 -22.71
CA ALA C 91 -41.60 3.15 -22.33
C ALA C 91 -42.23 3.77 -23.56
N LEU C 92 -43.55 3.66 -23.63
CA LEU C 92 -44.33 4.29 -24.69
C LEU C 92 -44.85 5.63 -24.21
N ILE C 93 -44.46 6.70 -24.90
CA ILE C 93 -44.74 8.06 -24.46
C ILE C 93 -45.72 8.79 -25.38
N PHE C 94 -46.92 9.08 -24.88
CA PHE C 94 -47.95 9.73 -25.68
C PHE C 94 -48.01 11.24 -25.48
N ALA C 95 -48.43 11.96 -26.51
CA ALA C 95 -48.44 13.41 -26.46
C ALA C 95 -49.37 13.96 -25.38
N SER C 96 -50.25 13.12 -24.87
CA SER C 96 -51.16 13.50 -23.79
C SER C 96 -50.39 13.57 -22.49
N GLY C 97 -49.25 12.92 -22.47
CA GLY C 97 -48.46 12.80 -21.26
C GLY C 97 -48.71 11.48 -20.57
N LYS C 98 -49.35 10.56 -21.30
CA LYS C 98 -49.61 9.22 -20.79
C LYS C 98 -48.38 8.36 -21.03
N MET C 99 -48.06 7.50 -20.07
CA MET C 99 -46.84 6.72 -20.14
C MET C 99 -47.14 5.24 -19.93
N VAL C 100 -46.79 4.43 -20.93
CA VAL C 100 -46.93 2.97 -20.81
C VAL C 100 -45.55 2.36 -20.65
N ILE C 101 -45.37 1.52 -19.64
CA ILE C 101 -44.06 0.98 -19.32
C ILE C 101 -44.08 -0.55 -19.24
N THR C 102 -43.18 -1.18 -20.00
CA THR C 102 -43.10 -2.63 -20.07
C THR C 102 -41.65 -3.10 -19.97
N GLY C 103 -41.45 -4.39 -19.72
CA GLY C 103 -40.11 -4.96 -19.63
C GLY C 103 -39.69 -5.28 -18.20
N ALA C 104 -40.30 -4.58 -17.25
CA ALA C 104 -39.96 -4.72 -15.84
C ALA C 104 -40.25 -6.13 -15.33
N LYS C 105 -39.44 -6.61 -14.39
CA LYS C 105 -39.63 -7.94 -13.83
C LYS C 105 -40.20 -7.93 -12.40
N SER C 106 -40.66 -6.76 -11.94
CA SER C 106 -41.27 -6.63 -10.64
C SER C 106 -42.05 -5.33 -10.53
N GLU C 107 -42.97 -5.26 -9.57
CA GLU C 107 -43.73 -4.04 -9.36
C GLU C 107 -42.80 -2.93 -8.89
N LYS C 108 -41.66 -3.32 -8.33
CA LYS C 108 -40.64 -2.36 -7.88
C LYS C 108 -39.90 -1.80 -9.09
N SER C 109 -39.28 -2.69 -9.87
CA SER C 109 -38.65 -2.31 -11.13
C SER C 109 -39.57 -1.38 -11.92
N SER C 110 -40.82 -1.82 -12.10
CA SER C 110 -41.77 -1.07 -12.89
C SER C 110 -41.86 0.37 -12.40
N ARG C 111 -42.25 0.55 -11.14
CA ARG C 111 -42.38 1.90 -10.58
C ARG C 111 -41.07 2.68 -10.67
N MET C 112 -39.96 1.96 -10.62
CA MET C 112 -38.64 2.57 -10.65
C MET C 112 -38.31 3.12 -12.03
N ALA C 113 -38.31 2.24 -13.02
CA ALA C 113 -38.07 2.66 -14.40
C ALA C 113 -39.08 3.74 -14.83
N ALA C 114 -40.28 3.67 -14.28
CA ALA C 114 -41.32 4.65 -14.58
C ALA C 114 -40.86 6.02 -14.11
N GLN C 115 -40.24 6.06 -12.94
CA GLN C 115 -39.76 7.31 -12.35
C GLN C 115 -38.58 7.87 -13.13
N ARG C 116 -37.75 6.98 -13.67
CA ARG C 116 -36.61 7.40 -14.47
C ARG C 116 -37.03 8.04 -15.79
N TYR C 117 -38.07 7.50 -16.41
CA TYR C 117 -38.57 8.05 -17.66
C TYR C 117 -39.17 9.45 -17.44
N ALA C 118 -39.80 9.63 -16.28
CA ALA C 118 -40.32 10.94 -15.92
C ALA C 118 -39.17 11.92 -15.77
N LYS C 119 -38.12 11.46 -15.10
CA LYS C 119 -36.91 12.27 -14.93
C LYS C 119 -36.45 12.83 -16.27
N ILE C 120 -36.32 11.95 -17.26
CA ILE C 120 -35.86 12.40 -18.57
C ILE C 120 -36.76 13.45 -19.18
N ILE C 121 -38.07 13.28 -19.03
CA ILE C 121 -39.02 14.25 -19.55
C ILE C 121 -38.83 15.62 -18.90
N HIS C 122 -38.67 15.62 -17.59
CA HIS C 122 -38.46 16.85 -16.84
C HIS C 122 -37.19 17.57 -17.30
N LYS C 123 -36.10 16.82 -17.42
CA LYS C 123 -34.85 17.37 -17.92
C LYS C 123 -35.06 17.90 -19.33
N LEU C 124 -35.95 17.24 -20.06
CA LEU C 124 -36.20 17.58 -21.45
C LEU C 124 -37.07 18.82 -21.62
N GLY C 125 -37.53 19.40 -20.51
CA GLY C 125 -38.16 20.71 -20.55
C GLY C 125 -39.64 20.82 -20.25
N PHE C 126 -40.28 19.70 -19.91
CA PHE C 126 -41.72 19.70 -19.70
C PHE C 126 -42.08 19.60 -18.24
N ASN C 127 -43.12 20.32 -17.83
CA ASN C 127 -43.55 20.35 -16.44
C ASN C 127 -44.19 19.04 -16.00
N ALA C 128 -43.46 17.95 -16.15
CA ALA C 128 -43.98 16.62 -15.85
C ALA C 128 -44.20 16.41 -14.36
N THR C 129 -45.15 15.53 -14.05
CA THR C 129 -45.44 15.13 -12.69
C THR C 129 -45.56 13.62 -12.72
N PHE C 130 -45.90 13.00 -11.60
CA PHE C 130 -45.93 11.54 -11.52
C PHE C 130 -47.18 11.05 -10.83
N ASP C 131 -48.31 11.18 -11.51
CA ASP C 131 -49.60 10.87 -10.92
C ASP C 131 -50.18 9.56 -11.47
N ASP C 132 -50.87 8.82 -10.60
CA ASP C 132 -51.72 7.71 -11.01
C ASP C 132 -50.98 6.46 -11.46
N PHE C 133 -49.75 6.27 -11.00
CA PHE C 133 -49.04 5.04 -11.32
C PHE C 133 -49.94 3.83 -11.06
N LYS C 134 -49.88 2.84 -11.95
CA LYS C 134 -50.77 1.69 -11.85
C LYS C 134 -50.25 0.49 -12.62
N ILE C 135 -50.11 -0.63 -11.93
CA ILE C 135 -49.79 -1.89 -12.57
C ILE C 135 -50.97 -2.32 -13.41
N GLN C 136 -50.76 -2.52 -14.70
CA GLN C 136 -51.84 -2.89 -15.61
C GLN C 136 -51.86 -4.39 -15.90
N ASN C 137 -50.71 -5.04 -15.81
CA ASN C 137 -50.64 -6.45 -16.16
C ASN C 137 -49.38 -7.16 -15.65
N ILE C 138 -49.54 -8.39 -15.19
CA ILE C 138 -48.39 -9.19 -14.75
C ILE C 138 -48.38 -10.53 -15.48
N VAL C 139 -47.19 -10.99 -15.85
CA VAL C 139 -47.04 -12.26 -16.54
C VAL C 139 -46.02 -13.15 -15.84
N SER C 140 -46.48 -14.25 -15.26
CA SER C 140 -45.59 -15.18 -14.59
C SER C 140 -45.54 -16.56 -15.25
N SER C 141 -44.58 -17.38 -14.83
CA SER C 141 -44.40 -18.70 -15.41
C SER C 141 -44.14 -19.74 -14.32
N CYS C 142 -44.44 -21.00 -14.62
CA CYS C 142 -44.23 -22.08 -13.67
C CYS C 142 -43.71 -23.33 -14.37
N ASP C 143 -43.35 -24.34 -13.58
CA ASP C 143 -42.92 -25.62 -14.14
C ASP C 143 -43.12 -26.72 -13.10
N ILE C 144 -44.17 -27.51 -13.27
CA ILE C 144 -44.48 -28.58 -12.31
C ILE C 144 -43.77 -29.88 -12.67
N LYS C 145 -42.92 -29.83 -13.69
CA LYS C 145 -41.97 -30.90 -14.00
C LYS C 145 -42.59 -32.20 -14.52
N PHE C 146 -43.86 -32.18 -14.87
CA PHE C 146 -44.52 -33.37 -15.41
C PHE C 146 -45.55 -33.04 -16.49
N SER C 147 -45.81 -33.99 -17.37
CA SER C 147 -46.70 -33.78 -18.51
C SER C 147 -48.17 -33.82 -18.14
N ILE C 148 -49.00 -33.25 -19.02
CA ILE C 148 -50.45 -33.14 -18.78
C ILE C 148 -51.25 -33.62 -19.97
N ARG C 149 -52.41 -34.22 -19.70
CA ARG C 149 -53.28 -34.73 -20.75
C ARG C 149 -54.30 -33.67 -21.19
N LEU C 150 -53.85 -32.77 -22.06
CA LEU C 150 -54.64 -31.61 -22.45
C LEU C 150 -56.08 -31.94 -22.86
N GLU C 151 -56.25 -33.03 -23.61
CA GLU C 151 -57.57 -33.40 -24.12
C GLU C 151 -58.54 -33.64 -22.98
N GLY C 152 -58.03 -34.22 -21.90
CA GLY C 152 -58.83 -34.55 -20.74
C GLY C 152 -59.25 -33.31 -19.96
N LEU C 153 -58.28 -32.42 -19.73
CA LEU C 153 -58.55 -31.16 -19.04
C LEU C 153 -59.57 -30.35 -19.83
N ALA C 154 -59.43 -30.38 -21.16
CA ALA C 154 -60.28 -29.58 -22.03
C ALA C 154 -61.75 -30.04 -22.03
N TYR C 155 -61.97 -31.35 -21.97
CA TYR C 155 -63.32 -31.89 -21.93
C TYR C 155 -63.99 -31.56 -20.60
N ALA C 156 -63.27 -31.81 -19.51
CA ALA C 156 -63.78 -31.54 -18.18
C ALA C 156 -64.10 -30.07 -17.97
N HIS C 157 -63.64 -29.23 -18.89
CA HIS C 157 -63.79 -27.78 -18.75
C HIS C 157 -63.97 -27.08 -20.09
N SER C 158 -64.70 -27.71 -21.00
CA SER C 158 -64.82 -27.24 -22.37
C SER C 158 -65.37 -25.83 -22.43
N ASN C 159 -65.90 -25.35 -21.31
CA ASN C 159 -66.55 -24.06 -21.24
C ASN C 159 -65.59 -22.91 -20.96
N TYR C 160 -64.53 -23.20 -20.23
CA TYR C 160 -63.58 -22.18 -19.81
C TYR C 160 -62.27 -22.21 -20.58
N CYS C 161 -62.06 -23.23 -21.41
CA CYS C 161 -60.80 -23.30 -22.15
C CYS C 161 -60.96 -23.82 -23.58
N SER C 162 -60.12 -23.28 -24.47
CA SER C 162 -60.13 -23.69 -25.87
C SER C 162 -58.87 -24.47 -26.22
N TYR C 163 -59.05 -25.62 -26.87
CA TYR C 163 -57.96 -26.51 -27.19
C TYR C 163 -58.06 -27.06 -28.62
N GLU C 164 -57.21 -26.57 -29.51
CA GLU C 164 -57.13 -27.05 -30.89
C GLU C 164 -55.66 -27.23 -31.28
N PRO C 165 -55.13 -28.46 -31.12
CA PRO C 165 -53.69 -28.73 -31.34
C PRO C 165 -53.30 -28.67 -32.82
N GLU C 166 -54.29 -28.46 -33.68
CA GLU C 166 -54.02 -28.27 -35.09
C GLU C 166 -53.99 -26.78 -35.43
N LEU C 167 -54.05 -25.94 -34.39
CA LEU C 167 -53.93 -24.49 -34.54
C LEU C 167 -52.85 -23.91 -33.62
N PHE C 168 -52.85 -24.34 -32.37
CA PHE C 168 -51.90 -23.82 -31.41
CA PHE C 168 -51.99 -23.77 -31.33
C PHE C 168 -51.50 -24.87 -30.38
N PRO C 169 -50.20 -24.93 -30.10
CA PRO C 169 -49.70 -25.91 -29.13
C PRO C 169 -50.06 -25.50 -27.72
N GLY C 170 -50.71 -26.38 -26.97
CA GLY C 170 -51.10 -26.04 -25.62
C GLY C 170 -52.52 -25.53 -25.52
N LEU C 171 -53.03 -25.43 -24.30
CA LEU C 171 -54.42 -25.11 -24.04
C LEU C 171 -54.50 -23.77 -23.34
N ILE C 172 -55.40 -22.90 -23.79
CA ILE C 172 -55.61 -21.63 -23.10
C ILE C 172 -56.89 -21.65 -22.25
N TYR C 173 -56.71 -21.50 -20.95
CA TYR C 173 -57.75 -21.66 -19.94
C TYR C 173 -58.12 -20.30 -19.35
N ARG C 174 -59.39 -19.92 -19.44
CA ARG C 174 -59.83 -18.64 -18.90
C ARG C 174 -60.55 -18.78 -17.56
N MET C 175 -59.85 -18.44 -16.47
CA MET C 175 -60.40 -18.47 -15.13
C MET C 175 -61.17 -17.19 -14.87
N VAL C 176 -62.18 -17.23 -13.99
CA VAL C 176 -63.10 -16.10 -13.85
C VAL C 176 -63.01 -15.42 -12.49
N LYS C 177 -62.50 -16.16 -11.51
CA LYS C 177 -62.15 -15.62 -10.21
C LYS C 177 -60.83 -16.29 -9.81
N PRO C 178 -59.72 -15.56 -9.95
CA PRO C 178 -59.66 -14.20 -10.49
C PRO C 178 -59.61 -14.19 -12.01
N LYS C 179 -59.89 -13.05 -12.63
CA LYS C 179 -59.89 -12.96 -14.10
C LYS C 179 -58.47 -13.09 -14.64
N ILE C 180 -58.03 -14.33 -14.72
CA ILE C 180 -56.68 -14.69 -15.11
C ILE C 180 -56.74 -15.64 -16.30
N VAL C 181 -55.81 -15.50 -17.24
CA VAL C 181 -55.71 -16.42 -18.37
C VAL C 181 -54.48 -17.29 -18.20
N LEU C 182 -54.66 -18.60 -18.28
CA LEU C 182 -53.52 -19.52 -18.18
C LEU C 182 -53.20 -20.23 -19.49
N LEU C 183 -51.92 -20.25 -19.83
CA LEU C 183 -51.45 -20.95 -21.00
C LEU C 183 -50.77 -22.24 -20.55
N ILE C 184 -51.46 -23.36 -20.73
CA ILE C 184 -50.98 -24.64 -20.21
C ILE C 184 -50.45 -25.52 -21.32
N PHE C 185 -49.23 -26.04 -21.12
CA PHE C 185 -48.59 -26.90 -22.12
C PHE C 185 -48.35 -28.31 -21.60
N VAL C 186 -48.22 -29.27 -22.51
CA VAL C 186 -47.96 -30.65 -22.12
C VAL C 186 -46.66 -30.74 -21.36
N SER C 187 -45.67 -29.96 -21.81
CA SER C 187 -44.38 -29.87 -21.15
C SER C 187 -44.52 -29.84 -19.64
N GLY C 188 -45.68 -29.38 -19.17
CA GLY C 188 -45.90 -29.19 -17.75
C GLY C 188 -45.70 -27.74 -17.38
N LYS C 189 -45.24 -26.95 -18.34
CA LYS C 189 -45.00 -25.52 -18.12
C LYS C 189 -46.29 -24.71 -18.20
N ILE C 190 -46.44 -23.78 -17.26
CA ILE C 190 -47.62 -22.93 -17.20
C ILE C 190 -47.20 -21.47 -17.37
N VAL C 191 -48.07 -20.67 -17.97
CA VAL C 191 -47.86 -19.23 -18.07
C VAL C 191 -49.14 -18.49 -17.77
N LEU C 192 -49.09 -17.60 -16.78
CA LEU C 192 -50.28 -16.86 -16.36
C LEU C 192 -50.16 -15.39 -16.71
N THR C 193 -51.24 -14.83 -17.23
CA THR C 193 -51.26 -13.41 -17.57
C THR C 193 -52.62 -12.85 -17.20
N GLY C 194 -52.75 -11.53 -17.22
CA GLY C 194 -54.00 -10.86 -16.92
C GLY C 194 -54.15 -10.42 -15.48
N ALA C 195 -53.15 -10.73 -14.66
CA ALA C 195 -53.15 -10.38 -13.24
C ALA C 195 -52.86 -8.90 -13.02
N LYS C 196 -53.55 -8.30 -12.04
CA LYS C 196 -53.35 -6.90 -11.72
C LYS C 196 -52.53 -6.72 -10.45
N VAL C 197 -52.53 -7.75 -9.60
CA VAL C 197 -51.73 -7.76 -8.39
C VAL C 197 -51.25 -9.17 -8.08
N ARG C 198 -50.00 -9.29 -7.66
CA ARG C 198 -49.35 -10.59 -7.43
C ARG C 198 -50.22 -11.64 -6.74
N ASP C 199 -51.07 -11.21 -5.82
CA ASP C 199 -51.97 -12.13 -5.13
C ASP C 199 -52.76 -13.01 -6.12
N ASP C 200 -53.28 -12.36 -7.16
CA ASP C 200 -54.05 -13.06 -8.18
C ASP C 200 -53.27 -14.21 -8.83
N ILE C 201 -51.94 -14.07 -8.90
CA ILE C 201 -51.10 -15.14 -9.44
C ILE C 201 -51.19 -16.37 -8.56
N TYR C 202 -51.02 -16.19 -7.26
CA TYR C 202 -51.10 -17.28 -6.31
C TYR C 202 -52.52 -17.82 -6.24
N GLN C 203 -53.48 -16.93 -6.00
CA GLN C 203 -54.88 -17.33 -5.90
C GLN C 203 -55.30 -18.20 -7.09
N ALA C 204 -54.76 -17.90 -8.26
CA ALA C 204 -55.19 -18.56 -9.49
C ALA C 204 -54.44 -19.86 -9.74
N PHE C 205 -53.13 -19.85 -9.50
CA PHE C 205 -52.29 -21.03 -9.69
C PHE C 205 -52.52 -22.03 -8.56
N ASN C 206 -53.47 -21.72 -7.68
CA ASN C 206 -53.88 -22.64 -6.63
C ASN C 206 -55.30 -23.15 -6.84
N ASN C 207 -55.96 -22.66 -7.88
CA ASN C 207 -57.26 -23.17 -8.28
C ASN C 207 -57.11 -24.20 -9.38
N ILE C 208 -55.91 -24.27 -9.95
CA ILE C 208 -55.65 -25.10 -11.13
C ILE C 208 -54.81 -26.33 -10.79
N TYR C 209 -53.99 -26.23 -9.75
CA TYR C 209 -53.09 -27.33 -9.42
C TYR C 209 -53.84 -28.64 -9.19
N PRO C 210 -54.87 -28.62 -8.33
CA PRO C 210 -55.70 -29.81 -8.16
C PRO C 210 -56.10 -30.41 -9.50
N VAL C 211 -56.60 -29.58 -10.41
CA VAL C 211 -57.02 -30.06 -11.73
C VAL C 211 -55.86 -30.56 -12.59
N LEU C 212 -54.70 -29.93 -12.46
CA LEU C 212 -53.50 -30.39 -13.18
C LEU C 212 -52.97 -31.68 -12.57
N ILE C 213 -53.40 -31.96 -11.34
CA ILE C 213 -53.07 -33.22 -10.68
C ILE C 213 -53.82 -34.38 -11.34
N GLN C 214 -55.12 -34.20 -11.51
CA GLN C 214 -55.99 -35.27 -12.02
C GLN C 214 -55.60 -35.71 -13.43
N HIS C 215 -55.04 -34.80 -14.21
CA HIS C 215 -54.80 -35.08 -15.61
C HIS C 215 -53.34 -35.32 -15.97
N ARG C 216 -52.62 -35.99 -15.09
CA ARG C 216 -51.21 -36.33 -15.35
C ARG C 216 -51.05 -37.25 -16.55
N SER D 39 -7.94 30.74 14.26
CA SER D 39 -7.30 30.93 12.97
C SER D 39 -5.91 31.58 13.10
N GLY D 40 -4.96 31.09 12.32
CA GLY D 40 -3.59 31.58 12.38
C GLY D 40 -2.66 30.60 13.06
N ILE D 41 -3.08 30.12 14.24
CA ILE D 41 -2.28 29.20 15.03
C ILE D 41 -3.00 27.86 15.19
N ILE D 42 -2.24 26.81 15.48
CA ILE D 42 -2.83 25.48 15.69
C ILE D 42 -2.25 24.78 16.92
N PRO D 43 -3.14 24.40 17.86
CA PRO D 43 -2.71 23.70 19.07
C PRO D 43 -1.98 22.41 18.74
N THR D 44 -0.91 22.15 19.49
CA THR D 44 -0.12 20.93 19.33
C THR D 44 -0.56 19.86 20.32
N LEU D 45 -0.58 18.61 19.89
CA LEU D 45 -0.89 17.51 20.79
C LEU D 45 0.29 17.26 21.71
N GLN D 46 0.01 17.14 23.00
CA GLN D 46 1.08 16.95 23.99
C GLN D 46 0.98 15.62 24.70
N ASN D 47 -0.25 15.16 24.97
CA ASN D 47 -0.46 13.88 25.63
C ASN D 47 -1.78 13.23 25.29
N VAL D 48 -1.79 11.90 25.14
CA VAL D 48 -3.03 11.18 24.85
C VAL D 48 -3.20 10.03 25.82
N VAL D 49 -4.40 9.90 26.36
CA VAL D 49 -4.69 8.83 27.32
C VAL D 49 -5.76 7.89 26.78
N ALA D 50 -5.58 6.59 26.97
CA ALA D 50 -6.53 5.61 26.45
C ALA D 50 -6.76 4.43 27.38
N THR D 51 -7.90 3.76 27.23
CA THR D 51 -8.20 2.55 28.01
C THR D 51 -8.40 1.33 27.13
N VAL D 52 -8.21 0.15 27.72
CA VAL D 52 -8.51 -1.11 27.04
C VAL D 52 -8.82 -2.16 28.08
N ASN D 53 -9.73 -3.07 27.77
CA ASN D 53 -10.01 -4.21 28.62
C ASN D 53 -9.46 -5.48 28.01
N LEU D 54 -8.50 -6.09 28.68
CA LEU D 54 -7.95 -7.35 28.21
C LEU D 54 -8.90 -8.50 28.51
N SER D 55 -9.89 -8.24 29.36
CA SER D 55 -10.91 -9.24 29.69
C SER D 55 -10.30 -10.52 30.22
N CYS D 56 -9.50 -10.40 31.28
CA CYS D 56 -8.74 -11.50 31.82
C CYS D 56 -8.22 -11.10 33.19
N LYS D 57 -8.54 -11.87 34.22
CA LYS D 57 -8.04 -11.55 35.55
C LYS D 57 -6.53 -11.69 35.55
N LEU D 58 -5.82 -10.64 35.94
CA LEU D 58 -4.37 -10.64 35.90
C LEU D 58 -3.71 -10.79 37.27
N ASP D 59 -2.64 -11.57 37.31
CA ASP D 59 -1.86 -11.75 38.52
C ASP D 59 -0.74 -10.70 38.56
N LEU D 60 -0.99 -9.58 39.25
CA LEU D 60 -0.05 -8.47 39.21
C LEU D 60 1.36 -8.83 39.68
N LYS D 61 1.47 -9.52 40.81
CA LYS D 61 2.78 -9.89 41.34
C LYS D 61 3.57 -10.67 40.30
N ASN D 62 2.89 -11.61 39.64
CA ASN D 62 3.52 -12.45 38.63
C ASN D 62 4.12 -11.59 37.52
N ILE D 63 3.32 -10.65 37.03
CA ILE D 63 3.73 -9.78 35.94
C ILE D 63 4.95 -8.96 36.32
N ALA D 64 4.88 -8.29 37.47
CA ALA D 64 6.01 -7.50 37.93
C ALA D 64 7.28 -8.34 37.92
N LEU D 65 7.19 -9.52 38.52
CA LEU D 65 8.34 -10.40 38.69
C LEU D 65 8.95 -10.89 37.38
N ARG D 66 8.17 -10.89 36.30
CA ARG D 66 8.66 -11.46 35.05
C ARG D 66 9.04 -10.43 34.01
N ALA D 67 8.69 -9.17 34.26
CA ALA D 67 8.95 -8.09 33.32
C ALA D 67 9.87 -7.06 33.93
N ARG D 68 11.12 -7.07 33.50
CA ARG D 68 12.10 -6.11 34.01
C ARG D 68 11.65 -4.68 33.75
N ASN D 69 11.08 -4.44 32.58
CA ASN D 69 10.65 -3.11 32.20
C ASN D 69 9.35 -2.72 32.89
N ALA D 70 9.09 -3.31 34.05
CA ALA D 70 7.90 -2.97 34.82
C ALA D 70 8.22 -2.88 36.31
N GLU D 71 7.40 -2.13 37.05
CA GLU D 71 7.58 -2.02 38.49
C GLU D 71 6.23 -2.00 39.18
N TYR D 72 6.22 -2.26 40.48
CA TYR D 72 4.96 -2.44 41.19
C TYR D 72 5.12 -2.13 42.67
N ASN D 73 4.16 -1.41 43.22
CA ASN D 73 4.20 -0.99 44.61
C ASN D 73 2.82 -0.64 45.14
N PRO D 74 2.14 -1.62 45.75
CA PRO D 74 0.75 -1.45 46.19
C PRO D 74 0.54 -0.21 47.07
N LYS D 75 1.63 0.40 47.53
CA LYS D 75 1.54 1.59 48.37
C LYS D 75 1.22 2.85 47.56
N ARG D 76 1.33 2.75 46.23
CA ARG D 76 0.96 3.83 45.33
C ARG D 76 -0.25 3.43 44.50
N PHE D 77 -0.10 2.34 43.75
CA PHE D 77 -1.14 1.85 42.86
C PHE D 77 -1.55 0.45 43.22
N ALA D 78 -2.81 0.13 42.95
CA ALA D 78 -3.24 -1.26 42.90
C ALA D 78 -3.02 -1.69 41.45
N ALA D 79 -1.89 -1.25 40.88
CA ALA D 79 -1.66 -1.39 39.46
C ALA D 79 -0.17 -1.44 39.12
N VAL D 80 0.18 -2.28 38.14
CA VAL D 80 1.55 -2.40 37.65
C VAL D 80 1.91 -1.30 36.66
N ILE D 81 3.12 -0.79 36.78
CA ILE D 81 3.60 0.26 35.88
C ILE D 81 4.57 -0.33 34.85
N MET D 82 4.14 -0.35 33.58
CA MET D 82 5.01 -0.88 32.53
C MET D 82 5.33 0.16 31.45
N ARG D 83 6.58 0.17 31.02
CA ARG D 83 7.04 1.15 30.04
C ARG D 83 7.71 0.47 28.85
N ILE D 84 7.60 1.10 27.68
CA ILE D 84 8.30 0.62 26.49
C ILE D 84 9.01 1.78 25.80
N ARG D 85 10.15 1.49 25.19
CA ARG D 85 10.94 2.53 24.54
C ARG D 85 10.19 3.24 23.40
N GLU D 86 9.58 2.48 22.51
CA GLU D 86 9.01 3.04 21.29
C GLU D 86 7.72 2.35 20.84
N PRO D 87 6.59 3.06 20.86
CA PRO D 87 6.51 4.48 21.23
C PRO D 87 6.62 4.71 22.73
N LYS D 88 7.47 5.64 23.12
CA LYS D 88 7.69 5.98 24.54
C LYS D 88 6.37 6.24 25.27
N THR D 89 5.88 5.25 26.00
CA THR D 89 4.64 5.36 26.72
C THR D 89 4.75 4.74 28.10
N THR D 90 3.67 4.86 28.87
CA THR D 90 3.58 4.22 30.17
C THR D 90 2.25 3.47 30.23
N ALA D 91 2.27 2.30 30.83
CA ALA D 91 1.06 1.51 30.96
C ALA D 91 0.73 1.25 32.43
N LEU D 92 -0.52 1.55 32.79
CA LEU D 92 -1.03 1.22 34.11
C LEU D 92 -1.88 -0.03 33.97
N ILE D 93 -1.40 -1.14 34.54
CA ILE D 93 -2.08 -2.41 34.41
C ILE D 93 -2.74 -2.85 35.71
N PHE D 94 -4.06 -3.01 35.68
CA PHE D 94 -4.82 -3.38 36.86
C PHE D 94 -5.18 -4.85 36.88
N ALA D 95 -5.25 -5.40 38.08
CA ALA D 95 -5.61 -6.80 38.27
C ALA D 95 -6.95 -7.17 37.65
N SER D 96 -7.86 -6.20 37.53
CA SER D 96 -9.16 -6.47 36.95
C SER D 96 -9.08 -6.72 35.43
N GLY D 97 -7.92 -6.39 34.87
CA GLY D 97 -7.70 -6.58 33.44
C GLY D 97 -7.73 -5.29 32.65
N LYS D 98 -8.10 -4.20 33.32
CA LYS D 98 -8.21 -2.89 32.67
C LYS D 98 -6.83 -2.27 32.46
N MET D 99 -6.69 -1.47 31.40
CA MET D 99 -5.42 -0.82 31.09
C MET D 99 -5.56 0.68 30.81
N VAL D 100 -4.55 1.43 31.24
CA VAL D 100 -4.49 2.86 30.97
C VAL D 100 -3.15 3.20 30.32
N ILE D 101 -3.17 3.63 29.06
CA ILE D 101 -1.95 3.98 28.35
C ILE D 101 -1.84 5.51 28.24
N THR D 102 -0.67 6.04 28.63
CA THR D 102 -0.42 7.48 28.59
C THR D 102 0.95 7.78 28.00
N GLY D 103 1.15 9.01 27.54
CA GLY D 103 2.44 9.45 27.05
C GLY D 103 2.56 9.38 25.54
N ALA D 104 1.53 8.84 24.90
CA ALA D 104 1.46 8.85 23.44
C ALA D 104 1.25 10.28 22.98
N LYS D 105 1.76 10.60 21.79
CA LYS D 105 1.66 11.96 21.28
C LYS D 105 0.65 12.06 20.14
N SER D 106 -0.10 10.98 19.95
CA SER D 106 -1.09 10.90 18.89
C SER D 106 -2.10 9.83 19.23
N GLU D 107 -3.30 9.94 18.68
CA GLU D 107 -4.33 8.95 18.97
C GLU D 107 -4.04 7.61 18.29
N LYS D 108 -3.29 7.65 17.20
CA LYS D 108 -2.91 6.44 16.48
C LYS D 108 -1.85 5.65 17.25
N SER D 109 -0.79 6.33 17.67
CA SER D 109 0.28 5.67 18.42
C SER D 109 -0.19 5.29 19.83
N SER D 110 -1.30 5.87 20.26
CA SER D 110 -1.91 5.46 21.51
C SER D 110 -2.38 4.01 21.39
N ARG D 111 -3.17 3.73 20.36
CA ARG D 111 -3.67 2.38 20.11
C ARG D 111 -2.53 1.43 19.83
N MET D 112 -1.57 1.90 19.03
CA MET D 112 -0.42 1.09 18.66
C MET D 112 0.33 0.65 19.91
N ALA D 113 0.52 1.57 20.84
CA ALA D 113 1.23 1.28 22.08
C ALA D 113 0.37 0.43 23.02
N ALA D 114 -0.94 0.49 22.85
CA ALA D 114 -1.87 -0.29 23.65
C ALA D 114 -1.83 -1.75 23.20
N GLN D 115 -1.56 -1.96 21.92
CA GLN D 115 -1.44 -3.31 21.39
C GLN D 115 -0.16 -3.98 21.91
N ARG D 116 0.92 -3.21 21.96
CA ARG D 116 2.20 -3.77 22.36
C ARG D 116 2.15 -4.22 23.81
N TYR D 117 1.39 -3.50 24.64
CA TYR D 117 1.25 -3.90 26.03
C TYR D 117 0.36 -5.14 26.13
N ALA D 118 -0.73 -5.15 25.36
CA ALA D 118 -1.64 -6.28 25.38
C ALA D 118 -0.91 -7.55 24.97
N LYS D 119 0.06 -7.41 24.06
CA LYS D 119 0.82 -8.55 23.59
C LYS D 119 1.77 -9.10 24.64
N ILE D 120 2.38 -8.21 25.42
CA ILE D 120 3.27 -8.62 26.51
C ILE D 120 2.54 -9.49 27.52
N ILE D 121 1.29 -9.14 27.82
CA ILE D 121 0.49 -9.91 28.76
C ILE D 121 0.23 -11.32 28.23
N HIS D 122 -0.17 -11.41 26.96
CA HIS D 122 -0.36 -12.69 26.32
C HIS D 122 0.89 -13.56 26.50
N LYS D 123 2.04 -12.99 26.14
CA LYS D 123 3.33 -13.64 26.29
C LYS D 123 3.57 -14.12 27.72
N LEU D 124 2.95 -13.42 28.67
CA LEU D 124 3.09 -13.80 30.08
C LEU D 124 2.07 -14.85 30.50
N GLY D 125 1.19 -15.23 29.58
CA GLY D 125 0.38 -16.42 29.80
C GLY D 125 -1.09 -16.22 30.08
N PHE D 126 -1.55 -14.98 30.10
CA PHE D 126 -2.97 -14.68 30.33
C PHE D 126 -3.69 -14.55 29.00
N ASN D 127 -4.87 -15.15 28.88
CA ASN D 127 -5.61 -15.10 27.62
C ASN D 127 -6.33 -13.77 27.43
N ALA D 128 -5.61 -12.81 26.86
CA ALA D 128 -6.11 -11.46 26.67
C ALA D 128 -6.83 -11.29 25.35
N THR D 129 -7.94 -10.57 25.38
CA THR D 129 -8.55 -10.05 24.16
C THR D 129 -8.31 -8.55 24.15
N PHE D 130 -8.86 -7.85 23.17
CA PHE D 130 -8.57 -6.41 23.02
C PHE D 130 -9.86 -5.63 22.90
N ASP D 131 -10.59 -5.50 24.00
CA ASP D 131 -11.97 -5.01 23.97
C ASP D 131 -12.17 -3.57 24.42
N ASP D 132 -13.09 -2.89 23.72
CA ASP D 132 -13.53 -1.57 24.11
C ASP D 132 -12.42 -0.53 24.15
N PHE D 133 -11.48 -0.61 23.22
CA PHE D 133 -10.44 0.40 23.16
C PHE D 133 -11.07 1.78 23.01
N LYS D 134 -10.65 2.71 23.86
CA LYS D 134 -11.30 4.01 23.97
C LYS D 134 -10.27 5.09 24.27
N ILE D 135 -10.39 6.22 23.57
CA ILE D 135 -9.54 7.35 23.86
C ILE D 135 -10.21 8.25 24.89
N GLN D 136 -9.57 8.41 26.05
CA GLN D 136 -10.18 9.05 27.21
C GLN D 136 -9.87 10.52 27.37
N ASN D 137 -8.68 10.93 26.95
CA ASN D 137 -8.26 12.31 27.13
C ASN D 137 -7.16 12.73 26.17
N ILE D 138 -7.16 13.99 25.79
CA ILE D 138 -6.16 14.55 24.89
C ILE D 138 -5.70 15.91 25.40
N VAL D 139 -4.41 16.04 25.69
CA VAL D 139 -3.86 17.31 26.14
C VAL D 139 -3.15 18.04 25.00
N SER D 140 -3.61 19.25 24.68
CA SER D 140 -2.96 20.07 23.66
C SER D 140 -2.40 21.35 24.26
N SER D 141 -1.50 22.01 23.55
CA SER D 141 -0.92 23.27 24.01
C SER D 141 -0.58 24.17 22.84
N CYS D 142 -0.61 25.48 23.06
CA CYS D 142 -0.22 26.42 22.02
C CYS D 142 0.23 27.74 22.62
N ASP D 143 0.69 28.63 21.76
CA ASP D 143 1.23 29.90 22.21
C ASP D 143 0.75 31.04 21.32
N ILE D 144 -0.06 31.93 21.88
CA ILE D 144 -0.66 33.02 21.11
C ILE D 144 0.24 34.25 20.92
N LYS D 145 1.40 34.25 21.57
CA LYS D 145 2.45 35.23 21.30
C LYS D 145 2.11 36.66 21.74
N PHE D 146 1.32 36.79 22.79
CA PHE D 146 1.13 38.08 23.45
C PHE D 146 0.65 37.92 24.89
N SER D 147 0.95 38.89 25.73
CA SER D 147 0.53 38.83 27.14
C SER D 147 -0.97 39.06 27.35
N ILE D 148 -1.49 38.47 28.41
CA ILE D 148 -2.92 38.50 28.68
C ILE D 148 -3.21 39.04 30.07
N ARG D 149 -4.09 40.04 30.16
CA ARG D 149 -4.52 40.53 31.46
C ARG D 149 -5.63 39.63 31.99
N LEU D 150 -5.28 38.71 32.86
CA LEU D 150 -6.20 37.66 33.27
C LEU D 150 -7.37 38.18 34.09
N GLU D 151 -7.16 39.30 34.78
CA GLU D 151 -8.23 39.92 35.53
C GLU D 151 -9.38 40.25 34.58
N GLY D 152 -9.05 40.76 33.41
CA GLY D 152 -10.04 41.09 32.41
C GLY D 152 -10.90 39.90 32.04
N LEU D 153 -10.25 38.82 31.64
CA LEU D 153 -10.93 37.59 31.27
C LEU D 153 -11.83 37.13 32.39
N ALA D 154 -11.25 37.01 33.58
CA ALA D 154 -11.95 36.47 34.74
C ALA D 154 -13.24 37.21 35.04
N TYR D 155 -13.20 38.54 34.99
CA TYR D 155 -14.36 39.34 35.31
C TYR D 155 -15.47 39.20 34.27
N ALA D 156 -15.10 39.35 32.99
CA ALA D 156 -16.06 39.28 31.89
C ALA D 156 -16.55 37.87 31.61
N HIS D 157 -15.73 36.87 31.96
CA HIS D 157 -16.12 35.48 31.79
C HIS D 157 -16.20 34.76 33.13
N SER D 158 -16.72 35.47 34.14
CA SER D 158 -16.68 35.02 35.53
C SER D 158 -17.31 33.65 35.81
N ASN D 159 -18.47 33.38 35.23
CA ASN D 159 -19.15 32.13 35.55
C ASN D 159 -18.70 30.97 34.69
N TYR D 160 -17.65 31.20 33.90
CA TYR D 160 -17.05 30.12 33.11
C TYR D 160 -15.61 29.85 33.54
N CYS D 161 -15.11 30.62 34.51
CA CYS D 161 -13.74 30.39 34.96
C CYS D 161 -13.44 30.82 36.39
N SER D 162 -12.21 30.57 36.81
CA SER D 162 -11.77 30.83 38.17
C SER D 162 -10.36 31.39 38.13
N TYR D 163 -10.03 32.24 39.09
CA TYR D 163 -8.74 32.91 39.07
C TYR D 163 -8.38 33.39 40.47
N GLU D 164 -7.56 32.59 41.15
CA GLU D 164 -7.04 32.96 42.45
C GLU D 164 -5.52 33.03 42.36
N PRO D 165 -4.98 34.20 41.99
CA PRO D 165 -3.54 34.34 41.78
C PRO D 165 -2.73 34.09 43.06
N GLU D 166 -3.38 34.18 44.22
CA GLU D 166 -2.70 33.90 45.50
C GLU D 166 -2.68 32.41 45.82
N LEU D 167 -3.23 31.60 44.92
CA LEU D 167 -3.26 30.15 45.09
C LEU D 167 -2.61 29.43 43.92
N PHE D 168 -2.96 29.84 42.71
CA PHE D 168 -2.44 29.21 41.50
CA PHE D 168 -2.48 29.19 41.48
C PHE D 168 -2.26 30.24 40.39
N PRO D 169 -1.12 30.16 39.69
CA PRO D 169 -0.88 31.10 38.59
C PRO D 169 -1.71 30.63 37.40
N GLY D 170 -2.18 31.57 36.59
CA GLY D 170 -2.95 31.20 35.43
C GLY D 170 -4.42 31.01 35.72
N LEU D 171 -5.22 31.04 34.67
CA LEU D 171 -6.66 31.02 34.79
C LEU D 171 -7.22 29.68 34.32
N ILE D 172 -8.10 29.10 35.13
CA ILE D 172 -8.76 27.87 34.74
C ILE D 172 -10.10 28.22 34.11
N TYR D 173 -10.25 27.91 32.82
CA TYR D 173 -11.44 28.30 32.07
C TYR D 173 -12.19 27.06 31.65
N ARG D 174 -13.38 26.86 32.22
CA ARG D 174 -14.17 25.66 31.96
C ARG D 174 -15.25 25.91 30.91
N MET D 175 -14.86 25.80 29.65
CA MET D 175 -15.76 25.93 28.51
C MET D 175 -16.87 24.89 28.60
N VAL D 176 -18.04 25.24 28.10
CA VAL D 176 -19.21 24.37 28.18
C VAL D 176 -19.44 23.61 26.87
N LYS D 177 -19.34 24.31 25.75
CA LYS D 177 -19.52 23.70 24.44
C LYS D 177 -18.40 24.10 23.49
N PRO D 178 -17.44 23.19 23.24
CA PRO D 178 -17.41 21.82 23.76
C PRO D 178 -16.90 21.78 25.19
N LYS D 179 -17.12 20.65 25.87
CA LYS D 179 -16.71 20.52 27.26
C LYS D 179 -15.20 20.32 27.35
N ILE D 180 -14.48 21.43 27.29
CA ILE D 180 -13.02 21.42 27.35
C ILE D 180 -12.56 22.34 28.48
N VAL D 181 -11.44 21.99 29.10
CA VAL D 181 -10.82 22.85 30.10
C VAL D 181 -9.58 23.53 29.53
N LEU D 182 -9.43 24.82 29.82
CA LEU D 182 -8.33 25.59 29.27
C LEU D 182 -7.53 26.30 30.35
N LEU D 183 -6.24 26.03 30.39
CA LEU D 183 -5.34 26.75 31.27
C LEU D 183 -4.73 27.93 30.52
N ILE D 184 -4.94 29.14 31.03
CA ILE D 184 -4.47 30.33 30.34
C ILE D 184 -3.52 31.14 31.20
N PHE D 185 -2.38 31.51 30.64
CA PHE D 185 -1.36 32.20 31.41
C PHE D 185 -1.03 33.56 30.85
N VAL D 186 -0.57 34.47 31.72
CA VAL D 186 -0.19 35.82 31.30
C VAL D 186 0.77 35.82 30.10
N SER D 187 1.69 34.85 30.09
CA SER D 187 2.71 34.74 29.04
C SER D 187 2.07 34.60 27.66
N GLY D 188 0.85 34.09 27.63
CA GLY D 188 0.17 33.86 26.37
C GLY D 188 0.12 32.39 26.04
N LYS D 189 0.60 31.56 26.96
CA LYS D 189 0.56 30.12 26.75
C LYS D 189 -0.80 29.54 27.14
N ILE D 190 -1.33 28.69 26.28
CA ILE D 190 -2.62 28.05 26.50
C ILE D 190 -2.46 26.54 26.59
N VAL D 191 -3.15 25.92 27.53
CA VAL D 191 -3.19 24.48 27.62
C VAL D 191 -4.63 23.96 27.59
N LEU D 192 -4.94 23.12 26.61
CA LEU D 192 -6.28 22.58 26.47
C LEU D 192 -6.37 21.13 26.96
N THR D 193 -7.48 20.77 27.58
CA THR D 193 -7.66 19.41 28.11
C THR D 193 -9.12 19.02 28.23
N GLY D 194 -9.36 17.75 28.51
CA GLY D 194 -10.69 17.22 28.65
C GLY D 194 -11.26 16.70 27.35
N ALA D 195 -10.51 16.90 26.27
CA ALA D 195 -10.94 16.50 24.93
C ALA D 195 -10.91 14.99 24.72
N LYS D 196 -12.02 14.45 24.23
CA LYS D 196 -12.10 13.03 23.91
C LYS D 196 -11.86 12.83 22.41
N VAL D 197 -11.87 13.91 21.66
CA VAL D 197 -11.60 13.85 20.24
C VAL D 197 -10.85 15.09 19.76
N ARG D 198 -9.93 14.86 18.83
CA ARG D 198 -9.08 15.92 18.30
C ARG D 198 -9.83 17.23 17.98
N ASP D 199 -11.02 17.11 17.42
CA ASP D 199 -11.81 18.26 16.96
C ASP D 199 -12.24 19.21 18.09
N ASP D 200 -12.68 18.66 19.21
CA ASP D 200 -13.00 19.49 20.36
C ASP D 200 -11.87 20.45 20.69
N ILE D 201 -10.62 20.01 20.54
CA ILE D 201 -9.48 20.90 20.79
C ILE D 201 -9.55 22.09 19.86
N TYR D 202 -9.53 21.81 18.56
CA TYR D 202 -9.53 22.89 17.58
C TYR D 202 -10.77 23.77 17.74
N GLN D 203 -11.88 23.16 18.12
CA GLN D 203 -13.12 23.89 18.31
C GLN D 203 -12.97 24.82 19.51
N ALA D 204 -12.56 24.27 20.65
CA ALA D 204 -12.40 25.05 21.86
C ALA D 204 -11.42 26.20 21.69
N PHE D 205 -10.35 25.99 20.93
CA PHE D 205 -9.36 27.04 20.74
C PHE D 205 -9.83 28.15 19.82
N ASN D 206 -10.56 27.79 18.77
CA ASN D 206 -11.09 28.79 17.87
C ASN D 206 -12.08 29.70 18.57
N ASN D 207 -12.85 29.12 19.50
CA ASN D 207 -13.78 29.87 20.33
C ASN D 207 -13.09 30.85 21.27
N ILE D 208 -11.98 30.44 21.86
CA ILE D 208 -11.32 31.23 22.89
C ILE D 208 -10.40 32.33 22.35
N TYR D 209 -9.97 32.22 21.10
CA TYR D 209 -9.03 33.19 20.52
C TYR D 209 -9.58 34.62 20.44
N PRO D 210 -10.81 34.79 19.93
CA PRO D 210 -11.37 36.15 19.91
C PRO D 210 -11.35 36.76 21.30
N VAL D 211 -11.70 35.97 22.31
CA VAL D 211 -11.67 36.45 23.70
C VAL D 211 -10.26 36.91 24.09
N LEU D 212 -9.26 36.13 23.71
CA LEU D 212 -7.90 36.46 24.12
C LEU D 212 -7.42 37.78 23.51
N ILE D 213 -7.62 37.96 22.19
CA ILE D 213 -7.21 39.20 21.55
C ILE D 213 -7.90 40.39 22.23
N GLN D 214 -8.93 40.09 23.00
CA GLN D 214 -9.66 41.13 23.73
C GLN D 214 -9.02 41.47 25.07
N HIS D 215 -7.83 40.94 25.34
CA HIS D 215 -7.23 41.12 26.66
C HIS D 215 -5.70 41.18 26.70
N ARG D 216 -5.11 41.96 25.80
CA ARG D 216 -3.66 42.10 25.74
C ARG D 216 -3.13 43.14 26.74
O1 MES E . -39.87 22.32 -24.12
C2 MES E . -39.63 22.30 -25.53
C3 MES E . -38.63 23.39 -25.93
N4 MES E . -37.45 23.15 -25.12
C5 MES E . -37.60 22.98 -23.68
C6 MES E . -39.07 23.26 -23.41
C7 MES E . -36.13 23.08 -25.73
C8 MES E . -36.37 22.78 -27.21
S MES E . -34.94 22.92 -28.04
O1S MES E . -34.85 24.25 -28.68
O2S MES E . -33.81 22.77 -27.10
O3S MES E . -34.89 21.87 -29.10
O1 MES F . -0.81 -17.73 34.20
C2 MES F . -0.36 -18.97 34.77
C3 MES F . 1.12 -19.19 34.51
N4 MES F . 1.78 -18.03 35.10
C5 MES F . 1.31 -16.70 34.74
C6 MES F . 0.26 -16.95 33.66
C7 MES F . 2.86 -18.20 36.05
C8 MES F . 4.07 -18.64 35.23
S MES F . 5.42 -18.66 36.21
O1S MES F . 5.50 -17.39 36.99
O2S MES F . 5.30 -19.79 37.14
O3S MES F . 6.65 -18.80 35.39
#